data_6C4S
# 
_entry.id   6C4S 
# 
_audit_conform.dict_name       mmcif_pdbx.dic 
_audit_conform.dict_version    5.387 
_audit_conform.dict_location   http://mmcif.pdb.org/dictionaries/ascii/mmcif_pdbx.dic 
# 
loop_
_database_2.database_id 
_database_2.database_code 
_database_2.pdbx_database_accession 
_database_2.pdbx_DOI 
PDB   6C4S         pdb_00006c4s 10.2210/pdb6c4s/pdb 
WWPDB D_1000232059 ?            ?                   
# 
loop_
_pdbx_audit_revision_history.ordinal 
_pdbx_audit_revision_history.data_content_type 
_pdbx_audit_revision_history.major_revision 
_pdbx_audit_revision_history.minor_revision 
_pdbx_audit_revision_history.revision_date 
1 'Structure model' 1 0 2019-01-23 
2 'Structure model' 1 1 2019-02-20 
3 'Structure model' 1 2 2019-12-04 
4 'Structure model' 1 3 2019-12-11 
5 'Structure model' 1 4 2024-03-13 
# 
_pdbx_audit_revision_details.ordinal             1 
_pdbx_audit_revision_details.revision_ordinal    1 
_pdbx_audit_revision_details.data_content_type   'Structure model' 
_pdbx_audit_revision_details.provider            repository 
_pdbx_audit_revision_details.type                'Initial release' 
_pdbx_audit_revision_details.description         ? 
_pdbx_audit_revision_details.details             ? 
# 
loop_
_pdbx_audit_revision_group.ordinal 
_pdbx_audit_revision_group.revision_ordinal 
_pdbx_audit_revision_group.data_content_type 
_pdbx_audit_revision_group.group 
1 2 'Structure model' 'Author supporting evidence' 
2 2 'Structure model' 'Data collection'            
3 3 'Structure model' 'Database references'        
4 4 'Structure model' 'Author supporting evidence' 
5 5 'Structure model' 'Data collection'            
6 5 'Structure model' 'Database references'        
7 5 'Structure model' 'Derived calculations'       
# 
loop_
_pdbx_audit_revision_category.ordinal 
_pdbx_audit_revision_category.revision_ordinal 
_pdbx_audit_revision_category.data_content_type 
_pdbx_audit_revision_category.category 
1 2 'Structure model' pdbx_audit_support     
2 3 'Structure model' citation               
3 3 'Structure model' citation_author        
4 4 'Structure model' pdbx_audit_support     
5 5 'Structure model' chem_comp_atom         
6 5 'Structure model' chem_comp_bond         
7 5 'Structure model' database_2             
8 5 'Structure model' pdbx_struct_conn_angle 
9 5 'Structure model' struct_conn            
# 
loop_
_pdbx_audit_revision_item.ordinal 
_pdbx_audit_revision_item.revision_ordinal 
_pdbx_audit_revision_item.data_content_type 
_pdbx_audit_revision_item.item 
1  2 'Structure model' '_pdbx_audit_support.funding_organization'    
2  3 'Structure model' '_citation.country'                           
3  3 'Structure model' '_citation.journal_abbrev'                    
4  3 'Structure model' '_citation.journal_id_CSD'                    
5  3 'Structure model' '_citation.journal_id_ISSN'                   
6  3 'Structure model' '_citation.journal_volume'                    
7  3 'Structure model' '_citation.page_first'                        
8  3 'Structure model' '_citation.page_last'                         
9  3 'Structure model' '_citation.pdbx_database_id_DOI'              
10 3 'Structure model' '_citation.pdbx_database_id_PubMed'           
11 3 'Structure model' '_citation.title'                             
12 3 'Structure model' '_citation.year'                              
13 4 'Structure model' '_pdbx_audit_support.funding_organization'    
14 5 'Structure model' '_database_2.pdbx_DOI'                        
15 5 'Structure model' '_database_2.pdbx_database_accession'         
16 5 'Structure model' '_pdbx_struct_conn_angle.ptnr1_auth_asym_id'  
17 5 'Structure model' '_pdbx_struct_conn_angle.ptnr1_auth_comp_id'  
18 5 'Structure model' '_pdbx_struct_conn_angle.ptnr1_auth_seq_id'   
19 5 'Structure model' '_pdbx_struct_conn_angle.ptnr1_label_asym_id' 
20 5 'Structure model' '_pdbx_struct_conn_angle.ptnr1_label_atom_id' 
21 5 'Structure model' '_pdbx_struct_conn_angle.ptnr1_label_comp_id' 
22 5 'Structure model' '_pdbx_struct_conn_angle.ptnr1_label_seq_id'  
23 5 'Structure model' '_pdbx_struct_conn_angle.ptnr2_symmetry'      
24 5 'Structure model' '_pdbx_struct_conn_angle.ptnr3_auth_asym_id'  
25 5 'Structure model' '_pdbx_struct_conn_angle.ptnr3_auth_comp_id'  
26 5 'Structure model' '_pdbx_struct_conn_angle.ptnr3_auth_seq_id'   
27 5 'Structure model' '_pdbx_struct_conn_angle.ptnr3_label_asym_id' 
28 5 'Structure model' '_pdbx_struct_conn_angle.ptnr3_label_atom_id' 
29 5 'Structure model' '_pdbx_struct_conn_angle.ptnr3_label_comp_id' 
30 5 'Structure model' '_pdbx_struct_conn_angle.ptnr3_label_seq_id'  
31 5 'Structure model' '_pdbx_struct_conn_angle.value'               
32 5 'Structure model' '_struct_conn.pdbx_dist_value'                
33 5 'Structure model' '_struct_conn.ptnr1_auth_asym_id'             
34 5 'Structure model' '_struct_conn.ptnr1_auth_comp_id'             
35 5 'Structure model' '_struct_conn.ptnr1_auth_seq_id'              
36 5 'Structure model' '_struct_conn.ptnr1_label_asym_id'            
37 5 'Structure model' '_struct_conn.ptnr1_label_atom_id'            
38 5 'Structure model' '_struct_conn.ptnr1_label_comp_id'            
39 5 'Structure model' '_struct_conn.ptnr1_label_seq_id'             
40 5 'Structure model' '_struct_conn.ptnr1_symmetry'                 
41 5 'Structure model' '_struct_conn.ptnr2_auth_asym_id'             
42 5 'Structure model' '_struct_conn.ptnr2_auth_comp_id'             
43 5 'Structure model' '_struct_conn.ptnr2_auth_seq_id'              
44 5 'Structure model' '_struct_conn.ptnr2_label_asym_id'            
45 5 'Structure model' '_struct_conn.ptnr2_label_atom_id'            
46 5 'Structure model' '_struct_conn.ptnr2_label_comp_id'            
47 5 'Structure model' '_struct_conn.ptnr2_label_seq_id'             
48 5 'Structure model' '_struct_conn.ptnr2_symmetry'                 
# 
_pdbx_database_status.status_code                     REL 
_pdbx_database_status.status_code_sf                  REL 
_pdbx_database_status.status_code_mr                  ? 
_pdbx_database_status.entry_id                        6C4S 
_pdbx_database_status.recvd_initial_deposition_date   2018-01-12 
_pdbx_database_status.SG_entry                        N 
_pdbx_database_status.deposit_site                    RCSB 
_pdbx_database_status.process_site                    RCSB 
_pdbx_database_status.status_code_cs                  ? 
_pdbx_database_status.methods_development_category    ? 
_pdbx_database_status.pdb_format_compatible           Y 
_pdbx_database_status.status_code_nmr_data            ? 
# 
loop_
_audit_author.name 
_audit_author.pdbx_ordinal 
_audit_author.identifier_ORCID 
'Kall, S.L.' 1 ? 
'Lavie, A.'  2 ? 
# 
_citation.abstract                  ? 
_citation.abstract_id_CAS           ? 
_citation.book_id_ISBN              ? 
_citation.book_publisher            ? 
_citation.book_publisher_city       ? 
_citation.book_title                ? 
_citation.coordinate_linkage        ? 
_citation.country                   UK 
_citation.database_id_Medline       ? 
_citation.details                   ? 
_citation.id                        primary 
_citation.journal_abbrev            'Sci Rep' 
_citation.journal_id_ASTM           ? 
_citation.journal_id_CSD            ? 
_citation.journal_id_ISSN           2045-2322 
_citation.journal_full              ? 
_citation.journal_issue             ? 
_citation.journal_volume            9 
_citation.language                  ? 
_citation.page_first                17121 
_citation.page_last                 17121 
_citation.title                     
'Molecular basis for the interaction between human choline kinase alpha and the SH3 domain of the c-Src tyrosine kinase.' 
_citation.year                      2019 
_citation.database_id_CSD           ? 
_citation.pdbx_database_id_DOI      10.1038/s41598-019-53447-0 
_citation.pdbx_database_id_PubMed   31745227 
_citation.unpublished_flag          ? 
# 
loop_
_citation_author.citation_id 
_citation_author.name 
_citation_author.ordinal 
_citation_author.identifier_ORCID 
primary 'Kall, S.L.'      1 ? 
primary 'Whitlatch, K.'   2 ? 
primary 'Smithgall, T.E.' 3 ? 
primary 'Lavie, A.'       4 ? 
# 
loop_
_entity.id 
_entity.type 
_entity.src_method 
_entity.pdbx_description 
_entity.formula_weight 
_entity.pdbx_number_of_molecules 
_entity.pdbx_ec 
_entity.pdbx_mutation 
_entity.pdbx_fragment 
_entity.details 
1 polymer     man 'Proto-oncogene tyrosine-protein kinase Src,cSrc SH3 Domain' 8168.078 2   2.7.10.2 ? 
'SH3 domain residues 87-144' ? 
2 non-polymer syn 'ZINC ION'                                                   65.409   2   ?        ? ? ? 
3 water       nat water                                                        18.015   141 ?        ? ? ? 
# 
_entity_name_com.entity_id   1 
_entity_name_com.name        'Proto-oncogene c-Src,pp60c-src,p60-Src' 
# 
_entity_poly.entity_id                      1 
_entity_poly.type                           'polypeptide(L)' 
_entity_poly.nstd_linkage                   no 
_entity_poly.nstd_monomer                   no 
_entity_poly.pdbx_seq_one_letter_code       HMTTFVALYDYESRTETDLSFKKGERLQIVNNTEGDWWLAHSLSTGQTGYIPSNYVAPSDGGGLPPPLPLPLPL 
_entity_poly.pdbx_seq_one_letter_code_can   HMTTFVALYDYESRTETDLSFKKGERLQIVNNTEGDWWLAHSLSTGQTGYIPSNYVAPSDGGGLPPPLPLPLPL 
_entity_poly.pdbx_strand_id                 A,B 
_entity_poly.pdbx_target_identifier         ? 
# 
loop_
_pdbx_entity_nonpoly.entity_id 
_pdbx_entity_nonpoly.name 
_pdbx_entity_nonpoly.comp_id 
2 'ZINC ION' ZN  
3 water      HOH 
# 
loop_
_entity_poly_seq.entity_id 
_entity_poly_seq.num 
_entity_poly_seq.mon_id 
_entity_poly_seq.hetero 
1 1  HIS n 
1 2  MET n 
1 3  THR n 
1 4  THR n 
1 5  PHE n 
1 6  VAL n 
1 7  ALA n 
1 8  LEU n 
1 9  TYR n 
1 10 ASP n 
1 11 TYR n 
1 12 GLU n 
1 13 SER n 
1 14 ARG n 
1 15 THR n 
1 16 GLU n 
1 17 THR n 
1 18 ASP n 
1 19 LEU n 
1 20 SER n 
1 21 PHE n 
1 22 LYS n 
1 23 LYS n 
1 24 GLY n 
1 25 GLU n 
1 26 ARG n 
1 27 LEU n 
1 28 GLN n 
1 29 ILE n 
1 30 VAL n 
1 31 ASN n 
1 32 ASN n 
1 33 THR n 
1 34 GLU n 
1 35 GLY n 
1 36 ASP n 
1 37 TRP n 
1 38 TRP n 
1 39 LEU n 
1 40 ALA n 
1 41 HIS n 
1 42 SER n 
1 43 LEU n 
1 44 SER n 
1 45 THR n 
1 46 GLY n 
1 47 GLN n 
1 48 THR n 
1 49 GLY n 
1 50 TYR n 
1 51 ILE n 
1 52 PRO n 
1 53 SER n 
1 54 ASN n 
1 55 TYR n 
1 56 VAL n 
1 57 ALA n 
1 58 PRO n 
1 59 SER n 
1 60 ASP n 
1 61 GLY n 
1 62 GLY n 
1 63 GLY n 
1 64 LEU n 
1 65 PRO n 
1 66 PRO n 
1 67 PRO n 
1 68 LEU n 
1 69 PRO n 
1 70 LEU n 
1 71 PRO n 
1 72 LEU n 
1 73 PRO n 
1 74 LEU n 
# 
loop_
_entity_src_gen.entity_id 
_entity_src_gen.pdbx_src_id 
_entity_src_gen.pdbx_alt_source_flag 
_entity_src_gen.pdbx_seq_type 
_entity_src_gen.pdbx_beg_seq_num 
_entity_src_gen.pdbx_end_seq_num 
_entity_src_gen.gene_src_common_name 
_entity_src_gen.gene_src_genus 
_entity_src_gen.pdbx_gene_src_gene 
_entity_src_gen.gene_src_species 
_entity_src_gen.gene_src_strain 
_entity_src_gen.gene_src_tissue 
_entity_src_gen.gene_src_tissue_fraction 
_entity_src_gen.gene_src_details 
_entity_src_gen.pdbx_gene_src_fragment 
_entity_src_gen.pdbx_gene_src_scientific_name 
_entity_src_gen.pdbx_gene_src_ncbi_taxonomy_id 
_entity_src_gen.pdbx_gene_src_variant 
_entity_src_gen.pdbx_gene_src_cell_line 
_entity_src_gen.pdbx_gene_src_atcc 
_entity_src_gen.pdbx_gene_src_organ 
_entity_src_gen.pdbx_gene_src_organelle 
_entity_src_gen.pdbx_gene_src_cell 
_entity_src_gen.pdbx_gene_src_cellular_location 
_entity_src_gen.host_org_common_name 
_entity_src_gen.pdbx_host_org_scientific_name 
_entity_src_gen.pdbx_host_org_ncbi_taxonomy_id 
_entity_src_gen.host_org_genus 
_entity_src_gen.pdbx_host_org_gene 
_entity_src_gen.pdbx_host_org_organ 
_entity_src_gen.host_org_species 
_entity_src_gen.pdbx_host_org_tissue 
_entity_src_gen.pdbx_host_org_tissue_fraction 
_entity_src_gen.pdbx_host_org_strain 
_entity_src_gen.pdbx_host_org_variant 
_entity_src_gen.pdbx_host_org_cell_line 
_entity_src_gen.pdbx_host_org_atcc 
_entity_src_gen.pdbx_host_org_culture_collection 
_entity_src_gen.pdbx_host_org_cell 
_entity_src_gen.pdbx_host_org_organelle 
_entity_src_gen.pdbx_host_org_cellular_location 
_entity_src_gen.pdbx_host_org_vector_type 
_entity_src_gen.pdbx_host_org_vector 
_entity_src_gen.host_org_details 
_entity_src_gen.expression_system_id 
_entity_src_gen.plasmid_name 
_entity_src_gen.plasmid_details 
_entity_src_gen.pdbx_description 
1 1 sample 'Biological sequence' 1  60 Human ? 'SRC, SRC1' ? ? ? ? ? ? 'Homo sapiens' 9606 ? ? ? ? ? ? ? ? 'Escherichia coli' 562 
? ? ? ? ? ? ? ? ? ? ? ? ? ? ? ? ? ? ? ? ? 
1 2 sample 'Biological sequence' 61 74 human ? ?           ? ? ? ? ? ? 'Homo sapiens' 9606 ? ? ? ? ? ? ? ? 'Escherichia coli' 562 
? ? ? ? ? ? ? ? ? ? ? ? ? ? ? ? ? ? ? ? ? 
# 
loop_
_chem_comp.id 
_chem_comp.type 
_chem_comp.mon_nstd_flag 
_chem_comp.name 
_chem_comp.pdbx_synonyms 
_chem_comp.formula 
_chem_comp.formula_weight 
ALA 'L-peptide linking' y ALANINE         ? 'C3 H7 N O2'     89.093  
ARG 'L-peptide linking' y ARGININE        ? 'C6 H15 N4 O2 1' 175.209 
ASN 'L-peptide linking' y ASPARAGINE      ? 'C4 H8 N2 O3'    132.118 
ASP 'L-peptide linking' y 'ASPARTIC ACID' ? 'C4 H7 N O4'     133.103 
GLN 'L-peptide linking' y GLUTAMINE       ? 'C5 H10 N2 O3'   146.144 
GLU 'L-peptide linking' y 'GLUTAMIC ACID' ? 'C5 H9 N O4'     147.129 
GLY 'peptide linking'   y GLYCINE         ? 'C2 H5 N O2'     75.067  
HIS 'L-peptide linking' y HISTIDINE       ? 'C6 H10 N3 O2 1' 156.162 
HOH non-polymer         . WATER           ? 'H2 O'           18.015  
ILE 'L-peptide linking' y ISOLEUCINE      ? 'C6 H13 N O2'    131.173 
LEU 'L-peptide linking' y LEUCINE         ? 'C6 H13 N O2'    131.173 
LYS 'L-peptide linking' y LYSINE          ? 'C6 H15 N2 O2 1' 147.195 
MET 'L-peptide linking' y METHIONINE      ? 'C5 H11 N O2 S'  149.211 
PHE 'L-peptide linking' y PHENYLALANINE   ? 'C9 H11 N O2'    165.189 
PRO 'L-peptide linking' y PROLINE         ? 'C5 H9 N O2'     115.130 
SER 'L-peptide linking' y SERINE          ? 'C3 H7 N O3'     105.093 
THR 'L-peptide linking' y THREONINE       ? 'C4 H9 N O3'     119.119 
TRP 'L-peptide linking' y TRYPTOPHAN      ? 'C11 H12 N2 O2'  204.225 
TYR 'L-peptide linking' y TYROSINE        ? 'C9 H11 N O3'    181.189 
VAL 'L-peptide linking' y VALINE          ? 'C5 H11 N O2'    117.146 
ZN  non-polymer         . 'ZINC ION'      ? 'Zn 2'           65.409  
# 
loop_
_pdbx_poly_seq_scheme.asym_id 
_pdbx_poly_seq_scheme.entity_id 
_pdbx_poly_seq_scheme.seq_id 
_pdbx_poly_seq_scheme.mon_id 
_pdbx_poly_seq_scheme.ndb_seq_num 
_pdbx_poly_seq_scheme.pdb_seq_num 
_pdbx_poly_seq_scheme.auth_seq_num 
_pdbx_poly_seq_scheme.pdb_mon_id 
_pdbx_poly_seq_scheme.auth_mon_id 
_pdbx_poly_seq_scheme.pdb_strand_id 
_pdbx_poly_seq_scheme.pdb_ins_code 
_pdbx_poly_seq_scheme.hetero 
A 1 1  HIS 1  85  85  HIS HIS A . n 
A 1 2  MET 2  86  86  MET MET A . n 
A 1 3  THR 3  87  87  THR THR A . n 
A 1 4  THR 4  88  88  THR THR A . n 
A 1 5  PHE 5  89  89  PHE PHE A . n 
A 1 6  VAL 6  90  90  VAL VAL A . n 
A 1 7  ALA 7  91  91  ALA ALA A . n 
A 1 8  LEU 8  92  92  LEU LEU A . n 
A 1 9  TYR 9  93  93  TYR TYR A . n 
A 1 10 ASP 10 94  94  ASP ASP A . n 
A 1 11 TYR 11 95  95  TYR TYR A . n 
A 1 12 GLU 12 96  96  GLU GLU A . n 
A 1 13 SER 13 97  97  SER SER A . n 
A 1 14 ARG 14 98  98  ARG ARG A . n 
A 1 15 THR 15 99  99  THR THR A . n 
A 1 16 GLU 16 100 100 GLU GLU A . n 
A 1 17 THR 17 101 101 THR THR A . n 
A 1 18 ASP 18 102 102 ASP ASP A . n 
A 1 19 LEU 19 103 103 LEU LEU A . n 
A 1 20 SER 20 104 104 SER SER A . n 
A 1 21 PHE 21 105 105 PHE PHE A . n 
A 1 22 LYS 22 106 106 LYS LYS A . n 
A 1 23 LYS 23 107 107 LYS LYS A . n 
A 1 24 GLY 24 108 108 GLY GLY A . n 
A 1 25 GLU 25 109 109 GLU GLU A . n 
A 1 26 ARG 26 110 110 ARG ARG A . n 
A 1 27 LEU 27 111 111 LEU LEU A . n 
A 1 28 GLN 28 112 112 GLN GLN A . n 
A 1 29 ILE 29 113 113 ILE ILE A . n 
A 1 30 VAL 30 114 114 VAL VAL A . n 
A 1 31 ASN 31 115 115 ASN ASN A . n 
A 1 32 ASN 32 116 116 ASN ASN A . n 
A 1 33 THR 33 117 117 THR THR A . n 
A 1 34 GLU 34 118 118 GLU GLU A . n 
A 1 35 GLY 35 119 119 GLY GLY A . n 
A 1 36 ASP 36 120 120 ASP ASP A . n 
A 1 37 TRP 37 121 121 TRP TRP A . n 
A 1 38 TRP 38 122 122 TRP TRP A . n 
A 1 39 LEU 39 123 123 LEU LEU A . n 
A 1 40 ALA 40 124 124 ALA ALA A . n 
A 1 41 HIS 41 125 125 HIS HIS A . n 
A 1 42 SER 42 126 126 SER SER A . n 
A 1 43 LEU 43 127 127 LEU LEU A . n 
A 1 44 SER 44 128 128 SER SER A . n 
A 1 45 THR 45 129 129 THR THR A . n 
A 1 46 GLY 46 130 130 GLY GLY A . n 
A 1 47 GLN 47 131 131 GLN GLN A . n 
A 1 48 THR 48 132 132 THR THR A . n 
A 1 49 GLY 49 133 133 GLY GLY A . n 
A 1 50 TYR 50 134 134 TYR TYR A . n 
A 1 51 ILE 51 135 135 ILE ILE A . n 
A 1 52 PRO 52 136 136 PRO PRO A . n 
A 1 53 SER 53 137 137 SER SER A . n 
A 1 54 ASN 54 138 138 ASN ASN A . n 
A 1 55 TYR 55 139 139 TYR TYR A . n 
A 1 56 VAL 56 140 140 VAL VAL A . n 
A 1 57 ALA 57 141 141 ALA ALA A . n 
A 1 58 PRO 58 142 142 PRO PRO A . n 
A 1 59 SER 59 143 143 SER SER A . n 
A 1 60 ASP 60 144 144 ASP ASP A . n 
A 1 61 GLY 61 145 145 GLY GLY A . n 
A 1 62 GLY 62 146 146 GLY GLY A . n 
A 1 63 GLY 63 147 147 GLY GLY A . n 
A 1 64 LEU 64 148 148 LEU LEU A . n 
A 1 65 PRO 65 149 149 PRO PRO A . n 
A 1 66 PRO 66 150 150 PRO PRO A . n 
A 1 67 PRO 67 151 151 PRO PRO A . n 
A 1 68 LEU 68 152 152 LEU LEU A . n 
A 1 69 PRO 69 153 153 PRO PRO A . n 
A 1 70 LEU 70 154 154 LEU LEU A . n 
A 1 71 PRO 71 155 155 PRO PRO A . n 
A 1 72 LEU 72 156 156 LEU LEU A . n 
A 1 73 PRO 73 157 157 PRO PRO A . n 
A 1 74 LEU 74 158 158 LEU LEU A . n 
B 1 1  HIS 1  85  85  HIS HIS B . n 
B 1 2  MET 2  86  86  MET MET B . n 
B 1 3  THR 3  87  87  THR THR B . n 
B 1 4  THR 4  88  88  THR THR B . n 
B 1 5  PHE 5  89  89  PHE PHE B . n 
B 1 6  VAL 6  90  90  VAL VAL B . n 
B 1 7  ALA 7  91  91  ALA ALA B . n 
B 1 8  LEU 8  92  92  LEU LEU B . n 
B 1 9  TYR 9  93  93  TYR TYR B . n 
B 1 10 ASP 10 94  94  ASP ASP B . n 
B 1 11 TYR 11 95  95  TYR TYR B . n 
B 1 12 GLU 12 96  96  GLU GLU B . n 
B 1 13 SER 13 97  97  SER SER B . n 
B 1 14 ARG 14 98  98  ARG ARG B . n 
B 1 15 THR 15 99  99  THR THR B . n 
B 1 16 GLU 16 100 100 GLU GLU B . n 
B 1 17 THR 17 101 101 THR THR B . n 
B 1 18 ASP 18 102 102 ASP ASP B . n 
B 1 19 LEU 19 103 103 LEU LEU B . n 
B 1 20 SER 20 104 104 SER SER B . n 
B 1 21 PHE 21 105 105 PHE PHE B . n 
B 1 22 LYS 22 106 106 LYS LYS B . n 
B 1 23 LYS 23 107 107 LYS LYS B . n 
B 1 24 GLY 24 108 108 GLY GLY B . n 
B 1 25 GLU 25 109 109 GLU GLU B . n 
B 1 26 ARG 26 110 110 ARG ARG B . n 
B 1 27 LEU 27 111 111 LEU LEU B . n 
B 1 28 GLN 28 112 112 GLN GLN B . n 
B 1 29 ILE 29 113 113 ILE ILE B . n 
B 1 30 VAL 30 114 114 VAL VAL B . n 
B 1 31 ASN 31 115 115 ASN ASN B . n 
B 1 32 ASN 32 116 116 ASN ASN B . n 
B 1 33 THR 33 117 117 THR THR B . n 
B 1 34 GLU 34 118 118 GLU GLU B . n 
B 1 35 GLY 35 119 119 GLY GLY B . n 
B 1 36 ASP 36 120 120 ASP ASP B . n 
B 1 37 TRP 37 121 121 TRP TRP B . n 
B 1 38 TRP 38 122 122 TRP TRP B . n 
B 1 39 LEU 39 123 123 LEU LEU B . n 
B 1 40 ALA 40 124 124 ALA ALA B . n 
B 1 41 HIS 41 125 125 HIS HIS B . n 
B 1 42 SER 42 126 126 SER SER B . n 
B 1 43 LEU 43 127 127 LEU LEU B . n 
B 1 44 SER 44 128 128 SER SER B . n 
B 1 45 THR 45 129 129 THR THR B . n 
B 1 46 GLY 46 130 130 GLY GLY B . n 
B 1 47 GLN 47 131 131 GLN GLN B . n 
B 1 48 THR 48 132 132 THR THR B . n 
B 1 49 GLY 49 133 133 GLY GLY B . n 
B 1 50 TYR 50 134 134 TYR TYR B . n 
B 1 51 ILE 51 135 135 ILE ILE B . n 
B 1 52 PRO 52 136 136 PRO PRO B . n 
B 1 53 SER 53 137 137 SER SER B . n 
B 1 54 ASN 54 138 138 ASN ASN B . n 
B 1 55 TYR 55 139 139 TYR TYR B . n 
B 1 56 VAL 56 140 140 VAL VAL B . n 
B 1 57 ALA 57 141 141 ALA ALA B . n 
B 1 58 PRO 58 142 142 PRO PRO B . n 
B 1 59 SER 59 143 143 SER SER B . n 
B 1 60 ASP 60 144 144 ASP ASP B . n 
B 1 61 GLY 61 145 145 GLY GLY B . n 
B 1 62 GLY 62 146 146 GLY GLY B . n 
B 1 63 GLY 63 147 147 GLY GLY B . n 
B 1 64 LEU 64 148 148 LEU LEU B . n 
B 1 65 PRO 65 149 149 PRO PRO B . n 
B 1 66 PRO 66 150 150 PRO PRO B . n 
B 1 67 PRO 67 151 151 PRO PRO B . n 
B 1 68 LEU 68 152 152 LEU LEU B . n 
B 1 69 PRO 69 153 153 PRO PRO B . n 
B 1 70 LEU 70 154 154 LEU LEU B . n 
B 1 71 PRO 71 155 155 PRO PRO B . n 
B 1 72 LEU 72 156 156 LEU LEU B . n 
B 1 73 PRO 73 157 157 PRO PRO B . n 
B 1 74 LEU 74 158 158 LEU LEU B . n 
# 
loop_
_pdbx_nonpoly_scheme.asym_id 
_pdbx_nonpoly_scheme.entity_id 
_pdbx_nonpoly_scheme.mon_id 
_pdbx_nonpoly_scheme.ndb_seq_num 
_pdbx_nonpoly_scheme.pdb_seq_num 
_pdbx_nonpoly_scheme.auth_seq_num 
_pdbx_nonpoly_scheme.pdb_mon_id 
_pdbx_nonpoly_scheme.auth_mon_id 
_pdbx_nonpoly_scheme.pdb_strand_id 
_pdbx_nonpoly_scheme.pdb_ins_code 
C 2 ZN  1  201 2   ZN  ZN  A . 
D 2 ZN  1  201 1   ZN  ZN  B . 
E 3 HOH 1  301 140 HOH HOH A . 
E 3 HOH 2  302 136 HOH HOH A . 
E 3 HOH 3  303 115 HOH HOH A . 
E 3 HOH 4  304 59  HOH HOH A . 
E 3 HOH 5  305 132 HOH HOH A . 
E 3 HOH 6  306 16  HOH HOH A . 
E 3 HOH 7  307 50  HOH HOH A . 
E 3 HOH 8  308 19  HOH HOH A . 
E 3 HOH 9  309 25  HOH HOH A . 
E 3 HOH 10 310 6   HOH HOH A . 
E 3 HOH 11 311 27  HOH HOH A . 
E 3 HOH 12 312 39  HOH HOH A . 
E 3 HOH 13 313 20  HOH HOH A . 
E 3 HOH 14 314 2   HOH HOH A . 
E 3 HOH 15 315 4   HOH HOH A . 
E 3 HOH 16 316 5   HOH HOH A . 
E 3 HOH 17 317 49  HOH HOH A . 
E 3 HOH 18 318 102 HOH HOH A . 
E 3 HOH 19 319 15  HOH HOH A . 
E 3 HOH 20 320 17  HOH HOH A . 
E 3 HOH 21 321 36  HOH HOH A . 
E 3 HOH 22 322 127 HOH HOH A . 
E 3 HOH 23 323 79  HOH HOH A . 
E 3 HOH 24 324 1   HOH HOH A . 
E 3 HOH 25 325 9   HOH HOH A . 
E 3 HOH 26 326 72  HOH HOH A . 
E 3 HOH 27 327 117 HOH HOH A . 
E 3 HOH 28 328 13  HOH HOH A . 
E 3 HOH 29 329 103 HOH HOH A . 
E 3 HOH 30 330 112 HOH HOH A . 
E 3 HOH 31 331 34  HOH HOH A . 
E 3 HOH 32 332 135 HOH HOH A . 
E 3 HOH 33 333 123 HOH HOH A . 
E 3 HOH 34 334 26  HOH HOH A . 
E 3 HOH 35 335 24  HOH HOH A . 
E 3 HOH 36 336 67  HOH HOH A . 
E 3 HOH 37 337 31  HOH HOH A . 
E 3 HOH 38 338 65  HOH HOH A . 
E 3 HOH 39 339 44  HOH HOH A . 
E 3 HOH 40 340 48  HOH HOH A . 
E 3 HOH 41 341 3   HOH HOH A . 
E 3 HOH 42 342 134 HOH HOH A . 
E 3 HOH 43 343 105 HOH HOH A . 
E 3 HOH 44 344 114 HOH HOH A . 
E 3 HOH 45 345 51  HOH HOH A . 
E 3 HOH 46 346 53  HOH HOH A . 
E 3 HOH 47 347 99  HOH HOH A . 
E 3 HOH 48 348 70  HOH HOH A . 
E 3 HOH 49 349 109 HOH HOH A . 
E 3 HOH 50 350 38  HOH HOH A . 
E 3 HOH 51 351 89  HOH HOH A . 
E 3 HOH 52 352 121 HOH HOH A . 
E 3 HOH 53 353 118 HOH HOH A . 
E 3 HOH 54 354 87  HOH HOH A . 
E 3 HOH 55 355 80  HOH HOH A . 
E 3 HOH 56 356 104 HOH HOH A . 
E 3 HOH 57 357 56  HOH HOH A . 
E 3 HOH 58 358 122 HOH HOH A . 
E 3 HOH 59 359 128 HOH HOH A . 
E 3 HOH 60 360 91  HOH HOH A . 
E 3 HOH 61 361 84  HOH HOH A . 
E 3 HOH 62 362 35  HOH HOH A . 
E 3 HOH 63 363 85  HOH HOH A . 
E 3 HOH 64 364 83  HOH HOH A . 
E 3 HOH 65 365 131 HOH HOH A . 
E 3 HOH 66 366 64  HOH HOH A . 
E 3 HOH 67 367 125 HOH HOH A . 
E 3 HOH 68 368 63  HOH HOH A . 
E 3 HOH 69 369 108 HOH HOH A . 
E 3 HOH 70 370 129 HOH HOH A . 
E 3 HOH 71 371 92  HOH HOH A . 
E 3 HOH 72 372 61  HOH HOH A . 
E 3 HOH 73 373 81  HOH HOH A . 
E 3 HOH 74 374 88  HOH HOH A . 
E 3 HOH 75 375 97  HOH HOH A . 
E 3 HOH 76 376 52  HOH HOH A . 
F 3 HOH 1  301 73  HOH HOH B . 
F 3 HOH 2  302 54  HOH HOH B . 
F 3 HOH 3  303 43  HOH HOH B . 
F 3 HOH 4  304 47  HOH HOH B . 
F 3 HOH 5  305 68  HOH HOH B . 
F 3 HOH 6  306 14  HOH HOH B . 
F 3 HOH 7  307 42  HOH HOH B . 
F 3 HOH 8  308 141 HOH HOH B . 
F 3 HOH 9  309 8   HOH HOH B . 
F 3 HOH 10 310 12  HOH HOH B . 
F 3 HOH 11 311 40  HOH HOH B . 
F 3 HOH 12 312 22  HOH HOH B . 
F 3 HOH 13 313 46  HOH HOH B . 
F 3 HOH 14 314 107 HOH HOH B . 
F 3 HOH 15 315 18  HOH HOH B . 
F 3 HOH 16 316 120 HOH HOH B . 
F 3 HOH 17 317 101 HOH HOH B . 
F 3 HOH 18 318 11  HOH HOH B . 
F 3 HOH 19 319 30  HOH HOH B . 
F 3 HOH 20 320 124 HOH HOH B . 
F 3 HOH 21 321 94  HOH HOH B . 
F 3 HOH 22 322 37  HOH HOH B . 
F 3 HOH 23 323 95  HOH HOH B . 
F 3 HOH 24 324 55  HOH HOH B . 
F 3 HOH 25 325 23  HOH HOH B . 
F 3 HOH 26 326 41  HOH HOH B . 
F 3 HOH 27 327 74  HOH HOH B . 
F 3 HOH 28 328 29  HOH HOH B . 
F 3 HOH 29 329 78  HOH HOH B . 
F 3 HOH 30 330 21  HOH HOH B . 
F 3 HOH 31 331 116 HOH HOH B . 
F 3 HOH 32 332 62  HOH HOH B . 
F 3 HOH 33 333 28  HOH HOH B . 
F 3 HOH 34 334 96  HOH HOH B . 
F 3 HOH 35 335 7   HOH HOH B . 
F 3 HOH 36 336 138 HOH HOH B . 
F 3 HOH 37 337 57  HOH HOH B . 
F 3 HOH 38 338 32  HOH HOH B . 
F 3 HOH 39 339 82  HOH HOH B . 
F 3 HOH 40 340 86  HOH HOH B . 
F 3 HOH 41 341 93  HOH HOH B . 
F 3 HOH 42 342 69  HOH HOH B . 
F 3 HOH 43 343 75  HOH HOH B . 
F 3 HOH 44 344 90  HOH HOH B . 
F 3 HOH 45 345 113 HOH HOH B . 
F 3 HOH 46 346 10  HOH HOH B . 
F 3 HOH 47 347 110 HOH HOH B . 
F 3 HOH 48 348 71  HOH HOH B . 
F 3 HOH 49 349 58  HOH HOH B . 
F 3 HOH 50 350 76  HOH HOH B . 
F 3 HOH 51 351 106 HOH HOH B . 
F 3 HOH 52 352 111 HOH HOH B . 
F 3 HOH 53 353 100 HOH HOH B . 
F 3 HOH 54 354 137 HOH HOH B . 
F 3 HOH 55 355 45  HOH HOH B . 
F 3 HOH 56 356 60  HOH HOH B . 
F 3 HOH 57 357 33  HOH HOH B . 
F 3 HOH 58 358 139 HOH HOH B . 
F 3 HOH 59 359 126 HOH HOH B . 
F 3 HOH 60 360 77  HOH HOH B . 
F 3 HOH 61 361 130 HOH HOH B . 
F 3 HOH 62 362 66  HOH HOH B . 
F 3 HOH 63 363 133 HOH HOH B . 
F 3 HOH 64 364 98  HOH HOH B . 
F 3 HOH 65 365 119 HOH HOH B . 
# 
loop_
_software.citation_id 
_software.classification 
_software.compiler_name 
_software.compiler_version 
_software.contact_author 
_software.contact_author_email 
_software.date 
_software.description 
_software.dependencies 
_software.hardware 
_software.language 
_software.location 
_software.mods 
_software.name 
_software.os 
_software.os_version 
_software.type 
_software.version 
_software.pdbx_ordinal 
? refinement ? ? ? ? ? ? ? ? ? ? ? REFMAC ? ? ? 5.8.0189 1 
? phasing    ? ? ? ? ? ? ? ? ? ? ? MOLREP ? ? ? .        2 
# 
_cell.entry_id           6C4S 
_cell.length_a           31.117 
_cell.length_b           38.753 
_cell.length_c           57.966 
_cell.angle_alpha        90.00 
_cell.angle_beta         95.70 
_cell.angle_gamma        90.00 
_cell.Z_PDB              4 
_cell.pdbx_unique_axis   ? 
# 
_symmetry.entry_id                         6C4S 
_symmetry.space_group_name_H-M             'P 1 21 1' 
_symmetry.pdbx_full_space_group_name_H-M   ? 
_symmetry.cell_setting                     ? 
_symmetry.Int_Tables_number                4 
# 
_exptl.absorpt_coefficient_mu     ? 
_exptl.absorpt_correction_T_max   ? 
_exptl.absorpt_correction_T_min   ? 
_exptl.absorpt_correction_type    ? 
_exptl.absorpt_process_details    ? 
_exptl.entry_id                   6C4S 
_exptl.crystals_number            1 
_exptl.details                    ? 
_exptl.method                     'X-RAY DIFFRACTION' 
_exptl.method_details             ? 
# 
_exptl_crystal.colour                      ? 
_exptl_crystal.density_diffrn              ? 
_exptl_crystal.density_Matthews            2.13 
_exptl_crystal.density_method              ? 
_exptl_crystal.density_percent_sol         42.22 
_exptl_crystal.description                 ? 
_exptl_crystal.F_000                       ? 
_exptl_crystal.id                          1 
_exptl_crystal.preparation                 ? 
_exptl_crystal.size_max                    ? 
_exptl_crystal.size_mid                    ? 
_exptl_crystal.size_min                    ? 
_exptl_crystal.size_rad                    ? 
_exptl_crystal.colour_lustre               ? 
_exptl_crystal.colour_modifier             ? 
_exptl_crystal.colour_primary              ? 
_exptl_crystal.density_meas                ? 
_exptl_crystal.density_meas_esd            ? 
_exptl_crystal.density_meas_gt             ? 
_exptl_crystal.density_meas_lt             ? 
_exptl_crystal.density_meas_temp           ? 
_exptl_crystal.density_meas_temp_esd       ? 
_exptl_crystal.density_meas_temp_gt        ? 
_exptl_crystal.density_meas_temp_lt        ? 
_exptl_crystal.pdbx_crystal_image_url      ? 
_exptl_crystal.pdbx_crystal_image_format   ? 
_exptl_crystal.pdbx_mosaicity              ? 
_exptl_crystal.pdbx_mosaicity_esd          ? 
# 
_exptl_crystal_grow.apparatus       ? 
_exptl_crystal_grow.atmosphere      ? 
_exptl_crystal_grow.crystal_id      1 
_exptl_crystal_grow.details         ? 
_exptl_crystal_grow.method          'VAPOR DIFFUSION, SITTING DROP' 
_exptl_crystal_grow.method_ref      ? 
_exptl_crystal_grow.pH              ? 
_exptl_crystal_grow.pressure        ? 
_exptl_crystal_grow.pressure_esd    ? 
_exptl_crystal_grow.seeding         ? 
_exptl_crystal_grow.seeding_ref     ? 
_exptl_crystal_grow.temp            298 
_exptl_crystal_grow.temp_details    ? 
_exptl_crystal_grow.temp_esd        ? 
_exptl_crystal_grow.time            ? 
_exptl_crystal_grow.pdbx_details    
;0.2 M Zinc Acetate
0.1 M Sodium Cacodylate pH 6.5
10% v/v Isopropanol
;
_exptl_crystal_grow.pdbx_pH_range   ? 
# 
_diffrn.ambient_environment    ? 
_diffrn.ambient_temp           100 
_diffrn.ambient_temp_details   ? 
_diffrn.ambient_temp_esd       ? 
_diffrn.crystal_id             1 
_diffrn.crystal_support        ? 
_diffrn.crystal_treatment      ? 
_diffrn.details                ? 
_diffrn.id                     1 
_diffrn.ambient_pressure       ? 
_diffrn.ambient_pressure_esd   ? 
_diffrn.ambient_pressure_gt    ? 
_diffrn.ambient_pressure_lt    ? 
_diffrn.ambient_temp_gt        ? 
_diffrn.ambient_temp_lt        ? 
# 
_diffrn_detector.details                      ? 
_diffrn_detector.detector                     CCD 
_diffrn_detector.diffrn_id                    1 
_diffrn_detector.type                         'MARMOSAIC 300 mm CCD' 
_diffrn_detector.area_resol_mean              ? 
_diffrn_detector.dtime                        ? 
_diffrn_detector.pdbx_frames_total            ? 
_diffrn_detector.pdbx_collection_time_total   ? 
_diffrn_detector.pdbx_collection_date         2017-10-25 
# 
_diffrn_radiation.collimation                      ? 
_diffrn_radiation.diffrn_id                        1 
_diffrn_radiation.filter_edge                      ? 
_diffrn_radiation.inhomogeneity                    ? 
_diffrn_radiation.monochromator                    ? 
_diffrn_radiation.polarisn_norm                    ? 
_diffrn_radiation.polarisn_ratio                   ? 
_diffrn_radiation.probe                            ? 
_diffrn_radiation.type                             ? 
_diffrn_radiation.xray_symbol                      ? 
_diffrn_radiation.wavelength_id                    1 
_diffrn_radiation.pdbx_monochromatic_or_laue_m_l   M 
_diffrn_radiation.pdbx_wavelength_list             ? 
_diffrn_radiation.pdbx_wavelength                  ? 
_diffrn_radiation.pdbx_diffrn_protocol             'SINGLE WAVELENGTH' 
_diffrn_radiation.pdbx_analyzer                    ? 
_diffrn_radiation.pdbx_scattering_type             x-ray 
# 
_diffrn_radiation_wavelength.id           1 
_diffrn_radiation_wavelength.wavelength   0.97872 
_diffrn_radiation_wavelength.wt           1.0 
# 
_diffrn_source.current                     ? 
_diffrn_source.details                     ? 
_diffrn_source.diffrn_id                   1 
_diffrn_source.power                       ? 
_diffrn_source.size                        ? 
_diffrn_source.source                      SYNCHROTRON 
_diffrn_source.target                      ? 
_diffrn_source.type                        'APS BEAMLINE 21-ID-F' 
_diffrn_source.voltage                     ? 
_diffrn_source.take-off_angle              ? 
_diffrn_source.pdbx_wavelength_list        0.97872 
_diffrn_source.pdbx_wavelength             ? 
_diffrn_source.pdbx_synchrotron_beamline   21-ID-F 
_diffrn_source.pdbx_synchrotron_site       APS 
# 
_reflns.B_iso_Wilson_estimate            ? 
_reflns.entry_id                         6C4S 
_reflns.data_reduction_details           ? 
_reflns.data_reduction_method            ? 
_reflns.d_resolution_high                1.50 
_reflns.d_resolution_low                 57.68 
_reflns.details                          ? 
_reflns.limit_h_max                      ? 
_reflns.limit_h_min                      ? 
_reflns.limit_k_max                      ? 
_reflns.limit_k_min                      ? 
_reflns.limit_l_max                      ? 
_reflns.limit_l_min                      ? 
_reflns.number_all                       ? 
_reflns.number_obs                       39617 
_reflns.observed_criterion               ? 
_reflns.observed_criterion_F_max         ? 
_reflns.observed_criterion_F_min         ? 
_reflns.observed_criterion_I_max         ? 
_reflns.observed_criterion_I_min         ? 
_reflns.observed_criterion_sigma_F       ? 
_reflns.observed_criterion_sigma_I       ? 
_reflns.percent_possible_obs             90.2 
_reflns.R_free_details                   ? 
_reflns.Rmerge_F_all                     ? 
_reflns.Rmerge_F_obs                     ? 
_reflns.Friedel_coverage                 ? 
_reflns.number_gt                        ? 
_reflns.threshold_expression             ? 
_reflns.pdbx_redundancy                  1.67 
_reflns.pdbx_Rmerge_I_obs                ? 
_reflns.pdbx_Rmerge_I_all                ? 
_reflns.pdbx_Rsym_value                  ? 
_reflns.pdbx_netI_over_av_sigmaI         ? 
_reflns.pdbx_netI_over_sigmaI            7.45 
_reflns.pdbx_res_netI_over_av_sigmaI_2   ? 
_reflns.pdbx_res_netI_over_sigmaI_2      ? 
_reflns.pdbx_chi_squared                 ? 
_reflns.pdbx_scaling_rejects             ? 
_reflns.pdbx_d_res_high_opt              ? 
_reflns.pdbx_d_res_low_opt               ? 
_reflns.pdbx_d_res_opt_method            ? 
_reflns.phase_calculation_details        ? 
_reflns.pdbx_Rrim_I_all                  ? 
_reflns.pdbx_Rpim_I_all                  ? 
_reflns.pdbx_d_opt                       ? 
_reflns.pdbx_number_measured_all         ? 
_reflns.pdbx_diffrn_id                   1 
_reflns.pdbx_ordinal                     1 
_reflns.pdbx_CC_half                     ? 
_reflns.pdbx_R_split                     ? 
# 
_reflns_shell.d_res_high                  1.50 
_reflns_shell.d_res_low                   1.59 
_reflns_shell.meanI_over_sigI_all         ? 
_reflns_shell.meanI_over_sigI_obs         ? 
_reflns_shell.number_measured_all         ? 
_reflns_shell.number_measured_obs         ? 
_reflns_shell.number_possible             ? 
_reflns_shell.number_unique_all           ? 
_reflns_shell.number_unique_obs           ? 
_reflns_shell.percent_possible_all        ? 
_reflns_shell.percent_possible_obs        ? 
_reflns_shell.Rmerge_F_all                ? 
_reflns_shell.Rmerge_F_obs                ? 
_reflns_shell.Rmerge_I_all                ? 
_reflns_shell.Rmerge_I_obs                ? 
_reflns_shell.meanI_over_sigI_gt          ? 
_reflns_shell.meanI_over_uI_all           ? 
_reflns_shell.meanI_over_uI_gt            ? 
_reflns_shell.number_measured_gt          ? 
_reflns_shell.number_unique_gt            ? 
_reflns_shell.percent_possible_gt         ? 
_reflns_shell.Rmerge_F_gt                 ? 
_reflns_shell.Rmerge_I_gt                 ? 
_reflns_shell.pdbx_redundancy             ? 
_reflns_shell.pdbx_Rsym_value             ? 
_reflns_shell.pdbx_chi_squared            ? 
_reflns_shell.pdbx_netI_over_sigmaI_all   ? 
_reflns_shell.pdbx_netI_over_sigmaI_obs   ? 
_reflns_shell.pdbx_Rrim_I_all             ? 
_reflns_shell.pdbx_Rpim_I_all             ? 
_reflns_shell.pdbx_rejects                ? 
_reflns_shell.pdbx_ordinal                1 
_reflns_shell.pdbx_diffrn_id              1 
_reflns_shell.pdbx_CC_half                ? 
_reflns_shell.pdbx_R_split                ? 
# 
_refine.pdbx_refine_id                           'X-RAY DIFFRACTION' 
_refine.entry_id                                 6C4S 
_refine.pdbx_diffrn_id                           1 
_refine.pdbx_TLS_residual_ADP_flag               ? 
_refine.ls_number_reflns_obs                     20257 
_refine.ls_number_reflns_all                     ? 
_refine.pdbx_ls_sigma_I                          ? 
_refine.pdbx_ls_sigma_F                          ? 
_refine.pdbx_data_cutoff_high_absF               ? 
_refine.pdbx_data_cutoff_low_absF                ? 
_refine.pdbx_data_cutoff_high_rms_absF           ? 
_refine.ls_d_res_low                             57.68 
_refine.ls_d_res_high                            1.50 
_refine.ls_percent_reflns_obs                    95.92 
_refine.ls_R_factor_obs                          0.18912 
_refine.ls_R_factor_all                          ? 
_refine.ls_R_factor_R_work                       0.18717 
_refine.ls_R_factor_R_free                       0.22626 
_refine.ls_R_factor_R_free_error                 ? 
_refine.ls_R_factor_R_free_error_details         ? 
_refine.ls_percent_reflns_R_free                 4.9 
_refine.ls_number_reflns_R_free                  1046 
_refine.ls_number_parameters                     ? 
_refine.ls_number_restraints                     ? 
_refine.occupancy_min                            ? 
_refine.occupancy_max                            ? 
_refine.correlation_coeff_Fo_to_Fc               0.967 
_refine.correlation_coeff_Fo_to_Fc_free          0.949 
_refine.B_iso_mean                               25.734 
_refine.aniso_B[1][1]                            1.06 
_refine.aniso_B[2][2]                            0.03 
_refine.aniso_B[3][3]                            -0.91 
_refine.aniso_B[1][2]                            0.00 
_refine.aniso_B[1][3]                            -0.85 
_refine.aniso_B[2][3]                            0.00 
_refine.solvent_model_details                    MASK 
_refine.solvent_model_param_ksol                 ? 
_refine.solvent_model_param_bsol                 ? 
_refine.pdbx_solvent_vdw_probe_radii             1.20 
_refine.pdbx_solvent_ion_probe_radii             0.80 
_refine.pdbx_solvent_shrinkage_radii             0.80 
_refine.pdbx_ls_cross_valid_method               THROUGHOUT 
_refine.details                                  'HYDROGENS HAVE BEEN ADDED IN THE RIDING POSITIONS' 
_refine.pdbx_starting_model                      ? 
_refine.pdbx_method_to_determine_struct          ? 
_refine.pdbx_isotropic_thermal_model             ? 
_refine.pdbx_stereochemistry_target_values       'MAXIMUM LIKELIHOOD' 
_refine.pdbx_stereochem_target_val_spec_case     ? 
_refine.pdbx_R_Free_selection_details            RANDOM 
_refine.pdbx_overall_ESU_R                       0.085 
_refine.pdbx_overall_ESU_R_Free                  0.089 
_refine.overall_SU_ML                            0.087 
_refine.pdbx_overall_phase_error                 ? 
_refine.overall_SU_B                             2.511 
_refine.overall_SU_R_Cruickshank_DPI             ? 
_refine.pdbx_overall_SU_R_free_Cruickshank_DPI   ? 
_refine.pdbx_overall_SU_R_Blow_DPI               ? 
_refine.pdbx_overall_SU_R_free_Blow_DPI          ? 
# 
_refine_hist.pdbx_refine_id                   'X-RAY DIFFRACTION' 
_refine_hist.cycle_id                         1 
_refine_hist.pdbx_number_atoms_protein        1156 
_refine_hist.pdbx_number_atoms_nucleic_acid   0 
_refine_hist.pdbx_number_atoms_ligand         2 
_refine_hist.number_atoms_solvent             141 
_refine_hist.number_atoms_total               1299 
_refine_hist.d_res_high                       1.50 
_refine_hist.d_res_low                        57.68 
# 
loop_
_refine_ls_restr.type 
_refine_ls_restr.dev_ideal 
_refine_ls_restr.dev_ideal_target 
_refine_ls_restr.weight 
_refine_ls_restr.number 
_refine_ls_restr.pdbx_refine_id 
_refine_ls_restr.pdbx_restraint_function 
r_bond_refined_d             0.019  0.020  ? 1194 'X-RAY DIFFRACTION' ? 
r_bond_other_d               0.002  0.020  ? 1052 'X-RAY DIFFRACTION' ? 
r_angle_refined_deg          1.950  1.980  ? 1639 'X-RAY DIFFRACTION' ? 
r_angle_other_deg            1.076  3.000  ? 2462 'X-RAY DIFFRACTION' ? 
r_dihedral_angle_1_deg       6.831  5.000  ? 146  'X-RAY DIFFRACTION' ? 
r_dihedral_angle_2_deg       39.012 24.400 ? 50   'X-RAY DIFFRACTION' ? 
r_dihedral_angle_3_deg       12.815 15.000 ? 172  'X-RAY DIFFRACTION' ? 
r_dihedral_angle_4_deg       19.323 15.000 ? 4    'X-RAY DIFFRACTION' ? 
r_chiral_restr               0.110  0.200  ? 178  'X-RAY DIFFRACTION' ? 
r_gen_planes_refined         0.011  0.021  ? 1322 'X-RAY DIFFRACTION' ? 
r_gen_planes_other           0.002  0.020  ? 230  'X-RAY DIFFRACTION' ? 
r_nbd_refined                ?      ?      ? ?    'X-RAY DIFFRACTION' ? 
r_nbd_other                  ?      ?      ? ?    'X-RAY DIFFRACTION' ? 
r_nbtor_refined              ?      ?      ? ?    'X-RAY DIFFRACTION' ? 
r_nbtor_other                ?      ?      ? ?    'X-RAY DIFFRACTION' ? 
r_xyhbond_nbd_refined        ?      ?      ? ?    'X-RAY DIFFRACTION' ? 
r_xyhbond_nbd_other          ?      ?      ? ?    'X-RAY DIFFRACTION' ? 
r_metal_ion_refined          ?      ?      ? ?    'X-RAY DIFFRACTION' ? 
r_metal_ion_other            ?      ?      ? ?    'X-RAY DIFFRACTION' ? 
r_symmetry_vdw_refined       ?      ?      ? ?    'X-RAY DIFFRACTION' ? 
r_symmetry_vdw_other         ?      ?      ? ?    'X-RAY DIFFRACTION' ? 
r_symmetry_hbond_refined     ?      ?      ? ?    'X-RAY DIFFRACTION' ? 
r_symmetry_hbond_other       ?      ?      ? ?    'X-RAY DIFFRACTION' ? 
r_symmetry_metal_ion_refined ?      ?      ? ?    'X-RAY DIFFRACTION' ? 
r_symmetry_metal_ion_other   ?      ?      ? ?    'X-RAY DIFFRACTION' ? 
r_mcbond_it                  2.594  2.362  ? 590  'X-RAY DIFFRACTION' ? 
r_mcbond_other               2.582  2.360  ? 589  'X-RAY DIFFRACTION' ? 
r_mcangle_it                 4.044  3.524  ? 734  'X-RAY DIFFRACTION' ? 
r_mcangle_other              4.043  3.527  ? 735  'X-RAY DIFFRACTION' ? 
r_scbond_it                  3.250  2.627  ? 604  'X-RAY DIFFRACTION' ? 
r_scbond_other               3.247  2.628  ? 604  'X-RAY DIFFRACTION' ? 
r_scangle_it                 ?      ?      ? ?    'X-RAY DIFFRACTION' ? 
r_scangle_other              4.883  3.840  ? 905  'X-RAY DIFFRACTION' ? 
r_long_range_B_refined       7.528  29.004 ? 1353 'X-RAY DIFFRACTION' ? 
r_long_range_B_other         7.440  28.448 ? 1319 'X-RAY DIFFRACTION' ? 
r_rigid_bond_restr           ?      ?      ? ?    'X-RAY DIFFRACTION' ? 
r_sphericity_free            ?      ?      ? ?    'X-RAY DIFFRACTION' ? 
r_sphericity_bonded          ?      ?      ? ?    'X-RAY DIFFRACTION' ? 
# 
_refine_ls_shell.pdbx_refine_id                   'X-RAY DIFFRACTION' 
_refine_ls_shell.pdbx_total_number_of_bins_used   20 
_refine_ls_shell.d_res_high                       1.500 
_refine_ls_shell.d_res_low                        1.539 
_refine_ls_shell.number_reflns_R_work             1479 
_refine_ls_shell.R_factor_R_work                  0.307 
_refine_ls_shell.percent_reflns_obs               95.06 
_refine_ls_shell.R_factor_R_free                  0.313 
_refine_ls_shell.R_factor_R_free_error            ? 
_refine_ls_shell.percent_reflns_R_free            ? 
_refine_ls_shell.number_reflns_R_free             59 
_refine_ls_shell.number_reflns_all                ? 
_refine_ls_shell.R_factor_all                     ? 
_refine_ls_shell.R_factor_obs                     ? 
_refine_ls_shell.number_reflns_obs                ? 
# 
_struct.entry_id                     6C4S 
_struct.title                        'Human cSrc SH3 Domain in complex with Choline Kinase fragment 60-69' 
_struct.pdbx_model_details           ? 
_struct.pdbx_formula_weight          ? 
_struct.pdbx_formula_weight_method   ? 
_struct.pdbx_model_type_details      ? 
_struct.pdbx_CASP_flag               N 
# 
_struct_keywords.entry_id        6C4S 
_struct_keywords.text            'enzyme, non-receptor tyrosine kinase, PEPTIDE BINDING PROTEIN, TRANSFERASE' 
_struct_keywords.pdbx_keywords   'TRANSFERASE, PEPTIDE BINDING PROTEIN' 
# 
loop_
_struct_asym.id 
_struct_asym.pdbx_blank_PDB_chainid_flag 
_struct_asym.pdbx_modified 
_struct_asym.entity_id 
_struct_asym.details 
A N N 1 ? 
B N N 1 ? 
C N N 2 ? 
D N N 2 ? 
E N N 3 ? 
F N N 3 ? 
# 
loop_
_struct_ref.id 
_struct_ref.db_name 
_struct_ref.db_code 
_struct_ref.pdbx_db_accession 
_struct_ref.pdbx_db_isoform 
_struct_ref.entity_id 
_struct_ref.pdbx_seq_one_letter_code 
_struct_ref.pdbx_align_begin 
1 UNP SRC_HUMAN P12931 ? 1 TTFVALYDYESRTETDLSFKKGERLQIVNNTEGDWWLAHSLSTGQTGYIPSNYVAPSD 87 
2 PDB 6C4S      6C4S   ? 1 ?                                                          61 
# 
loop_
_struct_ref_seq.align_id 
_struct_ref_seq.ref_id 
_struct_ref_seq.pdbx_PDB_id_code 
_struct_ref_seq.pdbx_strand_id 
_struct_ref_seq.seq_align_beg 
_struct_ref_seq.pdbx_seq_align_beg_ins_code 
_struct_ref_seq.seq_align_end 
_struct_ref_seq.pdbx_seq_align_end_ins_code 
_struct_ref_seq.pdbx_db_accession 
_struct_ref_seq.db_align_beg 
_struct_ref_seq.pdbx_db_align_beg_ins_code 
_struct_ref_seq.db_align_end 
_struct_ref_seq.pdbx_db_align_end_ins_code 
_struct_ref_seq.pdbx_auth_seq_align_beg 
_struct_ref_seq.pdbx_auth_seq_align_end 
1 1 6C4S A 3  ? 60 ? P12931 87  ? 144 ? 87  144 
2 2 6C4S A 61 ? 74 ? 6C4S   145 ? 158 ? 145 158 
3 1 6C4S B 3  ? 60 ? P12931 87  ? 144 ? 87  144 
4 2 6C4S B 61 ? 74 ? 6C4S   145 ? 158 ? 145 158 
# 
loop_
_struct_ref_seq_dif.align_id 
_struct_ref_seq_dif.pdbx_pdb_id_code 
_struct_ref_seq_dif.mon_id 
_struct_ref_seq_dif.pdbx_pdb_strand_id 
_struct_ref_seq_dif.seq_num 
_struct_ref_seq_dif.pdbx_pdb_ins_code 
_struct_ref_seq_dif.pdbx_seq_db_name 
_struct_ref_seq_dif.pdbx_seq_db_accession_code 
_struct_ref_seq_dif.db_mon_id 
_struct_ref_seq_dif.pdbx_seq_db_seq_num 
_struct_ref_seq_dif.details 
_struct_ref_seq_dif.pdbx_auth_seq_num 
_struct_ref_seq_dif.pdbx_ordinal 
1 6C4S HIS A 1 ? UNP P12931 ? ? 'expression tag' 85 1 
1 6C4S MET A 2 ? UNP P12931 ? ? 'expression tag' 86 2 
3 6C4S HIS B 1 ? UNP P12931 ? ? 'expression tag' 85 3 
3 6C4S MET B 2 ? UNP P12931 ? ? 'expression tag' 86 4 
# 
_pdbx_struct_assembly.id                   1 
_pdbx_struct_assembly.details              author_and_software_defined_assembly 
_pdbx_struct_assembly.method_details       PISA 
_pdbx_struct_assembly.oligomeric_details   dimeric 
_pdbx_struct_assembly.oligomeric_count     2 
# 
loop_
_pdbx_struct_assembly_prop.biol_id 
_pdbx_struct_assembly_prop.type 
_pdbx_struct_assembly_prop.value 
_pdbx_struct_assembly_prop.details 
1 'ABSA (A^2)' 2280 ? 
1 MORE         -49  ? 
1 'SSA (A^2)'  9270 ? 
# 
_pdbx_struct_assembly_gen.assembly_id       1 
_pdbx_struct_assembly_gen.oper_expression   1 
_pdbx_struct_assembly_gen.asym_id_list      A,B,C,D,E,F 
# 
_pdbx_struct_assembly_auth_evidence.id                     1 
_pdbx_struct_assembly_auth_evidence.assembly_id            1 
_pdbx_struct_assembly_auth_evidence.experimental_support   none 
_pdbx_struct_assembly_auth_evidence.details                'Dimer is crystallographic in nature' 
# 
_pdbx_struct_oper_list.id                   1 
_pdbx_struct_oper_list.type                 'identity operation' 
_pdbx_struct_oper_list.name                 1_555 
_pdbx_struct_oper_list.symmetry_operation   x,y,z 
_pdbx_struct_oper_list.matrix[1][1]         1.0000000000 
_pdbx_struct_oper_list.matrix[1][2]         0.0000000000 
_pdbx_struct_oper_list.matrix[1][3]         0.0000000000 
_pdbx_struct_oper_list.vector[1]            0.0000000000 
_pdbx_struct_oper_list.matrix[2][1]         0.0000000000 
_pdbx_struct_oper_list.matrix[2][2]         1.0000000000 
_pdbx_struct_oper_list.matrix[2][3]         0.0000000000 
_pdbx_struct_oper_list.vector[2]            0.0000000000 
_pdbx_struct_oper_list.matrix[3][1]         0.0000000000 
_pdbx_struct_oper_list.matrix[3][2]         0.0000000000 
_pdbx_struct_oper_list.matrix[3][3]         1.0000000000 
_pdbx_struct_oper_list.vector[3]            0.0000000000 
# 
loop_
_struct_conn.id 
_struct_conn.conn_type_id 
_struct_conn.pdbx_leaving_atom_flag 
_struct_conn.pdbx_PDB_id 
_struct_conn.ptnr1_label_asym_id 
_struct_conn.ptnr1_label_comp_id 
_struct_conn.ptnr1_label_seq_id 
_struct_conn.ptnr1_label_atom_id 
_struct_conn.pdbx_ptnr1_label_alt_id 
_struct_conn.pdbx_ptnr1_PDB_ins_code 
_struct_conn.pdbx_ptnr1_standard_comp_id 
_struct_conn.ptnr1_symmetry 
_struct_conn.ptnr2_label_asym_id 
_struct_conn.ptnr2_label_comp_id 
_struct_conn.ptnr2_label_seq_id 
_struct_conn.ptnr2_label_atom_id 
_struct_conn.pdbx_ptnr2_label_alt_id 
_struct_conn.pdbx_ptnr2_PDB_ins_code 
_struct_conn.ptnr1_auth_asym_id 
_struct_conn.ptnr1_auth_comp_id 
_struct_conn.ptnr1_auth_seq_id 
_struct_conn.ptnr2_auth_asym_id 
_struct_conn.ptnr2_auth_comp_id 
_struct_conn.ptnr2_auth_seq_id 
_struct_conn.ptnr2_symmetry 
_struct_conn.pdbx_ptnr3_label_atom_id 
_struct_conn.pdbx_ptnr3_label_seq_id 
_struct_conn.pdbx_ptnr3_label_comp_id 
_struct_conn.pdbx_ptnr3_label_asym_id 
_struct_conn.pdbx_ptnr3_label_alt_id 
_struct_conn.pdbx_ptnr3_PDB_ins_code 
_struct_conn.details 
_struct_conn.pdbx_dist_value 
_struct_conn.pdbx_value_order 
_struct_conn.pdbx_role 
metalc1  metalc ? ? A HIS 1  N   ? ? ? 1_555 C ZN  .  ZN  ? ? A HIS 85  A ZN  201 1_555 ? ? ? ? ? ? ? 1.998 ? ? 
metalc2  metalc ? ? A HIS 1  O   ? ? ? 1_555 C ZN  .  ZN  ? ? A HIS 85  A ZN  201 1_555 ? ? ? ? ? ? ? 2.543 ? ? 
metalc3  metalc ? ? A HIS 1  ND1 ? ? ? 1_555 C ZN  .  ZN  ? ? A HIS 85  A ZN  201 1_555 ? ? ? ? ? ? ? 1.914 ? ? 
metalc4  metalc ? ? A GLU 12 OE1 ? ? ? 1_555 D ZN  .  ZN  ? ? A GLU 96  B ZN  201 2_555 ? ? ? ? ? ? ? 2.127 ? ? 
metalc5  metalc ? ? A HIS 41 NE2 ? ? ? 1_555 D ZN  .  ZN  ? ? A HIS 125 B ZN  201 1_565 ? ? ? ? ? ? ? 1.951 ? ? 
metalc6  metalc ? ? C ZN  .  ZN  ? ? ? 2_646 B GLU 12 OE1 ? ? A ZN  201 B GLU 96  1_555 ? ? ? ? ? ? ? 2.080 ? ? 
metalc7  metalc ? ? C ZN  .  ZN  ? ? ? 1_545 B HIS 41 NE2 ? ? A ZN  201 B HIS 125 1_555 ? ? ? ? ? ? ? 2.050 ? ? 
metalc8  metalc ? ? B HIS 1  N   ? ? ? 1_555 D ZN  .  ZN  ? ? B HIS 85  B ZN  201 1_555 ? ? ? ? ? ? ? 1.830 ? ? 
metalc9  metalc ? ? B HIS 1  O   ? ? ? 1_555 D ZN  .  ZN  ? ? B HIS 85  B ZN  201 1_555 ? ? ? ? ? ? ? 2.478 ? ? 
metalc10 metalc ? ? B HIS 1  ND1 ? ? ? 1_555 D ZN  .  ZN  ? ? B HIS 85  B ZN  201 1_555 ? ? ? ? ? ? ? 1.913 ? ? 
# 
_struct_conn_type.id          metalc 
_struct_conn_type.criteria    ? 
_struct_conn_type.reference   ? 
# 
loop_
_pdbx_struct_conn_angle.id 
_pdbx_struct_conn_angle.ptnr1_label_atom_id 
_pdbx_struct_conn_angle.ptnr1_label_alt_id 
_pdbx_struct_conn_angle.ptnr1_label_asym_id 
_pdbx_struct_conn_angle.ptnr1_label_comp_id 
_pdbx_struct_conn_angle.ptnr1_label_seq_id 
_pdbx_struct_conn_angle.ptnr1_auth_atom_id 
_pdbx_struct_conn_angle.ptnr1_auth_asym_id 
_pdbx_struct_conn_angle.ptnr1_auth_comp_id 
_pdbx_struct_conn_angle.ptnr1_auth_seq_id 
_pdbx_struct_conn_angle.ptnr1_PDB_ins_code 
_pdbx_struct_conn_angle.ptnr1_symmetry 
_pdbx_struct_conn_angle.ptnr2_label_atom_id 
_pdbx_struct_conn_angle.ptnr2_label_alt_id 
_pdbx_struct_conn_angle.ptnr2_label_asym_id 
_pdbx_struct_conn_angle.ptnr2_label_comp_id 
_pdbx_struct_conn_angle.ptnr2_label_seq_id 
_pdbx_struct_conn_angle.ptnr2_auth_atom_id 
_pdbx_struct_conn_angle.ptnr2_auth_asym_id 
_pdbx_struct_conn_angle.ptnr2_auth_comp_id 
_pdbx_struct_conn_angle.ptnr2_auth_seq_id 
_pdbx_struct_conn_angle.ptnr2_PDB_ins_code 
_pdbx_struct_conn_angle.ptnr2_symmetry 
_pdbx_struct_conn_angle.ptnr3_label_atom_id 
_pdbx_struct_conn_angle.ptnr3_label_alt_id 
_pdbx_struct_conn_angle.ptnr3_label_asym_id 
_pdbx_struct_conn_angle.ptnr3_label_comp_id 
_pdbx_struct_conn_angle.ptnr3_label_seq_id 
_pdbx_struct_conn_angle.ptnr3_auth_atom_id 
_pdbx_struct_conn_angle.ptnr3_auth_asym_id 
_pdbx_struct_conn_angle.ptnr3_auth_comp_id 
_pdbx_struct_conn_angle.ptnr3_auth_seq_id 
_pdbx_struct_conn_angle.ptnr3_PDB_ins_code 
_pdbx_struct_conn_angle.ptnr3_symmetry 
_pdbx_struct_conn_angle.value 
_pdbx_struct_conn_angle.value_esd 
1  N   ? A HIS 1  ? A HIS 85  ? 1_555 ZN ? C ZN . ? A ZN 201 ? 1_555 O   ? A HIS 1  ? A HIS 85  ? 1_555 70.5  ? 
2  N   ? A HIS 1  ? A HIS 85  ? 1_555 ZN ? C ZN . ? A ZN 201 ? 1_555 ND1 ? A HIS 1  ? A HIS 85  ? 1_555 99.7  ? 
3  O   ? A HIS 1  ? A HIS 85  ? 1_555 ZN ? C ZN . ? A ZN 201 ? 1_555 ND1 ? A HIS 1  ? A HIS 85  ? 1_555 77.5  ? 
4  N   ? A HIS 1  ? A HIS 85  ? 1_555 ZN ? C ZN . ? A ZN 201 ? 1_555 OE1 ? B GLU 12 ? B GLU 96  ? 1_555 136.2 ? 
5  O   ? A HIS 1  ? A HIS 85  ? 1_555 ZN ? C ZN . ? A ZN 201 ? 1_555 OE1 ? B GLU 12 ? B GLU 96  ? 1_555 148.0 ? 
6  ND1 ? A HIS 1  ? A HIS 85  ? 1_555 ZN ? C ZN . ? A ZN 201 ? 1_555 OE1 ? B GLU 12 ? B GLU 96  ? 1_555 79.9  ? 
7  N   ? A HIS 1  ? A HIS 85  ? 1_555 ZN ? C ZN . ? A ZN 201 ? 1_555 NE2 ? B HIS 41 ? B HIS 125 ? 1_555 136.0 ? 
8  O   ? A HIS 1  ? A HIS 85  ? 1_555 ZN ? C ZN . ? A ZN 201 ? 1_555 NE2 ? B HIS 41 ? B HIS 125 ? 1_555 116.2 ? 
9  ND1 ? A HIS 1  ? A HIS 85  ? 1_555 ZN ? C ZN . ? A ZN 201 ? 1_555 NE2 ? B HIS 41 ? B HIS 125 ? 1_555 46.9  ? 
10 OE1 ? B GLU 12 ? B GLU 96  ? 1_555 ZN ? C ZN . ? A ZN 201 ? 1_555 NE2 ? B HIS 41 ? B HIS 125 ? 1_555 34.5  ? 
11 OE1 ? A GLU 12 ? A GLU 96  ? 1_555 ZN ? D ZN . ? B ZN 201 ? 2_555 NE2 ? A HIS 41 ? A HIS 125 ? 1_555 32.8  ? 
12 OE1 ? A GLU 12 ? A GLU 96  ? 1_555 ZN ? D ZN . ? B ZN 201 ? 2_555 N   ? B HIS 1  ? B HIS 85  ? 1_555 78.8  ? 
13 NE2 ? A HIS 41 ? A HIS 125 ? 1_555 ZN ? D ZN . ? B ZN 201 ? 2_555 N   ? B HIS 1  ? B HIS 85  ? 1_555 101.8 ? 
14 OE1 ? A GLU 12 ? A GLU 96  ? 1_555 ZN ? D ZN . ? B ZN 201 ? 2_555 O   ? B HIS 1  ? B HIS 85  ? 1_555 74.2  ? 
15 NE2 ? A HIS 41 ? A HIS 125 ? 1_555 ZN ? D ZN . ? B ZN 201 ? 2_555 O   ? B HIS 1  ? B HIS 85  ? 1_555 98.4  ? 
16 N   ? B HIS 1  ? B HIS 85  ? 1_555 ZN ? D ZN . ? B ZN 201 ? 2_555 O   ? B HIS 1  ? B HIS 85  ? 1_555 5.2   ? 
17 OE1 ? A GLU 12 ? A GLU 96  ? 1_555 ZN ? D ZN . ? B ZN 201 ? 2_555 ND1 ? B HIS 1  ? B HIS 85  ? 1_555 73.6  ? 
18 NE2 ? A HIS 41 ? A HIS 125 ? 1_555 ZN ? D ZN . ? B ZN 201 ? 2_555 ND1 ? B HIS 1  ? B HIS 85  ? 1_555 96.6  ? 
19 N   ? B HIS 1  ? B HIS 85  ? 1_555 ZN ? D ZN . ? B ZN 201 ? 2_555 ND1 ? B HIS 1  ? B HIS 85  ? 1_555 5.3   ? 
20 O   ? B HIS 1  ? B HIS 85  ? 1_555 ZN ? D ZN . ? B ZN 201 ? 2_555 ND1 ? B HIS 1  ? B HIS 85  ? 1_555 3.4   ? 
# 
_struct_mon_prot_cis.pdbx_id                1 
_struct_mon_prot_cis.label_comp_id          LEU 
_struct_mon_prot_cis.label_seq_id           70 
_struct_mon_prot_cis.label_asym_id          B 
_struct_mon_prot_cis.label_alt_id           . 
_struct_mon_prot_cis.pdbx_PDB_ins_code      ? 
_struct_mon_prot_cis.auth_comp_id           LEU 
_struct_mon_prot_cis.auth_seq_id            154 
_struct_mon_prot_cis.auth_asym_id           B 
_struct_mon_prot_cis.pdbx_label_comp_id_2   PRO 
_struct_mon_prot_cis.pdbx_label_seq_id_2    71 
_struct_mon_prot_cis.pdbx_label_asym_id_2   B 
_struct_mon_prot_cis.pdbx_PDB_ins_code_2    ? 
_struct_mon_prot_cis.pdbx_auth_comp_id_2    PRO 
_struct_mon_prot_cis.pdbx_auth_seq_id_2     155 
_struct_mon_prot_cis.pdbx_auth_asym_id_2    B 
_struct_mon_prot_cis.pdbx_PDB_model_num     1 
_struct_mon_prot_cis.pdbx_omega_angle       0.05 
# 
loop_
_struct_sheet.id 
_struct_sheet.type 
_struct_sheet.number_strands 
_struct_sheet.details 
AA1 ? 5 ? 
AA2 ? 5 ? 
# 
loop_
_struct_sheet_order.sheet_id 
_struct_sheet_order.range_id_1 
_struct_sheet_order.range_id_2 
_struct_sheet_order.offset 
_struct_sheet_order.sense 
AA1 1 2 ? anti-parallel 
AA1 2 3 ? anti-parallel 
AA1 3 4 ? anti-parallel 
AA1 4 5 ? anti-parallel 
AA2 1 2 ? anti-parallel 
AA2 2 3 ? anti-parallel 
AA2 3 4 ? anti-parallel 
AA2 4 5 ? anti-parallel 
# 
loop_
_struct_sheet_range.sheet_id 
_struct_sheet_range.id 
_struct_sheet_range.beg_label_comp_id 
_struct_sheet_range.beg_label_asym_id 
_struct_sheet_range.beg_label_seq_id 
_struct_sheet_range.pdbx_beg_PDB_ins_code 
_struct_sheet_range.end_label_comp_id 
_struct_sheet_range.end_label_asym_id 
_struct_sheet_range.end_label_seq_id 
_struct_sheet_range.pdbx_end_PDB_ins_code 
_struct_sheet_range.beg_auth_comp_id 
_struct_sheet_range.beg_auth_asym_id 
_struct_sheet_range.beg_auth_seq_id 
_struct_sheet_range.end_auth_comp_id 
_struct_sheet_range.end_auth_asym_id 
_struct_sheet_range.end_auth_seq_id 
AA1 1 THR A 48 ? PRO A 52 ? THR A 132 PRO A 136 
AA1 2 TRP A 37 ? SER A 42 ? TRP A 121 SER A 126 
AA1 3 ARG A 26 ? ASN A 31 ? ARG A 110 ASN A 115 
AA1 4 PHE A 5  ? ALA A 7  ? PHE A 89  ALA A 91  
AA1 5 VAL A 56 ? PRO A 58 ? VAL A 140 PRO A 142 
AA2 1 THR B 48 ? PRO B 52 ? THR B 132 PRO B 136 
AA2 2 TRP B 37 ? SER B 42 ? TRP B 121 SER B 126 
AA2 3 ARG B 26 ? ASN B 31 ? ARG B 110 ASN B 115 
AA2 4 PHE B 5  ? ALA B 7  ? PHE B 89  ALA B 91  
AA2 5 VAL B 56 ? PRO B 58 ? VAL B 140 PRO B 142 
# 
loop_
_pdbx_struct_sheet_hbond.sheet_id 
_pdbx_struct_sheet_hbond.range_id_1 
_pdbx_struct_sheet_hbond.range_id_2 
_pdbx_struct_sheet_hbond.range_1_label_atom_id 
_pdbx_struct_sheet_hbond.range_1_label_comp_id 
_pdbx_struct_sheet_hbond.range_1_label_asym_id 
_pdbx_struct_sheet_hbond.range_1_label_seq_id 
_pdbx_struct_sheet_hbond.range_1_PDB_ins_code 
_pdbx_struct_sheet_hbond.range_1_auth_atom_id 
_pdbx_struct_sheet_hbond.range_1_auth_comp_id 
_pdbx_struct_sheet_hbond.range_1_auth_asym_id 
_pdbx_struct_sheet_hbond.range_1_auth_seq_id 
_pdbx_struct_sheet_hbond.range_2_label_atom_id 
_pdbx_struct_sheet_hbond.range_2_label_comp_id 
_pdbx_struct_sheet_hbond.range_2_label_asym_id 
_pdbx_struct_sheet_hbond.range_2_label_seq_id 
_pdbx_struct_sheet_hbond.range_2_PDB_ins_code 
_pdbx_struct_sheet_hbond.range_2_auth_atom_id 
_pdbx_struct_sheet_hbond.range_2_auth_comp_id 
_pdbx_struct_sheet_hbond.range_2_auth_asym_id 
_pdbx_struct_sheet_hbond.range_2_auth_seq_id 
AA1 1 2 O ILE A 51 ? O ILE A 135 N TRP A 38 ? N TRP A 122 
AA1 2 3 O HIS A 41 ? O HIS A 125 N GLN A 28 ? N GLN A 112 
AA1 3 4 O LEU A 27 ? O LEU A 111 N PHE A 5  ? N PHE A 89  
AA1 4 5 N VAL A 6  ? N VAL A 90  O ALA A 57 ? O ALA A 141 
AA2 1 2 O GLY B 49 ? O GLY B 133 N ALA B 40 ? N ALA B 124 
AA2 2 3 O HIS B 41 ? O HIS B 125 N GLN B 28 ? N GLN B 112 
AA2 3 4 O LEU B 27 ? O LEU B 111 N PHE B 5  ? N PHE B 89  
AA2 4 5 N VAL B 6  ? N VAL B 90  O ALA B 57 ? O ALA B 141 
# 
loop_
_struct_site.id 
_struct_site.pdbx_evidence_code 
_struct_site.pdbx_auth_asym_id 
_struct_site.pdbx_auth_comp_id 
_struct_site.pdbx_auth_seq_id 
_struct_site.pdbx_auth_ins_code 
_struct_site.pdbx_num_residues 
_struct_site.details 
AC1 Software A ZN 201 ? 2 'binding site for residue ZN A 201' 
AC2 Software B ZN 201 ? 2 'binding site for residue ZN B 201' 
# 
loop_
_struct_site_gen.id 
_struct_site_gen.site_id 
_struct_site_gen.pdbx_num_res 
_struct_site_gen.label_comp_id 
_struct_site_gen.label_asym_id 
_struct_site_gen.label_seq_id 
_struct_site_gen.pdbx_auth_ins_code 
_struct_site_gen.auth_comp_id 
_struct_site_gen.auth_asym_id 
_struct_site_gen.auth_seq_id 
_struct_site_gen.label_atom_id 
_struct_site_gen.label_alt_id 
_struct_site_gen.symmetry 
_struct_site_gen.details 
1 AC1 2 HIS A 1  ? HIS A 85  . ? 1_555 ? 
2 AC1 2 HIS B 41 ? HIS B 125 . ? 1_565 ? 
3 AC2 2 HIS A 41 ? HIS A 125 . ? 1_545 ? 
4 AC2 2 HIS B 1  ? HIS B 85  . ? 1_555 ? 
# 
loop_
_pdbx_validate_close_contact.id 
_pdbx_validate_close_contact.PDB_model_num 
_pdbx_validate_close_contact.auth_atom_id_1 
_pdbx_validate_close_contact.auth_asym_id_1 
_pdbx_validate_close_contact.auth_comp_id_1 
_pdbx_validate_close_contact.auth_seq_id_1 
_pdbx_validate_close_contact.PDB_ins_code_1 
_pdbx_validate_close_contact.label_alt_id_1 
_pdbx_validate_close_contact.auth_atom_id_2 
_pdbx_validate_close_contact.auth_asym_id_2 
_pdbx_validate_close_contact.auth_comp_id_2 
_pdbx_validate_close_contact.auth_seq_id_2 
_pdbx_validate_close_contact.PDB_ins_code_2 
_pdbx_validate_close_contact.label_alt_id_2 
_pdbx_validate_close_contact.dist 
1 1 O  A HOH 359 ? ? O A HOH 367 ? ? 1.91 
2 1 O  A HOH 361 ? ? O B HOH 304 ? ? 1.95 
3 1 O  A PRO 151 ? ? O A HOH 301 ? ? 2.01 
4 1 O  A HOH 332 ? ? O A HOH 339 ? ? 2.02 
5 1 O  A HOH 333 ? ? O A HOH 339 ? ? 2.10 
6 1 CB B GLU 118 ? ? O B HOH 308 ? ? 2.10 
7 1 O  A HOH 338 ? ? O A HOH 353 ? ? 2.18 
# 
loop_
_pdbx_validate_symm_contact.id 
_pdbx_validate_symm_contact.PDB_model_num 
_pdbx_validate_symm_contact.auth_atom_id_1 
_pdbx_validate_symm_contact.auth_asym_id_1 
_pdbx_validate_symm_contact.auth_comp_id_1 
_pdbx_validate_symm_contact.auth_seq_id_1 
_pdbx_validate_symm_contact.PDB_ins_code_1 
_pdbx_validate_symm_contact.label_alt_id_1 
_pdbx_validate_symm_contact.site_symmetry_1 
_pdbx_validate_symm_contact.auth_atom_id_2 
_pdbx_validate_symm_contact.auth_asym_id_2 
_pdbx_validate_symm_contact.auth_comp_id_2 
_pdbx_validate_symm_contact.auth_seq_id_2 
_pdbx_validate_symm_contact.PDB_ins_code_2 
_pdbx_validate_symm_contact.label_alt_id_2 
_pdbx_validate_symm_contact.site_symmetry_2 
_pdbx_validate_symm_contact.dist 
1 1 CD2 A LEU 154 ? ? 1_555 O B HOH 358 ? ? 2_556 1.65 
2 1 O   B HOH 342 ? ? 1_555 O B HOH 348 ? ? 2_656 2.07 
3 1 O   A HOH 347 ? ? 1_555 O B HOH 363 ? ? 1_655 2.14 
4 1 O   A HOH 357 ? ? 1_555 O A HOH 361 ? ? 2_555 2.15 
5 1 O   A HOH 340 ? ? 1_555 O B HOH 344 ? ? 1_565 2.18 
# 
_pdbx_validate_rmsd_bond.id                        1 
_pdbx_validate_rmsd_bond.PDB_model_num             1 
_pdbx_validate_rmsd_bond.auth_atom_id_1            N 
_pdbx_validate_rmsd_bond.auth_asym_id_1            A 
_pdbx_validate_rmsd_bond.auth_comp_id_1            LEU 
_pdbx_validate_rmsd_bond.auth_seq_id_1             156 
_pdbx_validate_rmsd_bond.PDB_ins_code_1            ? 
_pdbx_validate_rmsd_bond.label_alt_id_1            ? 
_pdbx_validate_rmsd_bond.auth_atom_id_2            CA 
_pdbx_validate_rmsd_bond.auth_asym_id_2            A 
_pdbx_validate_rmsd_bond.auth_comp_id_2            LEU 
_pdbx_validate_rmsd_bond.auth_seq_id_2             156 
_pdbx_validate_rmsd_bond.PDB_ins_code_2            ? 
_pdbx_validate_rmsd_bond.label_alt_id_2            ? 
_pdbx_validate_rmsd_bond.bond_value                1.614 
_pdbx_validate_rmsd_bond.bond_target_value         1.459 
_pdbx_validate_rmsd_bond.bond_deviation            0.155 
_pdbx_validate_rmsd_bond.bond_standard_deviation   0.020 
_pdbx_validate_rmsd_bond.linker_flag               N 
# 
loop_
_pdbx_validate_rmsd_angle.id 
_pdbx_validate_rmsd_angle.PDB_model_num 
_pdbx_validate_rmsd_angle.auth_atom_id_1 
_pdbx_validate_rmsd_angle.auth_asym_id_1 
_pdbx_validate_rmsd_angle.auth_comp_id_1 
_pdbx_validate_rmsd_angle.auth_seq_id_1 
_pdbx_validate_rmsd_angle.PDB_ins_code_1 
_pdbx_validate_rmsd_angle.label_alt_id_1 
_pdbx_validate_rmsd_angle.auth_atom_id_2 
_pdbx_validate_rmsd_angle.auth_asym_id_2 
_pdbx_validate_rmsd_angle.auth_comp_id_2 
_pdbx_validate_rmsd_angle.auth_seq_id_2 
_pdbx_validate_rmsd_angle.PDB_ins_code_2 
_pdbx_validate_rmsd_angle.label_alt_id_2 
_pdbx_validate_rmsd_angle.auth_atom_id_3 
_pdbx_validate_rmsd_angle.auth_asym_id_3 
_pdbx_validate_rmsd_angle.auth_comp_id_3 
_pdbx_validate_rmsd_angle.auth_seq_id_3 
_pdbx_validate_rmsd_angle.PDB_ins_code_3 
_pdbx_validate_rmsd_angle.label_alt_id_3 
_pdbx_validate_rmsd_angle.angle_value 
_pdbx_validate_rmsd_angle.angle_target_value 
_pdbx_validate_rmsd_angle.angle_deviation 
_pdbx_validate_rmsd_angle.angle_standard_deviation 
_pdbx_validate_rmsd_angle.linker_flag 
1 1 CB A ASP 94  ? ? CG A ASP 94  ? ? OD1 A ASP 94  ? ? 125.67 118.30 7.37   0.90 N 
2 1 CA A LEU 154 ? ? CB A LEU 154 ? ? CG  A LEU 154 ? ? 101.45 115.30 -13.85 2.30 N 
3 1 C  A PRO 155 ? ? N  A LEU 156 ? ? CA  A LEU 156 ? ? 106.35 121.70 -15.35 2.50 Y 
4 1 CB B ASP 94  ? ? CG B ASP 94  ? ? OD1 B ASP 94  ? ? 125.22 118.30 6.92   0.90 N 
# 
loop_
_pdbx_validate_torsion.id 
_pdbx_validate_torsion.PDB_model_num 
_pdbx_validate_torsion.auth_comp_id 
_pdbx_validate_torsion.auth_asym_id 
_pdbx_validate_torsion.auth_seq_id 
_pdbx_validate_torsion.PDB_ins_code 
_pdbx_validate_torsion.label_alt_id 
_pdbx_validate_torsion.phi 
_pdbx_validate_torsion.psi 
1 1 PRO A 153 ? ? -36.50 141.52  
2 1 LEU A 154 ? ? -38.90 -82.70  
3 1 PRO A 155 ? ? -57.39 -177.78 
# 
loop_
_chem_comp_atom.comp_id 
_chem_comp_atom.atom_id 
_chem_comp_atom.type_symbol 
_chem_comp_atom.pdbx_aromatic_flag 
_chem_comp_atom.pdbx_stereo_config 
_chem_comp_atom.pdbx_ordinal 
ALA N    N  N N 1   
ALA CA   C  N S 2   
ALA C    C  N N 3   
ALA O    O  N N 4   
ALA CB   C  N N 5   
ALA OXT  O  N N 6   
ALA H    H  N N 7   
ALA H2   H  N N 8   
ALA HA   H  N N 9   
ALA HB1  H  N N 10  
ALA HB2  H  N N 11  
ALA HB3  H  N N 12  
ALA HXT  H  N N 13  
ARG N    N  N N 14  
ARG CA   C  N S 15  
ARG C    C  N N 16  
ARG O    O  N N 17  
ARG CB   C  N N 18  
ARG CG   C  N N 19  
ARG CD   C  N N 20  
ARG NE   N  N N 21  
ARG CZ   C  N N 22  
ARG NH1  N  N N 23  
ARG NH2  N  N N 24  
ARG OXT  O  N N 25  
ARG H    H  N N 26  
ARG H2   H  N N 27  
ARG HA   H  N N 28  
ARG HB2  H  N N 29  
ARG HB3  H  N N 30  
ARG HG2  H  N N 31  
ARG HG3  H  N N 32  
ARG HD2  H  N N 33  
ARG HD3  H  N N 34  
ARG HE   H  N N 35  
ARG HH11 H  N N 36  
ARG HH12 H  N N 37  
ARG HH21 H  N N 38  
ARG HH22 H  N N 39  
ARG HXT  H  N N 40  
ASN N    N  N N 41  
ASN CA   C  N S 42  
ASN C    C  N N 43  
ASN O    O  N N 44  
ASN CB   C  N N 45  
ASN CG   C  N N 46  
ASN OD1  O  N N 47  
ASN ND2  N  N N 48  
ASN OXT  O  N N 49  
ASN H    H  N N 50  
ASN H2   H  N N 51  
ASN HA   H  N N 52  
ASN HB2  H  N N 53  
ASN HB3  H  N N 54  
ASN HD21 H  N N 55  
ASN HD22 H  N N 56  
ASN HXT  H  N N 57  
ASP N    N  N N 58  
ASP CA   C  N S 59  
ASP C    C  N N 60  
ASP O    O  N N 61  
ASP CB   C  N N 62  
ASP CG   C  N N 63  
ASP OD1  O  N N 64  
ASP OD2  O  N N 65  
ASP OXT  O  N N 66  
ASP H    H  N N 67  
ASP H2   H  N N 68  
ASP HA   H  N N 69  
ASP HB2  H  N N 70  
ASP HB3  H  N N 71  
ASP HD2  H  N N 72  
ASP HXT  H  N N 73  
GLN N    N  N N 74  
GLN CA   C  N S 75  
GLN C    C  N N 76  
GLN O    O  N N 77  
GLN CB   C  N N 78  
GLN CG   C  N N 79  
GLN CD   C  N N 80  
GLN OE1  O  N N 81  
GLN NE2  N  N N 82  
GLN OXT  O  N N 83  
GLN H    H  N N 84  
GLN H2   H  N N 85  
GLN HA   H  N N 86  
GLN HB2  H  N N 87  
GLN HB3  H  N N 88  
GLN HG2  H  N N 89  
GLN HG3  H  N N 90  
GLN HE21 H  N N 91  
GLN HE22 H  N N 92  
GLN HXT  H  N N 93  
GLU N    N  N N 94  
GLU CA   C  N S 95  
GLU C    C  N N 96  
GLU O    O  N N 97  
GLU CB   C  N N 98  
GLU CG   C  N N 99  
GLU CD   C  N N 100 
GLU OE1  O  N N 101 
GLU OE2  O  N N 102 
GLU OXT  O  N N 103 
GLU H    H  N N 104 
GLU H2   H  N N 105 
GLU HA   H  N N 106 
GLU HB2  H  N N 107 
GLU HB3  H  N N 108 
GLU HG2  H  N N 109 
GLU HG3  H  N N 110 
GLU HE2  H  N N 111 
GLU HXT  H  N N 112 
GLY N    N  N N 113 
GLY CA   C  N N 114 
GLY C    C  N N 115 
GLY O    O  N N 116 
GLY OXT  O  N N 117 
GLY H    H  N N 118 
GLY H2   H  N N 119 
GLY HA2  H  N N 120 
GLY HA3  H  N N 121 
GLY HXT  H  N N 122 
HIS N    N  N N 123 
HIS CA   C  N S 124 
HIS C    C  N N 125 
HIS O    O  N N 126 
HIS CB   C  N N 127 
HIS CG   C  Y N 128 
HIS ND1  N  Y N 129 
HIS CD2  C  Y N 130 
HIS CE1  C  Y N 131 
HIS NE2  N  Y N 132 
HIS OXT  O  N N 133 
HIS H    H  N N 134 
HIS H2   H  N N 135 
HIS HA   H  N N 136 
HIS HB2  H  N N 137 
HIS HB3  H  N N 138 
HIS HD1  H  N N 139 
HIS HD2  H  N N 140 
HIS HE1  H  N N 141 
HIS HE2  H  N N 142 
HIS HXT  H  N N 143 
HOH O    O  N N 144 
HOH H1   H  N N 145 
HOH H2   H  N N 146 
ILE N    N  N N 147 
ILE CA   C  N S 148 
ILE C    C  N N 149 
ILE O    O  N N 150 
ILE CB   C  N S 151 
ILE CG1  C  N N 152 
ILE CG2  C  N N 153 
ILE CD1  C  N N 154 
ILE OXT  O  N N 155 
ILE H    H  N N 156 
ILE H2   H  N N 157 
ILE HA   H  N N 158 
ILE HB   H  N N 159 
ILE HG12 H  N N 160 
ILE HG13 H  N N 161 
ILE HG21 H  N N 162 
ILE HG22 H  N N 163 
ILE HG23 H  N N 164 
ILE HD11 H  N N 165 
ILE HD12 H  N N 166 
ILE HD13 H  N N 167 
ILE HXT  H  N N 168 
LEU N    N  N N 169 
LEU CA   C  N S 170 
LEU C    C  N N 171 
LEU O    O  N N 172 
LEU CB   C  N N 173 
LEU CG   C  N N 174 
LEU CD1  C  N N 175 
LEU CD2  C  N N 176 
LEU OXT  O  N N 177 
LEU H    H  N N 178 
LEU H2   H  N N 179 
LEU HA   H  N N 180 
LEU HB2  H  N N 181 
LEU HB3  H  N N 182 
LEU HG   H  N N 183 
LEU HD11 H  N N 184 
LEU HD12 H  N N 185 
LEU HD13 H  N N 186 
LEU HD21 H  N N 187 
LEU HD22 H  N N 188 
LEU HD23 H  N N 189 
LEU HXT  H  N N 190 
LYS N    N  N N 191 
LYS CA   C  N S 192 
LYS C    C  N N 193 
LYS O    O  N N 194 
LYS CB   C  N N 195 
LYS CG   C  N N 196 
LYS CD   C  N N 197 
LYS CE   C  N N 198 
LYS NZ   N  N N 199 
LYS OXT  O  N N 200 
LYS H    H  N N 201 
LYS H2   H  N N 202 
LYS HA   H  N N 203 
LYS HB2  H  N N 204 
LYS HB3  H  N N 205 
LYS HG2  H  N N 206 
LYS HG3  H  N N 207 
LYS HD2  H  N N 208 
LYS HD3  H  N N 209 
LYS HE2  H  N N 210 
LYS HE3  H  N N 211 
LYS HZ1  H  N N 212 
LYS HZ2  H  N N 213 
LYS HZ3  H  N N 214 
LYS HXT  H  N N 215 
MET N    N  N N 216 
MET CA   C  N S 217 
MET C    C  N N 218 
MET O    O  N N 219 
MET CB   C  N N 220 
MET CG   C  N N 221 
MET SD   S  N N 222 
MET CE   C  N N 223 
MET OXT  O  N N 224 
MET H    H  N N 225 
MET H2   H  N N 226 
MET HA   H  N N 227 
MET HB2  H  N N 228 
MET HB3  H  N N 229 
MET HG2  H  N N 230 
MET HG3  H  N N 231 
MET HE1  H  N N 232 
MET HE2  H  N N 233 
MET HE3  H  N N 234 
MET HXT  H  N N 235 
PHE N    N  N N 236 
PHE CA   C  N S 237 
PHE C    C  N N 238 
PHE O    O  N N 239 
PHE CB   C  N N 240 
PHE CG   C  Y N 241 
PHE CD1  C  Y N 242 
PHE CD2  C  Y N 243 
PHE CE1  C  Y N 244 
PHE CE2  C  Y N 245 
PHE CZ   C  Y N 246 
PHE OXT  O  N N 247 
PHE H    H  N N 248 
PHE H2   H  N N 249 
PHE HA   H  N N 250 
PHE HB2  H  N N 251 
PHE HB3  H  N N 252 
PHE HD1  H  N N 253 
PHE HD2  H  N N 254 
PHE HE1  H  N N 255 
PHE HE2  H  N N 256 
PHE HZ   H  N N 257 
PHE HXT  H  N N 258 
PRO N    N  N N 259 
PRO CA   C  N S 260 
PRO C    C  N N 261 
PRO O    O  N N 262 
PRO CB   C  N N 263 
PRO CG   C  N N 264 
PRO CD   C  N N 265 
PRO OXT  O  N N 266 
PRO H    H  N N 267 
PRO HA   H  N N 268 
PRO HB2  H  N N 269 
PRO HB3  H  N N 270 
PRO HG2  H  N N 271 
PRO HG3  H  N N 272 
PRO HD2  H  N N 273 
PRO HD3  H  N N 274 
PRO HXT  H  N N 275 
SER N    N  N N 276 
SER CA   C  N S 277 
SER C    C  N N 278 
SER O    O  N N 279 
SER CB   C  N N 280 
SER OG   O  N N 281 
SER OXT  O  N N 282 
SER H    H  N N 283 
SER H2   H  N N 284 
SER HA   H  N N 285 
SER HB2  H  N N 286 
SER HB3  H  N N 287 
SER HG   H  N N 288 
SER HXT  H  N N 289 
THR N    N  N N 290 
THR CA   C  N S 291 
THR C    C  N N 292 
THR O    O  N N 293 
THR CB   C  N R 294 
THR OG1  O  N N 295 
THR CG2  C  N N 296 
THR OXT  O  N N 297 
THR H    H  N N 298 
THR H2   H  N N 299 
THR HA   H  N N 300 
THR HB   H  N N 301 
THR HG1  H  N N 302 
THR HG21 H  N N 303 
THR HG22 H  N N 304 
THR HG23 H  N N 305 
THR HXT  H  N N 306 
TRP N    N  N N 307 
TRP CA   C  N S 308 
TRP C    C  N N 309 
TRP O    O  N N 310 
TRP CB   C  N N 311 
TRP CG   C  Y N 312 
TRP CD1  C  Y N 313 
TRP CD2  C  Y N 314 
TRP NE1  N  Y N 315 
TRP CE2  C  Y N 316 
TRP CE3  C  Y N 317 
TRP CZ2  C  Y N 318 
TRP CZ3  C  Y N 319 
TRP CH2  C  Y N 320 
TRP OXT  O  N N 321 
TRP H    H  N N 322 
TRP H2   H  N N 323 
TRP HA   H  N N 324 
TRP HB2  H  N N 325 
TRP HB3  H  N N 326 
TRP HD1  H  N N 327 
TRP HE1  H  N N 328 
TRP HE3  H  N N 329 
TRP HZ2  H  N N 330 
TRP HZ3  H  N N 331 
TRP HH2  H  N N 332 
TRP HXT  H  N N 333 
TYR N    N  N N 334 
TYR CA   C  N S 335 
TYR C    C  N N 336 
TYR O    O  N N 337 
TYR CB   C  N N 338 
TYR CG   C  Y N 339 
TYR CD1  C  Y N 340 
TYR CD2  C  Y N 341 
TYR CE1  C  Y N 342 
TYR CE2  C  Y N 343 
TYR CZ   C  Y N 344 
TYR OH   O  N N 345 
TYR OXT  O  N N 346 
TYR H    H  N N 347 
TYR H2   H  N N 348 
TYR HA   H  N N 349 
TYR HB2  H  N N 350 
TYR HB3  H  N N 351 
TYR HD1  H  N N 352 
TYR HD2  H  N N 353 
TYR HE1  H  N N 354 
TYR HE2  H  N N 355 
TYR HH   H  N N 356 
TYR HXT  H  N N 357 
VAL N    N  N N 358 
VAL CA   C  N S 359 
VAL C    C  N N 360 
VAL O    O  N N 361 
VAL CB   C  N N 362 
VAL CG1  C  N N 363 
VAL CG2  C  N N 364 
VAL OXT  O  N N 365 
VAL H    H  N N 366 
VAL H2   H  N N 367 
VAL HA   H  N N 368 
VAL HB   H  N N 369 
VAL HG11 H  N N 370 
VAL HG12 H  N N 371 
VAL HG13 H  N N 372 
VAL HG21 H  N N 373 
VAL HG22 H  N N 374 
VAL HG23 H  N N 375 
VAL HXT  H  N N 376 
ZN  ZN   ZN N N 377 
# 
loop_
_chem_comp_bond.comp_id 
_chem_comp_bond.atom_id_1 
_chem_comp_bond.atom_id_2 
_chem_comp_bond.value_order 
_chem_comp_bond.pdbx_aromatic_flag 
_chem_comp_bond.pdbx_stereo_config 
_chem_comp_bond.pdbx_ordinal 
ALA N   CA   sing N N 1   
ALA N   H    sing N N 2   
ALA N   H2   sing N N 3   
ALA CA  C    sing N N 4   
ALA CA  CB   sing N N 5   
ALA CA  HA   sing N N 6   
ALA C   O    doub N N 7   
ALA C   OXT  sing N N 8   
ALA CB  HB1  sing N N 9   
ALA CB  HB2  sing N N 10  
ALA CB  HB3  sing N N 11  
ALA OXT HXT  sing N N 12  
ARG N   CA   sing N N 13  
ARG N   H    sing N N 14  
ARG N   H2   sing N N 15  
ARG CA  C    sing N N 16  
ARG CA  CB   sing N N 17  
ARG CA  HA   sing N N 18  
ARG C   O    doub N N 19  
ARG C   OXT  sing N N 20  
ARG CB  CG   sing N N 21  
ARG CB  HB2  sing N N 22  
ARG CB  HB3  sing N N 23  
ARG CG  CD   sing N N 24  
ARG CG  HG2  sing N N 25  
ARG CG  HG3  sing N N 26  
ARG CD  NE   sing N N 27  
ARG CD  HD2  sing N N 28  
ARG CD  HD3  sing N N 29  
ARG NE  CZ   sing N N 30  
ARG NE  HE   sing N N 31  
ARG CZ  NH1  sing N N 32  
ARG CZ  NH2  doub N N 33  
ARG NH1 HH11 sing N N 34  
ARG NH1 HH12 sing N N 35  
ARG NH2 HH21 sing N N 36  
ARG NH2 HH22 sing N N 37  
ARG OXT HXT  sing N N 38  
ASN N   CA   sing N N 39  
ASN N   H    sing N N 40  
ASN N   H2   sing N N 41  
ASN CA  C    sing N N 42  
ASN CA  CB   sing N N 43  
ASN CA  HA   sing N N 44  
ASN C   O    doub N N 45  
ASN C   OXT  sing N N 46  
ASN CB  CG   sing N N 47  
ASN CB  HB2  sing N N 48  
ASN CB  HB3  sing N N 49  
ASN CG  OD1  doub N N 50  
ASN CG  ND2  sing N N 51  
ASN ND2 HD21 sing N N 52  
ASN ND2 HD22 sing N N 53  
ASN OXT HXT  sing N N 54  
ASP N   CA   sing N N 55  
ASP N   H    sing N N 56  
ASP N   H2   sing N N 57  
ASP CA  C    sing N N 58  
ASP CA  CB   sing N N 59  
ASP CA  HA   sing N N 60  
ASP C   O    doub N N 61  
ASP C   OXT  sing N N 62  
ASP CB  CG   sing N N 63  
ASP CB  HB2  sing N N 64  
ASP CB  HB3  sing N N 65  
ASP CG  OD1  doub N N 66  
ASP CG  OD2  sing N N 67  
ASP OD2 HD2  sing N N 68  
ASP OXT HXT  sing N N 69  
GLN N   CA   sing N N 70  
GLN N   H    sing N N 71  
GLN N   H2   sing N N 72  
GLN CA  C    sing N N 73  
GLN CA  CB   sing N N 74  
GLN CA  HA   sing N N 75  
GLN C   O    doub N N 76  
GLN C   OXT  sing N N 77  
GLN CB  CG   sing N N 78  
GLN CB  HB2  sing N N 79  
GLN CB  HB3  sing N N 80  
GLN CG  CD   sing N N 81  
GLN CG  HG2  sing N N 82  
GLN CG  HG3  sing N N 83  
GLN CD  OE1  doub N N 84  
GLN CD  NE2  sing N N 85  
GLN NE2 HE21 sing N N 86  
GLN NE2 HE22 sing N N 87  
GLN OXT HXT  sing N N 88  
GLU N   CA   sing N N 89  
GLU N   H    sing N N 90  
GLU N   H2   sing N N 91  
GLU CA  C    sing N N 92  
GLU CA  CB   sing N N 93  
GLU CA  HA   sing N N 94  
GLU C   O    doub N N 95  
GLU C   OXT  sing N N 96  
GLU CB  CG   sing N N 97  
GLU CB  HB2  sing N N 98  
GLU CB  HB3  sing N N 99  
GLU CG  CD   sing N N 100 
GLU CG  HG2  sing N N 101 
GLU CG  HG3  sing N N 102 
GLU CD  OE1  doub N N 103 
GLU CD  OE2  sing N N 104 
GLU OE2 HE2  sing N N 105 
GLU OXT HXT  sing N N 106 
GLY N   CA   sing N N 107 
GLY N   H    sing N N 108 
GLY N   H2   sing N N 109 
GLY CA  C    sing N N 110 
GLY CA  HA2  sing N N 111 
GLY CA  HA3  sing N N 112 
GLY C   O    doub N N 113 
GLY C   OXT  sing N N 114 
GLY OXT HXT  sing N N 115 
HIS N   CA   sing N N 116 
HIS N   H    sing N N 117 
HIS N   H2   sing N N 118 
HIS CA  C    sing N N 119 
HIS CA  CB   sing N N 120 
HIS CA  HA   sing N N 121 
HIS C   O    doub N N 122 
HIS C   OXT  sing N N 123 
HIS CB  CG   sing N N 124 
HIS CB  HB2  sing N N 125 
HIS CB  HB3  sing N N 126 
HIS CG  ND1  sing Y N 127 
HIS CG  CD2  doub Y N 128 
HIS ND1 CE1  doub Y N 129 
HIS ND1 HD1  sing N N 130 
HIS CD2 NE2  sing Y N 131 
HIS CD2 HD2  sing N N 132 
HIS CE1 NE2  sing Y N 133 
HIS CE1 HE1  sing N N 134 
HIS NE2 HE2  sing N N 135 
HIS OXT HXT  sing N N 136 
HOH O   H1   sing N N 137 
HOH O   H2   sing N N 138 
ILE N   CA   sing N N 139 
ILE N   H    sing N N 140 
ILE N   H2   sing N N 141 
ILE CA  C    sing N N 142 
ILE CA  CB   sing N N 143 
ILE CA  HA   sing N N 144 
ILE C   O    doub N N 145 
ILE C   OXT  sing N N 146 
ILE CB  CG1  sing N N 147 
ILE CB  CG2  sing N N 148 
ILE CB  HB   sing N N 149 
ILE CG1 CD1  sing N N 150 
ILE CG1 HG12 sing N N 151 
ILE CG1 HG13 sing N N 152 
ILE CG2 HG21 sing N N 153 
ILE CG2 HG22 sing N N 154 
ILE CG2 HG23 sing N N 155 
ILE CD1 HD11 sing N N 156 
ILE CD1 HD12 sing N N 157 
ILE CD1 HD13 sing N N 158 
ILE OXT HXT  sing N N 159 
LEU N   CA   sing N N 160 
LEU N   H    sing N N 161 
LEU N   H2   sing N N 162 
LEU CA  C    sing N N 163 
LEU CA  CB   sing N N 164 
LEU CA  HA   sing N N 165 
LEU C   O    doub N N 166 
LEU C   OXT  sing N N 167 
LEU CB  CG   sing N N 168 
LEU CB  HB2  sing N N 169 
LEU CB  HB3  sing N N 170 
LEU CG  CD1  sing N N 171 
LEU CG  CD2  sing N N 172 
LEU CG  HG   sing N N 173 
LEU CD1 HD11 sing N N 174 
LEU CD1 HD12 sing N N 175 
LEU CD1 HD13 sing N N 176 
LEU CD2 HD21 sing N N 177 
LEU CD2 HD22 sing N N 178 
LEU CD2 HD23 sing N N 179 
LEU OXT HXT  sing N N 180 
LYS N   CA   sing N N 181 
LYS N   H    sing N N 182 
LYS N   H2   sing N N 183 
LYS CA  C    sing N N 184 
LYS CA  CB   sing N N 185 
LYS CA  HA   sing N N 186 
LYS C   O    doub N N 187 
LYS C   OXT  sing N N 188 
LYS CB  CG   sing N N 189 
LYS CB  HB2  sing N N 190 
LYS CB  HB3  sing N N 191 
LYS CG  CD   sing N N 192 
LYS CG  HG2  sing N N 193 
LYS CG  HG3  sing N N 194 
LYS CD  CE   sing N N 195 
LYS CD  HD2  sing N N 196 
LYS CD  HD3  sing N N 197 
LYS CE  NZ   sing N N 198 
LYS CE  HE2  sing N N 199 
LYS CE  HE3  sing N N 200 
LYS NZ  HZ1  sing N N 201 
LYS NZ  HZ2  sing N N 202 
LYS NZ  HZ3  sing N N 203 
LYS OXT HXT  sing N N 204 
MET N   CA   sing N N 205 
MET N   H    sing N N 206 
MET N   H2   sing N N 207 
MET CA  C    sing N N 208 
MET CA  CB   sing N N 209 
MET CA  HA   sing N N 210 
MET C   O    doub N N 211 
MET C   OXT  sing N N 212 
MET CB  CG   sing N N 213 
MET CB  HB2  sing N N 214 
MET CB  HB3  sing N N 215 
MET CG  SD   sing N N 216 
MET CG  HG2  sing N N 217 
MET CG  HG3  sing N N 218 
MET SD  CE   sing N N 219 
MET CE  HE1  sing N N 220 
MET CE  HE2  sing N N 221 
MET CE  HE3  sing N N 222 
MET OXT HXT  sing N N 223 
PHE N   CA   sing N N 224 
PHE N   H    sing N N 225 
PHE N   H2   sing N N 226 
PHE CA  C    sing N N 227 
PHE CA  CB   sing N N 228 
PHE CA  HA   sing N N 229 
PHE C   O    doub N N 230 
PHE C   OXT  sing N N 231 
PHE CB  CG   sing N N 232 
PHE CB  HB2  sing N N 233 
PHE CB  HB3  sing N N 234 
PHE CG  CD1  doub Y N 235 
PHE CG  CD2  sing Y N 236 
PHE CD1 CE1  sing Y N 237 
PHE CD1 HD1  sing N N 238 
PHE CD2 CE2  doub Y N 239 
PHE CD2 HD2  sing N N 240 
PHE CE1 CZ   doub Y N 241 
PHE CE1 HE1  sing N N 242 
PHE CE2 CZ   sing Y N 243 
PHE CE2 HE2  sing N N 244 
PHE CZ  HZ   sing N N 245 
PHE OXT HXT  sing N N 246 
PRO N   CA   sing N N 247 
PRO N   CD   sing N N 248 
PRO N   H    sing N N 249 
PRO CA  C    sing N N 250 
PRO CA  CB   sing N N 251 
PRO CA  HA   sing N N 252 
PRO C   O    doub N N 253 
PRO C   OXT  sing N N 254 
PRO CB  CG   sing N N 255 
PRO CB  HB2  sing N N 256 
PRO CB  HB3  sing N N 257 
PRO CG  CD   sing N N 258 
PRO CG  HG2  sing N N 259 
PRO CG  HG3  sing N N 260 
PRO CD  HD2  sing N N 261 
PRO CD  HD3  sing N N 262 
PRO OXT HXT  sing N N 263 
SER N   CA   sing N N 264 
SER N   H    sing N N 265 
SER N   H2   sing N N 266 
SER CA  C    sing N N 267 
SER CA  CB   sing N N 268 
SER CA  HA   sing N N 269 
SER C   O    doub N N 270 
SER C   OXT  sing N N 271 
SER CB  OG   sing N N 272 
SER CB  HB2  sing N N 273 
SER CB  HB3  sing N N 274 
SER OG  HG   sing N N 275 
SER OXT HXT  sing N N 276 
THR N   CA   sing N N 277 
THR N   H    sing N N 278 
THR N   H2   sing N N 279 
THR CA  C    sing N N 280 
THR CA  CB   sing N N 281 
THR CA  HA   sing N N 282 
THR C   O    doub N N 283 
THR C   OXT  sing N N 284 
THR CB  OG1  sing N N 285 
THR CB  CG2  sing N N 286 
THR CB  HB   sing N N 287 
THR OG1 HG1  sing N N 288 
THR CG2 HG21 sing N N 289 
THR CG2 HG22 sing N N 290 
THR CG2 HG23 sing N N 291 
THR OXT HXT  sing N N 292 
TRP N   CA   sing N N 293 
TRP N   H    sing N N 294 
TRP N   H2   sing N N 295 
TRP CA  C    sing N N 296 
TRP CA  CB   sing N N 297 
TRP CA  HA   sing N N 298 
TRP C   O    doub N N 299 
TRP C   OXT  sing N N 300 
TRP CB  CG   sing N N 301 
TRP CB  HB2  sing N N 302 
TRP CB  HB3  sing N N 303 
TRP CG  CD1  doub Y N 304 
TRP CG  CD2  sing Y N 305 
TRP CD1 NE1  sing Y N 306 
TRP CD1 HD1  sing N N 307 
TRP CD2 CE2  doub Y N 308 
TRP CD2 CE3  sing Y N 309 
TRP NE1 CE2  sing Y N 310 
TRP NE1 HE1  sing N N 311 
TRP CE2 CZ2  sing Y N 312 
TRP CE3 CZ3  doub Y N 313 
TRP CE3 HE3  sing N N 314 
TRP CZ2 CH2  doub Y N 315 
TRP CZ2 HZ2  sing N N 316 
TRP CZ3 CH2  sing Y N 317 
TRP CZ3 HZ3  sing N N 318 
TRP CH2 HH2  sing N N 319 
TRP OXT HXT  sing N N 320 
TYR N   CA   sing N N 321 
TYR N   H    sing N N 322 
TYR N   H2   sing N N 323 
TYR CA  C    sing N N 324 
TYR CA  CB   sing N N 325 
TYR CA  HA   sing N N 326 
TYR C   O    doub N N 327 
TYR C   OXT  sing N N 328 
TYR CB  CG   sing N N 329 
TYR CB  HB2  sing N N 330 
TYR CB  HB3  sing N N 331 
TYR CG  CD1  doub Y N 332 
TYR CG  CD2  sing Y N 333 
TYR CD1 CE1  sing Y N 334 
TYR CD1 HD1  sing N N 335 
TYR CD2 CE2  doub Y N 336 
TYR CD2 HD2  sing N N 337 
TYR CE1 CZ   doub Y N 338 
TYR CE1 HE1  sing N N 339 
TYR CE2 CZ   sing Y N 340 
TYR CE2 HE2  sing N N 341 
TYR CZ  OH   sing N N 342 
TYR OH  HH   sing N N 343 
TYR OXT HXT  sing N N 344 
VAL N   CA   sing N N 345 
VAL N   H    sing N N 346 
VAL N   H2   sing N N 347 
VAL CA  C    sing N N 348 
VAL CA  CB   sing N N 349 
VAL CA  HA   sing N N 350 
VAL C   O    doub N N 351 
VAL C   OXT  sing N N 352 
VAL CB  CG1  sing N N 353 
VAL CB  CG2  sing N N 354 
VAL CB  HB   sing N N 355 
VAL CG1 HG11 sing N N 356 
VAL CG1 HG12 sing N N 357 
VAL CG1 HG13 sing N N 358 
VAL CG2 HG21 sing N N 359 
VAL CG2 HG22 sing N N 360 
VAL CG2 HG23 sing N N 361 
VAL OXT HXT  sing N N 362 
# 
_pdbx_audit_support.funding_organization   
'National Institutes of Health/National Institute of Dental and Craniofacial Research (NIH/NIDCR)' 
_pdbx_audit_support.country                'United States' 
_pdbx_audit_support.grant_number           5T32DE018381-10 
_pdbx_audit_support.ordinal                1 
# 
_atom_sites.entry_id                    6C4S 
_atom_sites.fract_transf_matrix[1][1]   -0.02744899 
_atom_sites.fract_transf_matrix[1][2]   0.01277332 
_atom_sites.fract_transf_matrix[1][3]   0.01124632 
_atom_sites.fract_transf_matrix[2][1]   0.01067732 
_atom_sites.fract_transf_matrix[2][2]   0.00236709 
_atom_sites.fract_transf_matrix[2][3]   0.02337174 
_atom_sites.fract_transf_matrix[3][1]   0.00416461 
_atom_sites.fract_transf_matrix[3][2]   0.01644672 
_atom_sites.fract_transf_matrix[3][3]   -0.00356831 
_atom_sites.fract_transf_vector[1]      0.138577 
_atom_sites.fract_transf_vector[2]      -0.292381 
_atom_sites.fract_transf_vector[3]      0.278419 
# 
loop_
_atom_type.symbol 
C  
N  
O  
S  
ZN 
# 
loop_
_atom_site.group_PDB 
_atom_site.id 
_atom_site.type_symbol 
_atom_site.label_atom_id 
_atom_site.label_alt_id 
_atom_site.label_comp_id 
_atom_site.label_asym_id 
_atom_site.label_entity_id 
_atom_site.label_seq_id 
_atom_site.pdbx_PDB_ins_code 
_atom_site.Cartn_x 
_atom_site.Cartn_y 
_atom_site.Cartn_z 
_atom_site.occupancy 
_atom_site.B_iso_or_equiv 
_atom_site.pdbx_formal_charge 
_atom_site.auth_seq_id 
_atom_site.auth_comp_id 
_atom_site.auth_asym_id 
_atom_site.auth_atom_id 
_atom_site.pdbx_PDB_model_num 
ATOM   1    N  N   . HIS A 1 1  ? -1.710  9.161   19.403  1.00 19.28 ? 85  HIS A N   1 
ATOM   2    C  CA  . HIS A 1 1  ? -2.364  7.904   19.721  1.00 19.63 ? 85  HIS A CA  1 
ATOM   3    C  C   . HIS A 1 1  ? -1.463  6.692   19.433  1.00 19.62 ? 85  HIS A C   1 
ATOM   4    O  O   . HIS A 1 1  ? -0.503  6.874   18.793  1.00 17.62 ? 85  HIS A O   1 
ATOM   5    C  CB  . HIS A 1 1  ? -3.595  7.775   18.847  1.00 19.57 ? 85  HIS A CB  1 
ATOM   6    C  CG  . HIS A 1 1  ? -3.288  7.368   17.455  1.00 21.53 ? 85  HIS A CG  1 
ATOM   7    N  ND1 . HIS A 1 1  ? -2.220  7.852   16.762  1.00 22.06 ? 85  HIS A ND1 1 
ATOM   8    C  CD2 . HIS A 1 1  ? -3.897  6.494   16.627  1.00 24.72 ? 85  HIS A CD2 1 
ATOM   9    C  CE1 . HIS A 1 1  ? -2.169  7.313   15.571  1.00 22.32 ? 85  HIS A CE1 1 
ATOM   10   N  NE2 . HIS A 1 1  ? -3.187  6.489   15.458  1.00 26.64 ? 85  HIS A NE2 1 
ATOM   11   N  N   . MET A 1 2  ? -1.812  5.496   19.962  1.00 21.73 ? 86  MET A N   1 
ATOM   12   C  CA  . MET A 1 2  ? -1.121  4.244   19.622  1.00 25.19 ? 86  MET A CA  1 
ATOM   13   C  C   . MET A 1 2  ? -1.105  3.963   18.153  1.00 20.93 ? 86  MET A C   1 
ATOM   14   O  O   . MET A 1 2  ? -2.146  3.836   17.546  1.00 22.69 ? 86  MET A O   1 
ATOM   15   C  CB  . MET A 1 2  ? -1.807  3.070   20.272  1.00 30.47 ? 86  MET A CB  1 
ATOM   16   C  CG  . MET A 1 2  ? -1.714  3.012   21.765  1.00 41.96 ? 86  MET A CG  1 
ATOM   17   S  SD  . MET A 1 2  ? -2.617  1.570   22.441  1.00 56.61 ? 86  MET A SD  1 
ATOM   18   C  CE  . MET A 1 2  ? -2.413  0.314   21.142  1.00 46.72 ? 86  MET A CE  1 
ATOM   19   N  N   . THR A 1 3  ? 0.070   3.903   17.575  1.00 18.52 ? 87  THR A N   1 
ATOM   20   C  CA  . THR A 1 3  ? 0.197   3.760   16.121  1.00 18.68 ? 87  THR A CA  1 
ATOM   21   C  C   . THR A 1 3  ? 0.583   2.311   15.813  1.00 18.57 ? 87  THR A C   1 
ATOM   22   O  O   . THR A 1 3  ? 1.603   1.829   16.253  1.00 16.42 ? 87  THR A O   1 
ATOM   23   C  CB  . THR A 1 3  ? 1.233   4.677   15.535  1.00 21.75 ? 87  THR A CB  1 
ATOM   24   O  OG1 . THR A 1 3  ? 0.853   6.030   15.849  1.00 27.13 ? 87  THR A OG1 1 
ATOM   25   C  CG2 . THR A 1 3  ? 1.364   4.540   14.096  1.00 22.82 ? 87  THR A CG2 1 
ATOM   26   N  N   . THR A 1 4  ? -0.213  1.684   15.007  1.00 16.50 ? 88  THR A N   1 
ATOM   27   C  CA  . THR A 1 4  ? 0.025   0.313   14.604  1.00 17.38 ? 88  THR A CA  1 
ATOM   28   C  C   . THR A 1 4  ? -0.236  0.113   13.084  1.00 16.79 ? 88  THR A C   1 
ATOM   29   O  O   . THR A 1 4  ? -0.825  0.937   12.431  1.00 14.86 ? 88  THR A O   1 
ATOM   30   C  CB  . THR A 1 4  ? -0.879  -0.651  15.378  1.00 18.27 ? 88  THR A CB  1 
ATOM   31   O  OG1 . THR A 1 4  ? -2.240  -0.479  14.954  1.00 19.60 ? 88  THR A OG1 1 
ATOM   32   C  CG2 . THR A 1 4  ? -0.756  -0.464  16.924  1.00 17.82 ? 88  THR A CG2 1 
ATOM   33   N  N   . PHE A 1 5  ? 0.221   -1.027  12.587  1.00 15.50 ? 89  PHE A N   1 
ATOM   34   C  CA  . PHE A 1 5  ? 0.013   -1.496  11.258  1.00 14.33 ? 89  PHE A CA  1 
ATOM   35   C  C   . PHE A 1 5  ? -0.790  -2.783  11.335  1.00 15.31 ? 89  PHE A C   1 
ATOM   36   O  O   . PHE A 1 5  ? -0.854  -3.454  12.381  1.00 17.60 ? 89  PHE A O   1 
ATOM   37   C  CB  . PHE A 1 5  ? 1.355   -1.664  10.567  1.00 15.55 ? 89  PHE A CB  1 
ATOM   38   C  CG  . PHE A 1 5  ? 1.987   -0.372  10.152  1.00 16.34 ? 89  PHE A CG  1 
ATOM   39   C  CD1 . PHE A 1 5  ? 2.588   0.453   11.136  1.00 19.45 ? 89  PHE A CD1 1 
ATOM   40   C  CD2 . PHE A 1 5  ? 2.029   0.006   8.827   1.00 18.51 ? 89  PHE A CD2 1 
ATOM   41   C  CE1 . PHE A 1 5  ? 3.137   1.664   10.771  1.00 20.51 ? 89  PHE A CE1 1 
ATOM   42   C  CE2 . PHE A 1 5  ? 2.594   1.195   8.472   1.00 18.71 ? 89  PHE A CE2 1 
ATOM   43   C  CZ  . PHE A 1 5  ? 3.138   2.012   9.425   1.00 20.42 ? 89  PHE A CZ  1 
ATOM   44   N  N   . VAL A 1 6  ? -1.410  -3.121  10.216  1.00 14.84 ? 90  VAL A N   1 
ATOM   45   C  CA  . VAL A 1 6  ? -2.180  -4.312  10.131  1.00 13.70 ? 90  VAL A CA  1 
ATOM   46   C  C   . VAL A 1 6  ? -1.641  -5.151  8.977   1.00 12.93 ? 90  VAL A C   1 
ATOM   47   O  O   . VAL A 1 6  ? -1.353  -4.676  7.933   1.00 13.50 ? 90  VAL A O   1 
ATOM   48   C  CB  . VAL A 1 6  ? -3.689  -4.008  10.051  1.00 17.15 ? 90  VAL A CB  1 
ATOM   49   C  CG1 . VAL A 1 6  ? -4.018  -3.230  8.801   1.00 18.31 ? 90  VAL A CG1 1 
ATOM   50   C  CG2 . VAL A 1 6  ? -4.517  -5.276  10.096  1.00 17.55 ? 90  VAL A CG2 1 
ATOM   51   N  N   . ALA A 1 7  ? -1.548  -6.450  9.235   1.00 12.03 ? 91  ALA A N   1 
ATOM   52   C  CA  . ALA A 1 7  ? -1.202  -7.424  8.228   1.00 13.20 ? 91  ALA A CA  1 
ATOM   53   C  C   . ALA A 1 7  ? -2.323  -7.582  7.184   1.00 13.66 ? 91  ALA A C   1 
ATOM   54   O  O   . ALA A 1 7  ? -3.456  -7.862  7.491   1.00 16.26 ? 91  ALA A O   1 
ATOM   55   C  CB  . ALA A 1 7  ? -0.912  -8.747  8.871   1.00 14.92 ? 91  ALA A CB  1 
ATOM   56   N  N   . LEU A 1 8  ? -1.877  -7.492  5.957   1.00 14.67 ? 92  LEU A N   1 
ATOM   57   C  CA  . LEU A 1 8  ? -2.699  -7.642  4.769   1.00 14.61 ? 92  LEU A CA  1 
ATOM   58   C  C   . LEU A 1 8  ? -2.771  -9.083  4.325   1.00 16.18 ? 92  LEU A C   1 
ATOM   59   O  O   . LEU A 1 8  ? -3.732  -9.458  3.604   1.00 16.86 ? 92  LEU A O   1 
ATOM   60   C  CB  . LEU A 1 8  ? -2.157  -6.831  3.552   1.00 16.82 ? 92  LEU A CB  1 
ATOM   61   C  CG  . LEU A 1 8  ? -2.182  -5.291  3.757   1.00 16.75 ? 92  LEU A CG  1 
ATOM   62   C  CD1 . LEU A 1 8  ? -1.534  -4.559  2.612   1.00 18.42 ? 92  LEU A CD1 1 
ATOM   63   C  CD2 . LEU A 1 8  ? -3.575  -4.839  4.021   1.00 18.87 ? 92  LEU A CD2 1 
ATOM   64   N  N   . TYR A 1 9  ? -1.755  -9.882  4.718   1.00 14.11 ? 93  TYR A N   1 
ATOM   65   C  CA  . TYR A 1 9  ? -1.593  -11.285 4.279   1.00 13.19 ? 93  TYR A CA  1 
ATOM   66   C  C   . TYR A 1 9  ? -0.946  -12.031 5.417   1.00 14.95 ? 93  TYR A C   1 
ATOM   67   O  O   . TYR A 1 9  ? -0.444  -11.429 6.348   1.00 13.19 ? 93  TYR A O   1 
ATOM   68   C  CB  . TYR A 1 9  ? -0.641  -11.410 3.057   1.00 13.86 ? 93  TYR A CB  1 
ATOM   69   C  CG  . TYR A 1 9  ? -0.786  -10.336 2.016   1.00 14.82 ? 93  TYR A CG  1 
ATOM   70   C  CD1 . TYR A 1 9  ? -1.753  -10.425 1.039   1.00 14.52 ? 93  TYR A CD1 1 
ATOM   71   C  CD2 . TYR A 1 9  ? 0.047   -9.230  2.016   1.00 16.70 ? 93  TYR A CD2 1 
ATOM   72   C  CE1 . TYR A 1 9  ? -1.927  -9.431  0.093   1.00 17.35 ? 93  TYR A CE1 1 
ATOM   73   C  CE2 . TYR A 1 9  ? -0.069  -8.251  1.049   1.00 18.28 ? 93  TYR A CE2 1 
ATOM   74   C  CZ  . TYR A 1 9  ? -1.085  -8.310  0.139   1.00 20.12 ? 93  TYR A CZ  1 
ATOM   75   O  OH  . TYR A 1 9  ? -1.154  -7.264  -0.788  1.00 25.12 ? 93  TYR A OH  1 
ATOM   76   N  N   . ASP A 1 10 ? -1.042  -13.367 5.394   1.00 12.81 ? 94  ASP A N   1 
ATOM   77   C  CA  . ASP A 1 10 ? -0.217  -14.172 6.251   1.00 13.10 ? 94  ASP A CA  1 
ATOM   78   C  C   . ASP A 1 10 ? 1.221   -14.103 5.842   1.00 13.29 ? 94  ASP A C   1 
ATOM   79   O  O   . ASP A 1 10 ? 1.535   -13.953 4.638   1.00 13.64 ? 94  ASP A O   1 
ATOM   80   C  CB  . ASP A 1 10 ? -0.621  -15.605 6.200   1.00 14.04 ? 94  ASP A CB  1 
ATOM   81   C  CG  . ASP A 1 10 ? -2.033  -15.911 6.847   1.00 16.31 ? 94  ASP A CG  1 
ATOM   82   O  OD1 . ASP A 1 10 ? -2.714  -15.108 7.532   1.00 16.00 ? 94  ASP A OD1 1 
ATOM   83   O  OD2 . ASP A 1 10 ? -2.443  -17.114 6.689   1.00 17.14 ? 94  ASP A OD2 1 
ATOM   84   N  N   . TYR A 1 11 ? 2.119   -14.279 6.826   1.00 12.72 ? 95  TYR A N   1 
ATOM   85   C  CA  . TYR A 1 11 ? 3.550   -14.370 6.544   1.00 13.82 ? 95  TYR A CA  1 
ATOM   86   C  C   . TYR A 1 11 ? 4.106   -15.499 7.408   1.00 13.62 ? 95  TYR A C   1 
ATOM   87   O  O   . TYR A 1 11 ? 3.910   -15.484 8.579   1.00 13.91 ? 95  TYR A O   1 
ATOM   88   C  CB  . TYR A 1 11 ? 4.309   -13.042 6.745   1.00 13.43 ? 95  TYR A CB  1 
ATOM   89   C  CG  . TYR A 1 11 ? 5.786   -13.209 6.555   1.00 13.26 ? 95  TYR A CG  1 
ATOM   90   C  CD1 . TYR A 1 11 ? 6.295   -13.327 5.284   1.00 13.58 ? 95  TYR A CD1 1 
ATOM   91   C  CD2 . TYR A 1 11 ? 6.623   -13.255 7.617   1.00 12.45 ? 95  TYR A CD2 1 
ATOM   92   C  CE1 . TYR A 1 11 ? 7.629   -13.592 5.067   1.00 14.95 ? 95  TYR A CE1 1 
ATOM   93   C  CE2 . TYR A 1 11 ? 8.003   -13.518 7.453   1.00 13.38 ? 95  TYR A CE2 1 
ATOM   94   C  CZ  . TYR A 1 11 ? 8.484   -13.670 6.142   1.00 14.03 ? 95  TYR A CZ  1 
ATOM   95   O  OH  . TYR A 1 11 ? 9.814   -14.007 5.927   1.00 15.76 ? 95  TYR A OH  1 
ATOM   96   N  N   . GLU A 1 12 ? 4.764   -16.435 6.745   1.00 15.83 ? 96  GLU A N   1 
ATOM   97   C  CA  . GLU A 1 12 ? 5.476   -17.518 7.393   1.00 14.38 ? 96  GLU A CA  1 
ATOM   98   C  C   . GLU A 1 12 ? 6.967   -17.228 7.499   1.00 14.85 ? 96  GLU A C   1 
ATOM   99   O  O   . GLU A 1 12 ? 7.691   -17.076 6.506   1.00 16.07 ? 96  GLU A O   1 
ATOM   100  C  CB  . GLU A 1 12 ? 5.258   -18.813 6.589   1.00 15.83 ? 96  GLU A CB  1 
ATOM   101  C  CG  . GLU A 1 12 ? 3.823   -19.184 6.406   1.00 18.02 ? 96  GLU A CG  1 
ATOM   102  C  CD  . GLU A 1 12 ? 3.671   -20.534 5.726   1.00 19.06 ? 96  GLU A CD  1 
ATOM   103  O  OE1 . GLU A 1 12 ? 3.966   -20.594 4.491   1.00 16.89 ? 96  GLU A OE1 1 
ATOM   104  O  OE2 . GLU A 1 12 ? 3.277   -21.484 6.442   1.00 19.87 ? 96  GLU A OE2 1 
ATOM   105  N  N   . SER A 1 13 ? 7.422   -17.218 8.739   1.00 16.62 ? 97  SER A N   1 
ATOM   106  C  CA  . SER A 1 13 ? 8.839   -17.056 9.054   1.00 17.33 ? 97  SER A CA  1 
ATOM   107  C  C   . SER A 1 13 ? 9.709   -18.100 8.313   1.00 19.59 ? 97  SER A C   1 
ATOM   108  O  O   . SER A 1 13 ? 9.366   -19.247 8.236   1.00 18.60 ? 97  SER A O   1 
ATOM   109  C  CB  . SER A 1 13 ? 8.975   -17.264 10.585  1.00 18.73 ? 97  SER A CB  1 
ATOM   110  O  OG  . SER A 1 13 ? 10.321  -17.428 10.885  1.00 24.18 ? 97  SER A OG  1 
ATOM   111  N  N   . ARG A 1 14 ? 10.838  -17.661 7.823   1.00 19.57 ? 98  ARG A N   1 
ATOM   112  C  CA  . ARG A 1 14 ? 11.827  -18.535 7.166   1.00 23.21 ? 98  ARG A CA  1 
ATOM   113  C  C   . ARG A 1 14 ? 13.311  -18.223 7.522   1.00 22.81 ? 98  ARG A C   1 
ATOM   114  O  O   . ARG A 1 14 ? 14.213  -18.808 6.938   1.00 26.33 ? 98  ARG A O   1 
ATOM   115  C  CB  . ARG A 1 14 ? 11.574  -18.467 5.646   1.00 25.32 ? 98  ARG A CB  1 
ATOM   116  C  CG  . ARG A 1 14 ? 11.930  -17.147 4.995   1.00 25.54 ? 98  ARG A CG  1 
ATOM   117  C  CD  . ARG A 1 14 ? 11.169  -16.818 3.736   1.00 29.16 ? 98  ARG A CD  1 
ATOM   118  N  NE  . ARG A 1 14 ? 9.755   -16.667 4.043   1.00 27.29 ? 98  ARG A NE  1 
ATOM   119  C  CZ  . ARG A 1 14 ? 8.763   -16.726 3.181   1.00 27.36 ? 98  ARG A CZ  1 
ATOM   120  N  NH1 . ARG A 1 14 ? 8.970   -16.936 1.870   1.00 30.09 ? 98  ARG A NH1 1 
ATOM   121  N  NH2 . ARG A 1 14 ? 7.544   -16.628 3.622   1.00 24.16 ? 98  ARG A NH2 1 
ATOM   122  N  N   . THR A 1 15 ? 13.592  -17.300 8.419   1.00 20.53 ? 99  THR A N   1 
ATOM   123  C  CA  . THR A 1 15 ? 14.963  -16.954 8.764   1.00 22.69 ? 99  THR A CA  1 
ATOM   124  C  C   . THR A 1 15 ? 15.067  -17.047 10.258  1.00 20.61 ? 99  THR A C   1 
ATOM   125  O  O   . THR A 1 15 ? 14.111  -17.385 10.946  1.00 24.11 ? 99  THR A O   1 
ATOM   126  C  CB  . THR A 1 15 ? 15.339  -15.569 8.176   1.00 23.93 ? 99  THR A CB  1 
ATOM   127  O  OG1 . THR A 1 15 ? 14.755  -14.514 8.942   1.00 23.89 ? 99  THR A OG1 1 
ATOM   128  C  CG2 . THR A 1 15 ? 14.867  -15.415 6.723   1.00 25.93 ? 99  THR A CG2 1 
ATOM   129  N  N   . GLU A 1 16 ? 16.211  -16.659 10.794  1.00 22.00 ? 100 GLU A N   1 
ATOM   130  C  CA  . GLU A 1 16 ? 16.448  -16.658 12.218  1.00 22.96 ? 100 GLU A CA  1 
ATOM   131  C  C   . GLU A 1 16 ? 15.832  -15.480 12.959  1.00 20.51 ? 100 GLU A C   1 
ATOM   132  O  O   . GLU A 1 16 ? 15.555  -15.610 14.126  1.00 23.57 ? 100 GLU A O   1 
ATOM   133  C  CB  . GLU A 1 16 ? 17.939  -16.681 12.506  1.00 29.65 ? 100 GLU A CB  1 
ATOM   134  C  CG  . GLU A 1 16 ? 18.582  -18.035 12.219  1.00 35.07 ? 100 GLU A CG  1 
ATOM   135  C  CD  . GLU A 1 16 ? 20.008  -18.111 12.744  1.00 45.21 ? 100 GLU A CD  1 
ATOM   136  O  OE1 . GLU A 1 16 ? 20.536  -17.076 13.220  1.00 44.44 ? 100 GLU A OE1 1 
ATOM   137  O  OE2 . GLU A 1 16 ? 20.600  -19.215 12.693  1.00 54.18 ? 100 GLU A OE2 1 
ATOM   138  N  N   . THR A 1 17 ? 15.549  -14.373 12.247  1.00 20.03 ? 101 THR A N   1 
ATOM   139  C  CA  . THR A 1 17 ? 15.127  -13.141 12.856  1.00 17.09 ? 101 THR A CA  1 
ATOM   140  C  C   . THR A 1 17 ? 13.805  -12.577 12.338  1.00 16.16 ? 101 THR A C   1 
ATOM   141  O  O   . THR A 1 17 ? 13.420  -11.537 12.842  1.00 15.57 ? 101 THR A O   1 
ATOM   142  C  CB  . THR A 1 17 ? 16.175  -12.033 12.719  1.00 19.81 ? 101 THR A CB  1 
ATOM   143  O  OG1 . THR A 1 17 ? 16.372  -11.691 11.350  1.00 21.27 ? 101 THR A OG1 1 
ATOM   144  C  CG2 . THR A 1 17 ? 17.527  -12.543 13.270  1.00 22.27 ? 101 THR A CG2 1 
ATOM   145  N  N   . ASP A 1 18 ? 13.149  -13.251 11.409  1.00 15.43 ? 102 ASP A N   1 
ATOM   146  C  CA  . ASP A 1 18 ? 11.828  -12.765 10.929  1.00 14.84 ? 102 ASP A CA  1 
ATOM   147  C  C   . ASP A 1 18 ? 10.691  -13.214 11.817  1.00 14.67 ? 102 ASP A C   1 
ATOM   148  O  O   . ASP A 1 18 ? 10.867  -14.070 12.737  1.00 17.58 ? 102 ASP A O   1 
ATOM   149  C  CB  . ASP A 1 18 ? 11.630  -13.068 9.455   1.00 16.34 ? 102 ASP A CB  1 
ATOM   150  C  CG  . ASP A 1 18 ? 11.638  -14.518 9.150   1.00 17.95 ? 102 ASP A CG  1 
ATOM   151  O  OD1 . ASP A 1 18 ? 12.001  -15.341 9.993   1.00 18.41 ? 102 ASP A OD1 1 
ATOM   152  O  OD2 . ASP A 1 18 ? 11.329  -14.887 7.982   1.00 19.35 ? 102 ASP A OD2 1 
ATOM   153  N  N   . LEU A 1 19 ? 9.506   -12.625 11.603  1.00 13.30 ? 103 LEU A N   1 
ATOM   154  C  CA  . LEU A 1 19 ? 8.385   -12.839 12.491  1.00 13.83 ? 103 LEU A CA  1 
ATOM   155  C  C   . LEU A 1 19 ? 7.199   -13.364 11.641  1.00 13.14 ? 103 LEU A C   1 
ATOM   156  O  O   . LEU A 1 19 ? 6.855   -12.711 10.675  1.00 13.03 ? 103 LEU A O   1 
ATOM   157  C  CB  . LEU A 1 19 ? 7.991   -11.540 13.233  1.00 14.76 ? 103 LEU A CB  1 
ATOM   158  C  CG  . LEU A 1 19 ? 6.594   -11.487 13.874  1.00 15.79 ? 103 LEU A CG  1 
ATOM   159  C  CD1 . LEU A 1 19 ? 6.508   -12.502 15.002  1.00 17.17 ? 103 LEU A CD1 1 
ATOM   160  C  CD2 . LEU A 1 19 ? 6.359   -10.058 14.366  1.00 16.64 ? 103 LEU A CD2 1 
ATOM   161  N  N   . SER A 1 20 ? 6.630   -14.518 11.991  1.00 12.16 ? 104 SER A N   1 
ATOM   162  C  CA  . SER A 1 20 ? 5.367   -14.966 11.380  1.00 13.14 ? 104 SER A CA  1 
ATOM   163  C  C   . SER A 1 20 ? 4.201   -14.159 11.924  1.00 11.94 ? 104 SER A C   1 
ATOM   164  O  O   . SER A 1 20 ? 4.209   -13.686 13.079  1.00 14.76 ? 104 SER A O   1 
ATOM   165  C  CB  . SER A 1 20 ? 5.073   -16.431 11.772  1.00 13.85 ? 104 SER A CB  1 
ATOM   166  O  OG  . SER A 1 20 ? 6.059   -17.294 11.206  1.00 15.36 ? 104 SER A OG  1 
ATOM   167  N  N   . PHE A 1 21 ? 3.222   -13.969 11.047  1.00 12.50 ? 105 PHE A N   1 
ATOM   168  C  CA  . PHE A 1 21 ? 1.991   -13.363 11.453  1.00 12.32 ? 105 PHE A CA  1 
ATOM   169  C  C   . PHE A 1 21 ? 0.880   -13.758 10.545  1.00 12.36 ? 105 PHE A C   1 
ATOM   170  O  O   . PHE A 1 21 ? 1.083   -14.232 9.448   1.00 13.44 ? 105 PHE A O   1 
ATOM   171  C  CB  . PHE A 1 21 ? 2.083   -11.823 11.485  1.00 12.78 ? 105 PHE A CB  1 
ATOM   172  C  CG  . PHE A 1 21 ? 2.639   -11.208 10.239  1.00 11.65 ? 105 PHE A CG  1 
ATOM   173  C  CD1 . PHE A 1 21 ? 1.805   -10.902 9.189   1.00 12.60 ? 105 PHE A CD1 1 
ATOM   174  C  CD2 . PHE A 1 21 ? 3.977   -10.942 10.103  1.00 12.53 ? 105 PHE A CD2 1 
ATOM   175  C  CE1 . PHE A 1 21 ? 2.265   -10.247 8.091   1.00 12.80 ? 105 PHE A CE1 1 
ATOM   176  C  CE2 . PHE A 1 21 ? 4.434   -10.323 8.927   1.00 13.25 ? 105 PHE A CE2 1 
ATOM   177  C  CZ  . PHE A 1 21 ? 3.588   -9.993  7.929   1.00 13.06 ? 105 PHE A CZ  1 
ATOM   178  N  N   . LYS A 1 22 ? -0.307  -13.551 11.049  1.00 14.40 ? 106 LYS A N   1 
ATOM   179  C  CA  . LYS A 1 22 ? -1.527  -13.767 10.293  1.00 15.36 ? 106 LYS A CA  1 
ATOM   180  C  C   . LYS A 1 22 ? -2.181  -12.483 9.769   1.00 15.02 ? 106 LYS A C   1 
ATOM   181  O  O   . LYS A 1 22 ? -2.144  -11.404 10.438  1.00 15.82 ? 106 LYS A O   1 
ATOM   182  C  CB  . LYS A 1 22 ? -2.553  -14.489 11.168  1.00 19.02 ? 106 LYS A CB  1 
ATOM   183  C  CG  . LYS A 1 22 ? -2.175  -15.892 11.586  1.00 22.99 ? 106 LYS A CG  1 
ATOM   184  C  CD  . LYS A 1 22 ? -3.232  -16.478 12.526  1.00 31.15 ? 106 LYS A CD  1 
ATOM   185  C  CE  . LYS A 1 22 ? -4.699  -16.489 12.030  1.00 37.56 ? 106 LYS A CE  1 
ATOM   186  N  NZ  . LYS A 1 22 ? -4.823  -17.047 10.642  1.00 43.53 ? 106 LYS A NZ  1 
ATOM   187  N  N   . LYS A 1 23 ? -2.827  -12.593 8.623   1.00 15.74 ? 107 LYS A N   1 
ATOM   188  C  CA  . LYS A 1 23 ? -3.728  -11.537 8.095   1.00 17.37 ? 107 LYS A CA  1 
ATOM   189  C  C   . LYS A 1 23 ? -4.632  -10.983 9.219   1.00 16.99 ? 107 LYS A C   1 
ATOM   190  O  O   . LYS A 1 23 ? -5.226  -11.726 9.998   1.00 17.75 ? 107 LYS A O   1 
ATOM   191  C  CB  . LYS A 1 23 ? -4.572  -12.075 6.966   1.00 19.69 ? 107 LYS A CB  1 
ATOM   192  C  CG  . LYS A 1 23 ? -5.442  -11.005 6.278   1.00 23.35 ? 107 LYS A CG  1 
ATOM   193  C  CD  . LYS A 1 23 ? -6.195  -11.683 5.122   1.00 26.29 ? 107 LYS A CD  1 
ATOM   194  C  CE  . LYS A 1 23 ? -7.021  -10.700 4.332   1.00 30.19 ? 107 LYS A CE  1 
ATOM   195  N  NZ  . LYS A 1 23 ? -7.829  -9.875  5.229   1.00 36.40 ? 107 LYS A NZ  1 
ATOM   196  N  N   . GLY A 1 24 ? -4.675  -9.661  9.319   1.00 15.52 ? 108 GLY A N   1 
ATOM   197  C  CA  . GLY A 1 24 ? -5.436  -8.994  10.319  1.00 15.73 ? 108 GLY A CA  1 
ATOM   198  C  C   . GLY A 1 24 ? -4.814  -8.779  11.656  1.00 17.01 ? 108 GLY A C   1 
ATOM   199  O  O   . GLY A 1 24 ? -5.324  -8.002  12.429  1.00 20.35 ? 108 GLY A O   1 
ATOM   200  N  N   . GLU A 1 25 ? -3.618  -9.319  11.899  1.00 17.18 ? 109 GLU A N   1 
ATOM   201  C  CA  . GLU A 1 25 ? -2.910  -9.021  13.111  1.00 18.25 ? 109 GLU A CA  1 
ATOM   202  C  C   . GLU A 1 25 ? -2.531  -7.590  13.128  1.00 15.00 ? 109 GLU A C   1 
ATOM   203  O  O   . GLU A 1 25 ? -2.114  -7.034  12.097  1.00 15.99 ? 109 GLU A O   1 
ATOM   204  C  CB  . GLU A 1 25 ? -1.580  -9.822  13.192  1.00 19.57 ? 109 GLU A CB  1 
ATOM   205  C  CG  . GLU A 1 25 ? -1.655  -11.030 14.070  1.00 24.16 ? 109 GLU A CG  1 
ATOM   206  C  CD  . GLU A 1 25 ? -0.331  -11.752 14.234  1.00 21.76 ? 109 GLU A CD  1 
ATOM   207  O  OE1 . GLU A 1 25 ? -0.281  -12.900 13.752  1.00 21.48 ? 109 GLU A OE1 1 
ATOM   208  O  OE2 . GLU A 1 25 ? 0.628   -11.213 14.912  1.00 25.66 ? 109 GLU A OE2 1 
ATOM   209  N  N   . ARG A 1 26 ? -2.573  -6.986  14.309  1.00 16.75 ? 110 ARG A N   1 
ATOM   210  C  CA  . ARG A 1 26 ? -1.991  -5.680  14.509  1.00 15.52 ? 110 ARG A CA  1 
ATOM   211  C  C   . ARG A 1 26 ? -0.554  -5.775  15.055  1.00 14.50 ? 110 ARG A C   1 
ATOM   212  O  O   . ARG A 1 26 ? -0.298  -6.539  15.975  1.00 15.74 ? 110 ARG A O   1 
ATOM   213  C  CB  . ARG A 1 26 ? -2.887  -4.878  15.448  1.00 21.40 ? 110 ARG A CB  1 
ATOM   214  C  CG  . ARG A 1 26 ? -4.170  -4.390  14.739  1.00 26.89 ? 110 ARG A CG  1 
ATOM   215  C  CD  . ARG A 1 26 ? -5.123  -3.592  15.601  1.00 37.73 ? 110 ARG A CD  1 
ATOM   216  N  NE  . ARG A 1 26 ? -4.665  -2.202  15.755  1.00 43.26 ? 110 ARG A NE  1 
ATOM   217  C  CZ  . ARG A 1 26 ? -5.455  -1.137  15.914  1.00 41.85 ? 110 ARG A CZ  1 
ATOM   218  N  NH1 . ARG A 1 26 ? -6.793  -1.249  15.942  1.00 48.17 ? 110 ARG A NH1 1 
ATOM   219  N  NH2 . ARG A 1 26 ? -4.902  0.065   15.998  1.00 41.41 ? 110 ARG A NH2 1 
ATOM   220  N  N   . LEU A 1 27 ? 0.306   -4.961  14.470  1.00 13.51 ? 111 LEU A N   1 
ATOM   221  C  CA  . LEU A 1 27 ? 1.761   -4.988  14.723  1.00 15.22 ? 111 LEU A CA  1 
ATOM   222  C  C   . LEU A 1 27 ? 2.217   -3.598  15.075  1.00 16.23 ? 111 LEU A C   1 
ATOM   223  O  O   . LEU A 1 27 ? 1.830   -2.633  14.416  1.00 17.80 ? 111 LEU A O   1 
ATOM   224  C  CB  . LEU A 1 27 ? 2.507   -5.505  13.507  1.00 15.91 ? 111 LEU A CB  1 
ATOM   225  C  CG  . LEU A 1 27 ? 2.119   -6.867  12.885  1.00 17.88 ? 111 LEU A CG  1 
ATOM   226  C  CD1 . LEU A 1 27 ? 2.694   -7.014  11.521  1.00 19.76 ? 111 LEU A CD1 1 
ATOM   227  C  CD2 . LEU A 1 27 ? 2.636   -7.963  13.761  1.00 19.77 ? 111 LEU A CD2 1 
ATOM   228  N  N   . GLN A 1 28 ? 3.041   -3.494  16.096  1.00 14.89 ? 112 GLN A N   1 
ATOM   229  C  CA  . GLN A 1 28 ? 3.679   -2.263  16.491  1.00 15.03 ? 112 GLN A CA  1 
ATOM   230  C  C   . GLN A 1 28 ? 5.048   -2.296  15.847  1.00 13.91 ? 112 GLN A C   1 
ATOM   231  O  O   . GLN A 1 28 ? 5.749   -3.287  16.073  1.00 15.88 ? 112 GLN A O   1 
ATOM   232  C  CB  . GLN A 1 28 ? 3.821   -2.253  17.990  1.00 17.15 ? 112 GLN A CB  1 
ATOM   233  C  CG  . GLN A 1 28 ? 4.551   -1.044  18.550  1.00 18.58 ? 112 GLN A CG  1 
ATOM   234  C  CD  . GLN A 1 28 ? 4.657   -1.054  20.047  1.00 20.91 ? 112 GLN A CD  1 
ATOM   235  O  OE1 . GLN A 1 28 ? 4.079   -1.922  20.736  1.00 23.56 ? 112 GLN A OE1 1 
ATOM   236  N  NE2 . GLN A 1 28 ? 5.391   -0.073  20.566  1.00 17.82 ? 112 GLN A NE2 1 
ATOM   237  N  N   . ILE A 1 29 ? 5.432   -1.255  15.127  1.00 14.18 ? 113 ILE A N   1 
ATOM   238  C  CA  . ILE A 1 29 ? 6.736   -1.223  14.474  1.00 14.46 ? 113 ILE A CA  1 
ATOM   239  C  C   . ILE A 1 29 ? 7.710   -0.621  15.448  1.00 16.96 ? 113 ILE A C   1 
ATOM   240  O  O   . ILE A 1 29 ? 7.526   0.519   15.941  1.00 16.98 ? 113 ILE A O   1 
ATOM   241  C  CB  . ILE A 1 29 ? 6.667   -0.463  13.137  1.00 16.47 ? 113 ILE A CB  1 
ATOM   242  C  CG1 . ILE A 1 29 ? 5.578   -1.065  12.235  1.00 17.26 ? 113 ILE A CG1 1 
ATOM   243  C  CG2 . ILE A 1 29 ? 8.068   -0.426  12.480  1.00 17.37 ? 113 ILE A CG2 1 
ATOM   244  C  CD1 . ILE A 1 29 ? 5.712   -2.517  11.922  1.00 17.68 ? 113 ILE A CD1 1 
ATOM   245  N  N   . VAL A 1 30 ? 8.763   -1.330  15.751  1.00 18.36 ? 114 VAL A N   1 
ATOM   246  C  CA  . VAL A 1 30 ? 9.781   -0.808  16.699  1.00 22.81 ? 114 VAL A CA  1 
ATOM   247  C  C   . VAL A 1 30 ? 11.034  -0.257  15.987  1.00 23.87 ? 114 VAL A C   1 
ATOM   248  O  O   . VAL A 1 30 ? 11.726  0.595   16.528  1.00 23.03 ? 114 VAL A O   1 
ATOM   249  C  CB  . VAL A 1 30 ? 10.041  -1.760  17.873  1.00 28.83 ? 114 VAL A CB  1 
ATOM   250  C  CG1 . VAL A 1 30 ? 8.757   -1.922  18.690  1.00 32.71 ? 114 VAL A CG1 1 
ATOM   251  C  CG2 . VAL A 1 30 ? 10.462  -3.116  17.404  1.00 30.46 ? 114 VAL A CG2 1 
ATOM   252  N  N   . ASN A 1 31 ? 11.283  -0.659  14.744  1.00 21.11 ? 115 ASN A N   1 
ATOM   253  C  CA  . ASN A 1 31 ? 12.321  -0.029  13.960  1.00 22.30 ? 115 ASN A CA  1 
ATOM   254  C  C   . ASN A 1 31 ? 11.968  -0.106  12.526  1.00 21.49 ? 115 ASN A C   1 
ATOM   255  O  O   . ASN A 1 31 ? 11.712  -1.231  12.028  1.00 20.36 ? 115 ASN A O   1 
ATOM   256  C  CB  . ASN A 1 31 ? 13.697  -0.672  14.172  1.00 23.56 ? 115 ASN A CB  1 
ATOM   257  C  CG  . ASN A 1 31 ? 14.794  0.116   13.447  1.00 26.28 ? 115 ASN A CG  1 
ATOM   258  O  OD1 . ASN A 1 31 ? 14.924  0.041   12.259  1.00 26.31 ? 115 ASN A OD1 1 
ATOM   259  N  ND2 . ASN A 1 31 ? 15.517  0.910   14.179  1.00 34.81 ? 115 ASN A ND2 1 
ATOM   260  N  N   . ASN A 1 32 ? 11.921  1.048   11.851  1.00 22.07 ? 116 ASN A N   1 
ATOM   261  C  CA  . ASN A 1 32 ? 11.714  1.026   10.391  1.00 24.49 ? 116 ASN A CA  1 
ATOM   262  C  C   . ASN A 1 32 ? 12.762  1.801   9.594   1.00 25.96 ? 116 ASN A C   1 
ATOM   263  O  O   . ASN A 1 32 ? 12.516  2.204   8.453   1.00 25.37 ? 116 ASN A O   1 
ATOM   264  C  CB  . ASN A 1 32 ? 10.313  1.450   9.993   1.00 24.06 ? 116 ASN A CB  1 
ATOM   265  C  CG  . ASN A 1 32 ? 10.013  2.887   10.343  1.00 29.67 ? 116 ASN A CG  1 
ATOM   266  O  OD1 . ASN A 1 32 ? 10.831  3.601   10.897  1.00 33.24 ? 116 ASN A OD1 1 
ATOM   267  N  ND2 . ASN A 1 32 ? 8.835   3.318   9.960   1.00 36.66 ? 116 ASN A ND2 1 
ATOM   268  N  N   . THR A 1 33 ? 13.952  1.867   10.164  1.00 25.56 ? 117 THR A N   1 
ATOM   269  C  CA  . THR A 1 33 ? 15.019  2.645   9.518   1.00 30.13 ? 117 THR A CA  1 
ATOM   270  C  C   . THR A 1 33 ? 16.084  1.819   8.873   1.00 30.06 ? 117 THR A C   1 
ATOM   271  O  O   . THR A 1 33 ? 17.074  2.392   8.445   1.00 36.11 ? 117 THR A O   1 
ATOM   272  C  CB  . THR A 1 33 ? 15.723  3.550   10.519  1.00 33.00 ? 117 THR A CB  1 
ATOM   273  O  OG1 . THR A 1 33 ? 16.289  2.726   11.550  1.00 35.77 ? 117 THR A OG1 1 
ATOM   274  C  CG2 . THR A 1 33 ? 14.803  4.586   11.022  1.00 34.88 ? 117 THR A CG2 1 
ATOM   275  N  N   . GLU A 1 34 ? 15.923  0.512   8.806   1.00 29.32 ? 118 GLU A N   1 
ATOM   276  C  CA  . GLU A 1 34 ? 16.953  -0.370  8.322   1.00 30.15 ? 118 GLU A CA  1 
ATOM   277  C  C   . GLU A 1 34 ? 16.666  -0.840  6.907   1.00 31.46 ? 118 GLU A C   1 
ATOM   278  O  O   . GLU A 1 34 ? 17.518  -1.476  6.330   1.00 39.27 ? 118 GLU A O   1 
ATOM   279  C  CB  . GLU A 1 34 ? 17.133  -1.599  9.229   1.00 35.32 ? 118 GLU A CB  1 
ATOM   280  C  CG  . GLU A 1 34 ? 17.658  -1.222  10.594  1.00 40.54 ? 118 GLU A CG  1 
ATOM   281  C  CD  . GLU A 1 34 ? 18.047  -2.403  11.445  1.00 43.20 ? 118 GLU A CD  1 
ATOM   282  O  OE1 . GLU A 1 34 ? 17.209  -3.298  11.695  1.00 42.27 ? 118 GLU A OE1 1 
ATOM   283  O  OE2 . GLU A 1 34 ? 19.215  -2.427  11.874  1.00 48.37 ? 118 GLU A OE2 1 
ATOM   284  N  N   . GLY A 1 35 ? 15.549  -0.457  6.311   1.00 25.18 ? 119 GLY A N   1 
ATOM   285  C  CA  . GLY A 1 35 ? 15.240  -0.935  4.966   1.00 28.06 ? 119 GLY A CA  1 
ATOM   286  C  C   . GLY A 1 35 ? 13.797  -1.374  4.914   1.00 25.19 ? 119 GLY A C   1 
ATOM   287  O  O   . GLY A 1 35 ? 13.013  -0.973  5.787   1.00 23.73 ? 119 GLY A O   1 
ATOM   288  N  N   . ASP A 1 36 ? 13.481  -2.266  3.961   1.00 22.06 ? 120 ASP A N   1 
ATOM   289  C  CA  . ASP A 1 36 ? 12.087  -2.630  3.720   1.00 22.09 ? 120 ASP A CA  1 
ATOM   290  C  C   . ASP A 1 36 ? 11.619  -3.780  4.606   1.00 20.26 ? 120 ASP A C   1 
ATOM   291  O  O   . ASP A 1 36 ? 10.468  -4.127  4.553   1.00 20.50 ? 120 ASP A O   1 
ATOM   292  C  CB  . ASP A 1 36 ? 11.882  -3.014  2.238   1.00 27.36 ? 120 ASP A CB  1 
ATOM   293  C  CG  . ASP A 1 36 ? 11.827  -1.776  1.315   1.00 34.93 ? 120 ASP A CG  1 
ATOM   294  O  OD1 . ASP A 1 36 ? 11.159  -0.783  1.688   1.00 40.25 ? 120 ASP A OD1 1 
ATOM   295  O  OD2 . ASP A 1 36 ? 12.488  -1.793  0.253   1.00 44.44 ? 120 ASP A OD2 1 
ATOM   296  N  N   . TRP A 1 37 ? 12.497  -4.358  5.385   1.00 17.92 ? 121 TRP A N   1 
ATOM   297  C  CA  . TRP A 1 37 ? 12.064  -5.230  6.475   1.00 17.46 ? 121 TRP A CA  1 
ATOM   298  C  C   . TRP A 1 37 ? 12.106  -4.400  7.754   1.00 17.08 ? 121 TRP A C   1 
ATOM   299  O  O   . TRP A 1 37 ? 13.124  -3.817  8.084   1.00 17.70 ? 121 TRP A O   1 
ATOM   300  C  CB  . TRP A 1 37 ? 12.904  -6.475  6.606   1.00 17.13 ? 121 TRP A CB  1 
ATOM   301  C  CG  . TRP A 1 37 ? 12.742  -7.428  5.479   1.00 16.18 ? 121 TRP A CG  1 
ATOM   302  C  CD1 . TRP A 1 37 ? 13.218  -7.288  4.178   1.00 18.14 ? 121 TRP A CD1 1 
ATOM   303  C  CD2 . TRP A 1 37 ? 11.963  -8.623  5.503   1.00 16.57 ? 121 TRP A CD2 1 
ATOM   304  N  NE1 . TRP A 1 37 ? 12.811  -8.376  3.424   1.00 18.31 ? 121 TRP A NE1 1 
ATOM   305  C  CE2 . TRP A 1 37 ? 12.076  -9.234  4.221   1.00 17.59 ? 121 TRP A CE2 1 
ATOM   306  C  CE3 . TRP A 1 37 ? 11.289  -9.301  6.515   1.00 17.17 ? 121 TRP A CE3 1 
ATOM   307  C  CZ2 . TRP A 1 37 ? 11.431  -10.440 3.912   1.00 19.11 ? 121 TRP A CZ2 1 
ATOM   308  C  CZ3 . TRP A 1 37 ? 10.693  -10.499 6.244   1.00 18.11 ? 121 TRP A CZ3 1 
ATOM   309  C  CH2 . TRP A 1 37 ? 10.752  -11.090 4.912   1.00 18.68 ? 121 TRP A CH2 1 
ATOM   310  N  N   . TRP A 1 38 ? 11.004  -4.405  8.496   1.00 13.81 ? 122 TRP A N   1 
ATOM   311  C  CA  . TRP A 1 38 ? 10.805  -3.632  9.679   1.00 14.02 ? 122 TRP A CA  1 
ATOM   312  C  C   . TRP A 1 38 ? 10.731  -4.521  10.931  1.00 12.96 ? 122 TRP A C   1 
ATOM   313  O  O   . TRP A 1 38 ? 10.189  -5.632  10.892  1.00 13.56 ? 122 TRP A O   1 
ATOM   314  C  CB  . TRP A 1 38 ? 9.505   -2.886  9.628   1.00 14.82 ? 122 TRP A CB  1 
ATOM   315  C  CG  . TRP A 1 38 ? 9.362   -1.844  8.576   1.00 14.83 ? 122 TRP A CG  1 
ATOM   316  C  CD1 . TRP A 1 38 ? 10.355  -1.325  7.788   1.00 18.23 ? 122 TRP A CD1 1 
ATOM   317  C  CD2 . TRP A 1 38 ? 8.176   -1.141  8.238   1.00 15.59 ? 122 TRP A CD2 1 
ATOM   318  N  NE1 . TRP A 1 38 ? 9.837   -0.370  6.946   1.00 17.05 ? 122 TRP A NE1 1 
ATOM   319  C  CE2 . TRP A 1 38 ? 8.519   -0.189  7.251   1.00 16.90 ? 122 TRP A CE2 1 
ATOM   320  C  CE3 . TRP A 1 38 ? 6.878   -1.154  8.715   1.00 17.30 ? 122 TRP A CE3 1 
ATOM   321  C  CZ2 . TRP A 1 38 ? 7.589   0.678   6.702   1.00 16.54 ? 122 TRP A CZ2 1 
ATOM   322  C  CZ3 . TRP A 1 38 ? 5.916   -0.301  8.145   1.00 17.89 ? 122 TRP A CZ3 1 
ATOM   323  C  CH2 . TRP A 1 38 ? 6.293   0.613   7.118   1.00 17.24 ? 122 TRP A CH2 1 
ATOM   324  N  N   . LEU A 1 39 ? 11.306  -4.068  12.048  1.00 13.54 ? 123 LEU A N   1 
ATOM   325  C  CA  . LEU A 1 39 ? 11.263  -4.815  13.318  1.00 14.14 ? 123 LEU A CA  1 
ATOM   326  C  C   . LEU A 1 39 ? 9.911   -4.501  13.968  1.00 15.34 ? 123 LEU A C   1 
ATOM   327  O  O   . LEU A 1 39 ? 9.578   -3.355  14.148  1.00 16.02 ? 123 LEU A O   1 
ATOM   328  C  CB  . LEU A 1 39 ? 12.444  -4.433  14.232  1.00 15.34 ? 123 LEU A CB  1 
ATOM   329  C  CG  . LEU A 1 39 ? 12.557  -5.261  15.537  1.00 17.62 ? 123 LEU A CG  1 
ATOM   330  C  CD1 . LEU A 1 39 ? 12.807  -6.664  15.223  1.00 16.42 ? 123 LEU A CD1 1 
ATOM   331  C  CD2 . LEU A 1 39 ? 13.693  -4.739  16.456  1.00 19.56 ? 123 LEU A CD2 1 
ATOM   332  N  N   . ALA A 1 40 ? 9.110   -5.558  14.218  1.00 14.39 ? 124 ALA A N   1 
ATOM   333  C  CA  . ALA A 1 40 ? 7.768   -5.475  14.696  1.00 13.63 ? 124 ALA A CA  1 
ATOM   334  C  C   . ALA A 1 40 ? 7.556   -6.354  15.888  1.00 14.38 ? 124 ALA A C   1 
ATOM   335  O  O   . ALA A 1 40 ? 8.261   -7.340  16.120  1.00 14.00 ? 124 ALA A O   1 
ATOM   336  C  CB  . ALA A 1 40 ? 6.862   -5.882  13.527  1.00 13.19 ? 124 ALA A CB  1 
ATOM   337  N  N   . HIS A 1 41 ? 6.549   -5.950  16.648  1.00 13.73 ? 125 HIS A N   1 
ATOM   338  C  CA  . HIS A 1 41 ? 6.054   -6.623  17.820  1.00 12.79 ? 125 HIS A CA  1 
ATOM   339  C  C   . HIS A 1 41 ? 4.548   -6.837  17.697  1.00 13.24 ? 125 HIS A C   1 
ATOM   340  O  O   . HIS A 1 41 ? 3.817   -5.891  17.472  1.00 11.98 ? 125 HIS A O   1 
ATOM   341  C  CB  . HIS A 1 41 ? 6.341   -5.785  19.065  1.00 13.78 ? 125 HIS A CB  1 
ATOM   342  C  CG  . HIS A 1 41 ? 5.876   -6.423  20.302  1.00 14.14 ? 125 HIS A CG  1 
ATOM   343  N  ND1 . HIS A 1 41 ? 6.428   -7.604  20.746  1.00 15.38 ? 125 HIS A ND1 1 
ATOM   344  C  CD2 . HIS A 1 41 ? 4.944   -6.086  21.225  1.00 14.05 ? 125 HIS A CD2 1 
ATOM   345  C  CE1 . HIS A 1 41 ? 5.822   -7.992  21.854  1.00 14.41 ? 125 HIS A CE1 1 
ATOM   346  N  NE2 . HIS A 1 41 ? 4.920   -7.099  22.177  1.00 12.94 ? 125 HIS A NE2 1 
ATOM   347  N  N   . SER A 1 42 ? 4.121   -8.089  17.798  1.00 11.72 ? 126 SER A N   1 
ATOM   348  C  CA  . SER A 1 42 ? 2.731   -8.447  17.621  1.00 13.23 ? 126 SER A CA  1 
ATOM   349  C  C   . SER A 1 42 ? 1.958   -8.072  18.848  1.00 14.70 ? 126 SER A C   1 
ATOM   350  O  O   . SER A 1 42 ? 2.315   -8.484  19.959  1.00 17.28 ? 126 SER A O   1 
ATOM   351  C  CB  . SER A 1 42 ? 2.529   -9.938  17.424  1.00 14.73 ? 126 SER A CB  1 
ATOM   352  O  OG  . SER A 1 42 ? 1.136   -10.175 17.260  1.00 15.75 ? 126 SER A OG  1 
ATOM   353  N  N   . LEU A 1 43 ? 0.862   -7.386  18.668  1.00 13.48 ? 127 LEU A N   1 
ATOM   354  C  CA  . LEU A 1 43 ? -0.059  -7.064  19.800  1.00 16.49 ? 127 LEU A CA  1 
ATOM   355  C  C   . LEU A 1 43 ? -0.743  -8.303  20.345  1.00 19.91 ? 127 LEU A C   1 
ATOM   356  O  O   . LEU A 1 43 ? -0.977  -8.372  21.575  1.00 24.01 ? 127 LEU A O   1 
ATOM   357  C  CB  . LEU A 1 43 ? -1.103  -6.053  19.378  1.00 17.09 ? 127 LEU A CB  1 
ATOM   358  C  CG  . LEU A 1 43 ? -0.615  -4.625  19.580  1.00 18.33 ? 127 LEU A CG  1 
ATOM   359  C  CD1 . LEU A 1 43 ? 0.528   -4.251  18.677  1.00 20.66 ? 127 LEU A CD1 1 
ATOM   360  C  CD2 . LEU A 1 43 ? -1.777  -3.707  19.394  1.00 20.33 ? 127 LEU A CD2 1 
ATOM   361  N  N   . SER A 1 44 ? -0.983  -9.273  19.473  1.00 18.59 ? 128 SER A N   1 
ATOM   362  C  CA  . SER A 1 44 ? -1.763  -10.469 19.832  1.00 19.52 ? 128 SER A CA  1 
ATOM   363  C  C   . SER A 1 44 ? -0.923  -11.664 20.187  1.00 21.14 ? 128 SER A C   1 
ATOM   364  O  O   . SER A 1 44 ? -1.301  -12.387 21.095  1.00 23.69 ? 128 SER A O   1 
ATOM   365  C  CB  . SER A 1 44 ? -2.724  -10.827 18.745  1.00 20.64 ? 128 SER A CB  1 
ATOM   366  O  OG  . SER A 1 44 ? -2.069  -10.917 17.531  1.00 21.39 ? 128 SER A OG  1 
ATOM   367  N  N   . THR A 1 45 ? 0.238   -11.857 19.560  1.00 15.90 ? 129 THR A N   1 
ATOM   368  C  CA  . THR A 1 45 ? 1.006   -13.107 19.775  1.00 16.02 ? 129 THR A CA  1 
ATOM   369  C  C   . THR A 1 45 ? 2.191   -12.804 20.731  1.00 16.99 ? 129 THR A C   1 
ATOM   370  O  O   . THR A 1 45 ? 2.783   -13.754 21.248  1.00 15.03 ? 129 THR A O   1 
ATOM   371  C  CB  . THR A 1 45 ? 1.594   -13.715 18.516  1.00 17.00 ? 129 THR A CB  1 
ATOM   372  O  OG1 . THR A 1 45 ? 2.707   -12.913 18.050  1.00 14.83 ? 129 THR A OG1 1 
ATOM   373  C  CG2 . THR A 1 45 ? 0.544   -13.924 17.458  1.00 17.52 ? 129 THR A CG2 1 
ATOM   374  N  N   . GLY A 1 46 ? 2.504   -11.532 20.958  1.00 15.42 ? 130 GLY A N   1 
ATOM   375  C  CA  . GLY A 1 46 ? 3.636   -11.171 21.800  1.00 15.95 ? 130 GLY A CA  1 
ATOM   376  C  C   . GLY A 1 46 ? 5.014   -11.457 21.238  1.00 15.24 ? 130 GLY A C   1 
ATOM   377  O  O   . GLY A 1 46 ? 6.047   -11.306 21.935  1.00 14.29 ? 130 GLY A O   1 
ATOM   378  N  N   . GLN A 1 47 ? 5.079   -11.935 19.987  1.00 13.13 ? 131 GLN A N   1 
ATOM   379  C  CA  . GLN A 1 47 ? 6.310   -12.202 19.335  1.00 13.48 ? 131 GLN A CA  1 
ATOM   380  C  C   . GLN A 1 47 ? 6.903   -10.989 18.658  1.00 14.94 ? 131 GLN A C   1 
ATOM   381  O  O   . GLN A 1 47 ? 6.227   -10.002 18.409  1.00 14.25 ? 131 GLN A O   1 
ATOM   382  C  CB  . GLN A 1 47 ? 6.188   -13.387 18.338  1.00 13.58 ? 131 GLN A CB  1 
ATOM   383  C  CG  . GLN A 1 47 ? 5.569   -14.654 18.955  1.00 13.05 ? 131 GLN A CG  1 
ATOM   384  C  CD  . GLN A 1 47 ? 6.221   -15.099 20.268  1.00 12.87 ? 131 GLN A CD  1 
ATOM   385  O  OE1 . GLN A 1 47 ? 7.383   -15.494 20.279  1.00 13.94 ? 131 GLN A OE1 1 
ATOM   386  N  NE2 . GLN A 1 47 ? 5.456   -15.039 21.371  1.00 13.53 ? 131 GLN A NE2 1 
ATOM   387  N  N   . THR A 1 48 ? 8.203   -11.062 18.384  1.00 13.83 ? 132 THR A N   1 
ATOM   388  C  CA  . THR A 1 48 ? 8.959   -9.903  17.861  1.00 14.05 ? 132 THR A CA  1 
ATOM   389  C  C   . THR A 1 48 ? 9.880   -10.399 16.787  1.00 13.21 ? 132 THR A C   1 
ATOM   390  O  O   . THR A 1 48 ? 10.462  -11.512 16.928  1.00 15.95 ? 132 THR A O   1 
ATOM   391  C  CB  . THR A 1 48 ? 9.806   -9.236  18.976  1.00 14.52 ? 132 THR A CB  1 
ATOM   392  O  OG1 . THR A 1 48 ? 8.934   -8.799  20.030  1.00 16.08 ? 132 THR A OG1 1 
ATOM   393  C  CG2 . THR A 1 48 ? 10.623  -8.043  18.434  1.00 16.43 ? 132 THR A CG2 1 
ATOM   394  N  N   . GLY A 1 49 ? 9.986   -9.653  15.702  1.00 12.19 ? 133 GLY A N   1 
ATOM   395  C  CA  . GLY A 1 49 ? 10.917  -9.941  14.643  1.00 13.29 ? 133 GLY A CA  1 
ATOM   396  C  C   . GLY A 1 49 ? 10.696  -9.095  13.392  1.00 12.41 ? 133 GLY A C   1 
ATOM   397  O  O   . GLY A 1 49 ? 9.855   -8.246  13.366  1.00 13.57 ? 133 GLY A O   1 
ATOM   398  N  N   . TYR A 1 50 ? 11.445  -9.375  12.346  1.00 12.85 ? 134 TYR A N   1 
ATOM   399  C  CA  . TYR A 1 50 ? 11.396  -8.595  11.135  1.00 13.90 ? 134 TYR A CA  1 
ATOM   400  C  C   . TYR A 1 50 ? 10.243  -9.058  10.247  1.00 12.86 ? 134 TYR A C   1 
ATOM   401  O  O   . TYR A 1 50 ? 10.008  -10.262 10.077  1.00 12.83 ? 134 TYR A O   1 
ATOM   402  C  CB  . TYR A 1 50 ? 12.747  -8.711  10.347  1.00 14.77 ? 134 TYR A CB  1 
ATOM   403  C  CG  . TYR A 1 50 ? 13.816  -7.900  11.016  1.00 16.95 ? 134 TYR A CG  1 
ATOM   404  C  CD1 . TYR A 1 50 ? 13.863  -6.522  10.861  1.00 17.94 ? 134 TYR A CD1 1 
ATOM   405  C  CD2 . TYR A 1 50 ? 14.701  -8.482  11.915  1.00 20.06 ? 134 TYR A CD2 1 
ATOM   406  C  CE1 . TYR A 1 50 ? 14.776  -5.734  11.534  1.00 20.18 ? 134 TYR A CE1 1 
ATOM   407  C  CE2 . TYR A 1 50 ? 15.638  -7.690  12.577  1.00 21.67 ? 134 TYR A CE2 1 
ATOM   408  C  CZ  . TYR A 1 50 ? 15.654  -6.336  12.364  1.00 21.04 ? 134 TYR A CZ  1 
ATOM   409  O  OH  . TYR A 1 50 ? 16.607  -5.557  12.987  1.00 30.17 ? 134 TYR A OH  1 
ATOM   410  N  N   . ILE A 1 51 ? 9.565   -8.064  9.705   1.00 12.52 ? 135 ILE A N   1 
ATOM   411  C  CA  . ILE A 1 51 ? 8.446   -8.312  8.798   1.00 13.34 ? 135 ILE A CA  1 
ATOM   412  C  C   . ILE A 1 51 ? 8.698   -7.606  7.483   1.00 13.34 ? 135 ILE A C   1 
ATOM   413  O  O   . ILE A 1 51 ? 9.292   -6.529  7.434   1.00 12.62 ? 135 ILE A O   1 
ATOM   414  C  CB  . ILE A 1 51 ? 7.086   -7.904  9.446   1.00 13.74 ? 135 ILE A CB  1 
ATOM   415  C  CG1 . ILE A 1 51 ? 6.993   -6.367  9.756   1.00 15.96 ? 135 ILE A CG1 1 
ATOM   416  C  CG2 . ILE A 1 51 ? 6.852   -8.753  10.671  1.00 13.14 ? 135 ILE A CG2 1 
ATOM   417  C  CD1 . ILE A 1 51 ? 5.546   -5.933  10.033  1.00 19.55 ? 135 ILE A CD1 1 
ATOM   418  N  N   . PRO A 1 52 ? 8.109   -8.119  6.401   1.00 14.50 ? 136 PRO A N   1 
ATOM   419  C  CA  . PRO A 1 52 ? 8.189   -7.443  5.095   1.00 14.68 ? 136 PRO A CA  1 
ATOM   420  C  C   . PRO A 1 52 ? 7.239   -6.281  5.062   1.00 13.26 ? 136 PRO A C   1 
ATOM   421  O  O   . PRO A 1 52 ? 6.007   -6.452  5.267   1.00 14.73 ? 136 PRO A O   1 
ATOM   422  C  CB  . PRO A 1 52 ? 7.869   -8.549  4.120   1.00 13.84 ? 136 PRO A CB  1 
ATOM   423  C  CG  . PRO A 1 52 ? 6.992   -9.453  4.879   1.00 14.75 ? 136 PRO A CG  1 
ATOM   424  C  CD  . PRO A 1 52 ? 7.392   -9.392  6.304   1.00 14.84 ? 136 PRO A CD  1 
ATOM   425  N  N   . SER A 1 53 ? 7.728   -5.054  4.885   1.00 14.37 ? 137 SER A N   1 
ATOM   426  C  CA  . SER A 1 53 ? 6.852   -3.866  5.027   1.00 15.51 ? 137 SER A CA  1 
ATOM   427  C  C   . SER A 1 53 ? 5.743   -3.760  3.982   1.00 13.75 ? 137 SER A C   1 
ATOM   428  O  O   . SER A 1 53 ? 4.744   -3.139  4.212   1.00 17.62 ? 137 SER A O   1 
ATOM   429  C  CB  . SER A 1 53 ? 7.665   -2.551  5.063   1.00 17.51 ? 137 SER A CB  1 
ATOM   430  O  OG  . SER A 1 53 ? 8.310   -2.367  3.819   1.00 19.81 ? 137 SER A OG  1 
ATOM   431  N  N   . ASN A 1 54 ? 5.893   -4.439  2.875   1.00 14.43 ? 138 ASN A N   1 
ATOM   432  C  CA  . ASN A 1 54 ? 4.826   -4.444  1.873   1.00 14.96 ? 138 ASN A CA  1 
ATOM   433  C  C   . ASN A 1 54 ? 3.732   -5.448  2.199   1.00 15.71 ? 138 ASN A C   1 
ATOM   434  O  O   . ASN A 1 54 ? 2.787   -5.580  1.435   1.00 16.75 ? 138 ASN A O   1 
ATOM   435  C  CB  . ASN A 1 54 ? 5.410   -4.674  0.458   1.00 16.22 ? 138 ASN A CB  1 
ATOM   436  C  CG  . ASN A 1 54 ? 6.233   -5.968  0.280   1.00 17.94 ? 138 ASN A CG  1 
ATOM   437  O  OD1 . ASN A 1 54 ? 6.507   -6.716  1.200   1.00 16.94 ? 138 ASN A OD1 1 
ATOM   438  N  ND2 . ASN A 1 54 ? 6.639   -6.230  -0.970  1.00 17.45 ? 138 ASN A ND2 1 
ATOM   439  N  N   . TYR A 1 55 ? 3.830   -6.188  3.287   1.00 14.11 ? 139 TYR A N   1 
ATOM   440  C  CA  . TYR A 1 55 ? 2.728   -7.038  3.719   1.00 13.93 ? 139 TYR A CA  1 
ATOM   441  C  C   . TYR A 1 55 ? 1.771   -6.368  4.721   1.00 13.86 ? 139 TYR A C   1 
ATOM   442  O  O   . TYR A 1 55 ? 0.845   -6.997  5.181   1.00 14.98 ? 139 TYR A O   1 
ATOM   443  C  CB  . TYR A 1 55 ? 3.230   -8.317  4.376   1.00 13.62 ? 139 TYR A CB  1 
ATOM   444  C  CG  . TYR A 1 55 ? 3.563   -9.388  3.429   1.00 13.59 ? 139 TYR A CG  1 
ATOM   445  C  CD1 . TYR A 1 55 ? 4.316   -9.168  2.282   1.00 15.48 ? 139 TYR A CD1 1 
ATOM   446  C  CD2 . TYR A 1 55 ? 3.183   -10.718 3.757   1.00 16.78 ? 139 TYR A CD2 1 
ATOM   447  C  CE1 . TYR A 1 55 ? 4.605   -10.249 1.444   1.00 17.09 ? 139 TYR A CE1 1 
ATOM   448  C  CE2 . TYR A 1 55 ? 3.474   -11.752 2.925   1.00 17.00 ? 139 TYR A CE2 1 
ATOM   449  C  CZ  . TYR A 1 55 ? 4.157   -11.483 1.784   1.00 17.22 ? 139 TYR A CZ  1 
ATOM   450  O  OH  . TYR A 1 55 ? 4.498   -12.612 1.031   1.00 25.45 ? 139 TYR A OH  1 
ATOM   451  N  N   . VAL A 1 56 ? 2.029   -5.135  5.124   1.00 13.75 ? 140 VAL A N   1 
ATOM   452  C  CA  . VAL A 1 56 ? 1.250   -4.438  6.136   1.00 13.41 ? 140 VAL A CA  1 
ATOM   453  C  C   . VAL A 1 56 ? 0.813   -3.055  5.613   1.00 14.99 ? 140 VAL A C   1 
ATOM   454  O  O   . VAL A 1 56 ? 1.349   -2.562  4.614   1.00 15.14 ? 140 VAL A O   1 
ATOM   455  C  CB  . VAL A 1 56 ? 2.042   -4.280  7.445   1.00 14.86 ? 140 VAL A CB  1 
ATOM   456  C  CG1 . VAL A 1 56 ? 2.466   -5.623  8.007   1.00 16.17 ? 140 VAL A CG1 1 
ATOM   457  C  CG2 . VAL A 1 56 ? 3.223   -3.328  7.299   1.00 15.25 ? 140 VAL A CG2 1 
ATOM   458  N  N   . ALA A 1 57 ? -0.214  -2.520  6.252   1.00 15.02 ? 141 ALA A N   1 
ATOM   459  C  CA  . ALA A 1 57 ? -0.749  -1.196  5.955   1.00 16.04 ? 141 ALA A CA  1 
ATOM   460  C  C   . ALA A 1 57 ? -0.955  -0.502  7.260   1.00 14.06 ? 141 ALA A C   1 
ATOM   461  O  O   . ALA A 1 57 ? -1.201  -1.115  8.251   1.00 14.01 ? 141 ALA A O   1 
ATOM   462  C  CB  . ALA A 1 57 ? -2.095  -1.304  5.258   1.00 17.92 ? 141 ALA A CB  1 
ATOM   463  N  N   . PRO A 1 58 ? -0.963  0.850   7.244   1.00 15.37 ? 142 PRO A N   1 
ATOM   464  C  CA  . PRO A 1 58 ? -1.266  1.497   8.483   1.00 15.33 ? 142 PRO A CA  1 
ATOM   465  C  C   . PRO A 1 58 ? -2.643  1.104   9.014   1.00 16.42 ? 142 PRO A C   1 
ATOM   466  O  O   . PRO A 1 58 ? -3.570  0.960   8.226   1.00 17.61 ? 142 PRO A O   1 
ATOM   467  C  CB  . PRO A 1 58 ? -1.220  2.999   8.093   1.00 15.98 ? 142 PRO A CB  1 
ATOM   468  C  CG  . PRO A 1 58 ? -0.460  3.112   6.854   1.00 18.84 ? 142 PRO A CG  1 
ATOM   469  C  CD  . PRO A 1 58 ? -0.660  1.821   6.156   1.00 17.81 ? 142 PRO A CD  1 
ATOM   470  N  N   . SER A 1 59 ? -2.818  0.966   10.299  1.00 17.41 ? 143 SER A N   1 
ATOM   471  C  CA  . SER A 1 59 ? -4.149  0.636   10.810  1.00 19.07 ? 143 SER A CA  1 
ATOM   472  C  C   . SER A 1 59 ? -5.193  1.711   10.554  1.00 22.44 ? 143 SER A C   1 
ATOM   473  O  O   . SER A 1 59 ? -6.364  1.382   10.315  1.00 21.86 ? 143 SER A O   1 
ATOM   474  C  CB  . SER A 1 59 ? -4.169  0.296   12.283  1.00 20.30 ? 143 SER A CB  1 
ATOM   475  O  OG  . SER A 1 59 ? -3.447  -0.903  12.537  1.00 19.42 ? 143 SER A OG  1 
ATOM   476  N  N   . ASP A 1 60 ? -4.755  2.959   10.601  1.00 23.52 ? 144 ASP A N   1 
ATOM   477  C  CA  . ASP A 1 60 ? -5.582  4.144   10.453  1.00 29.61 ? 144 ASP A CA  1 
ATOM   478  C  C   . ASP A 1 60 ? -5.556  4.690   9.062   1.00 30.84 ? 144 ASP A C   1 
ATOM   479  O  O   . ASP A 1 60 ? -4.523  4.717   8.413   1.00 26.32 ? 144 ASP A O   1 
ATOM   480  C  CB  . ASP A 1 60 ? -5.037  5.238   11.387  1.00 31.88 ? 144 ASP A CB  1 
ATOM   481  C  CG  . ASP A 1 60 ? -5.053  4.806   12.828  1.00 38.95 ? 144 ASP A CG  1 
ATOM   482  O  OD1 . ASP A 1 60 ? -6.167  4.542   13.318  1.00 44.82 ? 144 ASP A OD1 1 
ATOM   483  O  OD2 . ASP A 1 60 ? -3.955  4.663   13.453  1.00 38.78 ? 144 ASP A OD2 1 
ATOM   484  N  N   . GLY A 1 61 ? -6.703  5.180   8.614   1.00 36.21 ? 145 GLY A N   1 
ATOM   485  C  CA  . GLY A 1 61 ? -6.785  5.947   7.362   1.00 39.87 ? 145 GLY A CA  1 
ATOM   486  C  C   . GLY A 1 61 ? -6.440  7.383   7.742   1.00 42.74 ? 145 GLY A C   1 
ATOM   487  O  O   . GLY A 1 61 ? -6.129  7.685   8.882   1.00 43.47 ? 145 GLY A O   1 
ATOM   488  N  N   . GLY A 1 62 ? -6.442  8.271   6.771   1.00 47.13 ? 146 GLY A N   1 
ATOM   489  C  CA  . GLY A 1 62 ? -6.232  9.702   7.077   1.00 45.02 ? 146 GLY A CA  1 
ATOM   490  C  C   . GLY A 1 62 ? -4.797  10.068  7.430   1.00 40.65 ? 146 GLY A C   1 
ATOM   491  O  O   . GLY A 1 62 ? -4.563  11.116  8.047   1.00 40.21 ? 146 GLY A O   1 
ATOM   492  N  N   . GLY A 1 63 ? -3.839  9.204   7.071   1.00 35.29 ? 147 GLY A N   1 
ATOM   493  C  CA  . GLY A 1 63 ? -2.439  9.597   7.037   1.00 31.07 ? 147 GLY A CA  1 
ATOM   494  C  C   . GLY A 1 63 ? -2.191  10.438  5.813   1.00 26.48 ? 147 GLY A C   1 
ATOM   495  O  O   . GLY A 1 63 ? -3.042  10.551  4.945   1.00 26.18 ? 147 GLY A O   1 
ATOM   496  N  N   . LEU A 1 64 ? -1.029  11.051  5.761   1.00 26.73 ? 148 LEU A N   1 
ATOM   497  C  CA  . LEU A 1 64 ? -0.796  12.013  4.677   1.00 30.00 ? 148 LEU A CA  1 
ATOM   498  C  C   . LEU A 1 64 ? -0.169  11.284  3.516   1.00 27.28 ? 148 LEU A C   1 
ATOM   499  O  O   . LEU A 1 64 ? 0.511   10.273  3.731   1.00 28.80 ? 148 LEU A O   1 
ATOM   500  C  CB  . LEU A 1 64 ? 0.010   13.207  5.148   1.00 29.53 ? 148 LEU A CB  1 
ATOM   501  C  CG  . LEU A 1 64 ? -0.952  14.004  6.100   1.00 34.37 ? 148 LEU A CG  1 
ATOM   502  C  CD1 . LEU A 1 64 ? -0.100  14.978  6.882   1.00 31.63 ? 148 LEU A CD1 1 
ATOM   503  C  CD2 . LEU A 1 64 ? -2.180  14.686  5.407   1.00 32.80 ? 148 LEU A CD2 1 
ATOM   504  N  N   . PRO A 1 65 ? -0.432  11.771  2.279   1.00 23.43 ? 149 PRO A N   1 
ATOM   505  C  CA  . PRO A 1 65 ? 0.064   11.022  1.136   1.00 25.02 ? 149 PRO A CA  1 
ATOM   506  C  C   . PRO A 1 65 ? 1.583   11.004  1.036   1.00 29.52 ? 149 PRO A C   1 
ATOM   507  O  O   . PRO A 1 65 ? 2.273   11.956  1.459   1.00 27.43 ? 149 PRO A O   1 
ATOM   508  C  CB  . PRO A 1 65 ? -0.506  11.794  -0.065  1.00 24.66 ? 149 PRO A CB  1 
ATOM   509  C  CG  . PRO A 1 65 ? -0.754  13.157  0.490   1.00 25.03 ? 149 PRO A CG  1 
ATOM   510  C  CD  . PRO A 1 65 ? -1.196  12.968  1.860   1.00 23.29 ? 149 PRO A CD  1 
ATOM   511  N  N   . PRO A 1 66 ? 2.103   10.001  0.329   1.00 30.22 ? 150 PRO A N   1 
ATOM   512  C  CA  . PRO A 1 66 ? 3.494   10.021  -0.076  1.00 29.86 ? 150 PRO A CA  1 
ATOM   513  C  C   . PRO A 1 66 ? 3.738   11.064  -1.152  1.00 32.22 ? 150 PRO A C   1 
ATOM   514  O  O   . PRO A 1 66 ? 2.755   11.585  -1.776  1.00 27.03 ? 150 PRO A O   1 
ATOM   515  C  CB  . PRO A 1 66 ? 3.730   8.612   -0.592  1.00 32.36 ? 150 PRO A CB  1 
ATOM   516  C  CG  . PRO A 1 66 ? 2.396   8.089   -0.949  1.00 32.51 ? 150 PRO A CG  1 
ATOM   517  C  CD  . PRO A 1 66 ? 1.350   8.873   -0.239  1.00 30.10 ? 150 PRO A CD  1 
ATOM   518  N  N   . PRO A 1 67 ? 4.999   11.407  -1.391  1.00 31.72 ? 151 PRO A N   1 
ATOM   519  C  CA  . PRO A 1 67 ? 5.316   12.364  -2.431  1.00 34.99 ? 151 PRO A CA  1 
ATOM   520  C  C   . PRO A 1 67 ? 4.917   11.763  -3.757  1.00 34.00 ? 151 PRO A C   1 
ATOM   521  O  O   . PRO A 1 67 ? 4.915   10.587  -3.895  1.00 35.94 ? 151 PRO A O   1 
ATOM   522  C  CB  . PRO A 1 67 ? 6.835   12.505  -2.314  1.00 39.52 ? 151 PRO A CB  1 
ATOM   523  C  CG  . PRO A 1 67 ? 7.258   11.332  -1.529  1.00 37.38 ? 151 PRO A CG  1 
ATOM   524  C  CD  . PRO A 1 67 ? 6.173   11.072  -0.595  1.00 31.19 ? 151 PRO A CD  1 
ATOM   525  N  N   . LEU A 1 68 ? 4.542   12.590  -4.708  1.00 40.54 ? 152 LEU A N   1 
ATOM   526  C  CA  . LEU A 1 68 ? 4.135   12.113  -6.018  1.00 41.10 ? 152 LEU A CA  1 
ATOM   527  C  C   . LEU A 1 68 ? 5.297   11.468  -6.767  1.00 50.83 ? 152 LEU A C   1 
ATOM   528  O  O   . LEU A 1 68 ? 6.375   12.029  -6.767  1.00 42.63 ? 152 LEU A O   1 
ATOM   529  C  CB  . LEU A 1 68 ? 3.605   13.286  -6.810  1.00 41.21 ? 152 LEU A CB  1 
ATOM   530  C  CG  . LEU A 1 68 ? 2.369   13.922  -6.242  1.00 36.09 ? 152 LEU A CG  1 
ATOM   531  C  CD1 . LEU A 1 68 ? 2.091   15.312  -6.737  1.00 39.70 ? 152 LEU A CD1 1 
ATOM   532  C  CD2 . LEU A 1 68 ? 1.233   12.988  -6.510  1.00 32.13 ? 152 LEU A CD2 1 
ATOM   533  N  N   . PRO A 1 69 ? 5.073   10.246  -7.331  1.00 56.50 ? 153 PRO A N   1 
ATOM   534  C  CA  . PRO A 1 69 ? 6.040   9.481   -8.089  1.00 60.97 ? 153 PRO A CA  1 
ATOM   535  C  C   . PRO A 1 69 ? 6.819   10.420  -8.846  1.00 66.80 ? 153 PRO A C   1 
ATOM   536  O  O   . PRO A 1 69 ? 6.300   11.362  -9.387  1.00 65.37 ? 153 PRO A O   1 
ATOM   537  C  CB  . PRO A 1 69 ? 5.169   8.680   -9.032  1.00 58.63 ? 153 PRO A CB  1 
ATOM   538  C  CG  . PRO A 1 69 ? 4.044   8.332   -8.181  1.00 56.04 ? 153 PRO A CG  1 
ATOM   539  C  CD  . PRO A 1 69 ? 3.860   9.441   -7.196  1.00 56.76 ? 153 PRO A CD  1 
ATOM   540  N  N   . LEU A 1 70 ? 8.088   10.086  -8.906  1.00 75.33 ? 154 LEU A N   1 
ATOM   541  C  CA  . LEU A 1 70 ? 9.108   10.901  -9.465  1.00 76.46 ? 154 LEU A CA  1 
ATOM   542  C  C   . LEU A 1 70 ? 8.905   11.739  -10.727 1.00 79.14 ? 154 LEU A C   1 
ATOM   543  O  O   . LEU A 1 70 ? 8.620   12.905  -10.592 1.00 87.30 ? 154 LEU A O   1 
ATOM   544  C  CB  . LEU A 1 70 ? 10.408  10.205  -9.270  1.00 84.07 ? 154 LEU A CB  1 
ATOM   545  C  CG  . LEU A 1 70 ? 10.609  10.352  -7.749  1.00 90.55 ? 154 LEU A CG  1 
ATOM   546  C  CD1 . LEU A 1 70 ? 9.582   11.164  -6.910  1.00 87.83 ? 154 LEU A CD1 1 
ATOM   547  C  CD2 . LEU A 1 70 ? 10.977  9.044   -7.078  1.00 90.09 ? 154 LEU A CD2 1 
ATOM   548  N  N   . PRO A 1 71 ? 9.027   11.190  -11.947 1.00 72.14 ? 155 PRO A N   1 
ATOM   549  C  CA  . PRO A 1 71 ? 8.794   11.837  -13.258 1.00 68.08 ? 155 PRO A CA  1 
ATOM   550  C  C   . PRO A 1 71 ? 7.366   12.460  -13.497 1.00 65.33 ? 155 PRO A C   1 
ATOM   551  O  O   . PRO A 1 71 ? 6.508   12.382  -12.670 1.00 54.45 ? 155 PRO A O   1 
ATOM   552  C  CB  . PRO A 1 71 ? 8.994   10.693  -14.256 1.00 68.74 ? 155 PRO A CB  1 
ATOM   553  C  CG  . PRO A 1 71 ? 9.593   9.569   -13.486 1.00 72.13 ? 155 PRO A CG  1 
ATOM   554  C  CD  . PRO A 1 71 ? 9.869   10.007  -12.080 1.00 73.65 ? 155 PRO A CD  1 
ATOM   555  N  N   . LEU A 1 72 ? 7.022   13.030  -14.650 1.00 70.64 ? 156 LEU A N   1 
ATOM   556  C  CA  . LEU A 1 72 ? 5.530   13.609  -14.443 1.00 67.50 ? 156 LEU A CA  1 
ATOM   557  C  C   . LEU A 1 72 ? 4.866   13.229  -15.688 1.00 67.32 ? 156 LEU A C   1 
ATOM   558  O  O   . LEU A 1 72 ? 5.504   12.678  -16.681 1.00 65.71 ? 156 LEU A O   1 
ATOM   559  C  CB  . LEU A 1 72 ? 5.550   15.028  -14.165 1.00 60.77 ? 156 LEU A CB  1 
ATOM   560  C  CG  . LEU A 1 72 ? 6.086   15.420  -12.841 1.00 67.21 ? 156 LEU A CG  1 
ATOM   561  C  CD1 . LEU A 1 72 ? 7.274   16.365  -12.892 1.00 61.32 ? 156 LEU A CD1 1 
ATOM   562  C  CD2 . LEU A 1 72 ? 4.899   15.920  -12.009 1.00 67.57 ? 156 LEU A CD2 1 
ATOM   563  N  N   . PRO A 1 73 ? 3.636   13.454  -15.672 1.00 72.97 ? 157 PRO A N   1 
ATOM   564  C  CA  . PRO A 1 73 ? 2.888   13.523  -16.926 1.00 75.46 ? 157 PRO A CA  1 
ATOM   565  C  C   . PRO A 1 73 ? 2.514   14.954  -17.279 1.00 76.25 ? 157 PRO A C   1 
ATOM   566  O  O   . PRO A 1 73 ? 1.962   15.656  -16.433 1.00 85.64 ? 157 PRO A O   1 
ATOM   567  C  CB  . PRO A 1 73 ? 1.617   12.725  -16.598 1.00 73.95 ? 157 PRO A CB  1 
ATOM   568  C  CG  . PRO A 1 73 ? 1.373   12.985  -15.158 1.00 69.34 ? 157 PRO A CG  1 
ATOM   569  C  CD  . PRO A 1 73 ? 2.700   13.335  -14.530 1.00 71.47 ? 157 PRO A CD  1 
ATOM   570  N  N   . LEU A 1 74 ? 2.717   15.371  -18.526 1.00 78.41 ? 158 LEU A N   1 
ATOM   571  C  CA  . LEU A 1 74 ? 2.287   16.739  -18.892 1.00 85.32 ? 158 LEU A CA  1 
ATOM   572  C  C   . LEU A 1 74 ? 1.051   16.905  -19.765 1.00 85.77 ? 158 LEU A C   1 
ATOM   573  O  O   . LEU A 1 74 ? 1.041   16.704  -20.983 1.00 88.92 ? 158 LEU A O   1 
ATOM   574  C  CB  . LEU A 1 74 ? 3.437   17.584  -19.430 1.00 87.59 ? 158 LEU A CB  1 
ATOM   575  C  CG  . LEU A 1 74 ? 3.860   18.794  -18.595 1.00 84.65 ? 158 LEU A CG  1 
ATOM   576  C  CD1 . LEU A 1 74 ? 4.321   18.305  -17.234 1.00 79.97 ? 158 LEU A CD1 1 
ATOM   577  C  CD2 . LEU A 1 74 ? 5.018   19.526  -19.269 1.00 85.04 ? 158 LEU A CD2 1 
ATOM   578  O  OXT . LEU A 1 74 ? 0.023   17.322  -19.272 1.00 81.63 ? 158 LEU A OXT 1 
ATOM   579  N  N   . HIS B 1 1  ? -13.982 -11.014 -12.008 1.00 16.22 ? 85  HIS B N   1 
ATOM   580  C  CA  . HIS B 1 1  ? -15.002 -9.961  -11.640 1.00 19.02 ? 85  HIS B CA  1 
ATOM   581  C  C   . HIS B 1 1  ? -14.398 -8.638  -11.993 1.00 17.64 ? 85  HIS B C   1 
ATOM   582  O  O   . HIS B 1 1  ? -13.221 -8.583  -12.236 1.00 17.01 ? 85  HIS B O   1 
ATOM   583  C  CB  . HIS B 1 1  ? -15.233 -9.989  -10.172 1.00 19.07 ? 85  HIS B CB  1 
ATOM   584  C  CG  . HIS B 1 1  ? -14.051 -9.566  -9.364  1.00 19.75 ? 85  HIS B CG  1 
ATOM   585  N  ND1 . HIS B 1 1  ? -12.725 -9.838  -9.723  1.00 17.74 ? 85  HIS B ND1 1 
ATOM   586  C  CD2 . HIS B 1 1  ? -13.983 -8.850  -8.222  1.00 24.86 ? 85  HIS B CD2 1 
ATOM   587  C  CE1 . HIS B 1 1  ? -11.915 -9.352  -8.806  1.00 23.78 ? 85  HIS B CE1 1 
ATOM   588  N  NE2 . HIS B 1 1  ? -12.651 -8.730  -7.897  1.00 26.64 ? 85  HIS B NE2 1 
ATOM   589  N  N   . MET B 1 2  ? -15.194 -7.563  -11.995 1.00 21.26 ? 86  MET B N   1 
ATOM   590  C  CA  . MET B 1 2  ? -14.663 -6.226  -12.235 1.00 23.68 ? 86  MET B CA  1 
ATOM   591  C  C   . MET B 1 2  ? -13.668 -5.820  -11.159 1.00 20.96 ? 86  MET B C   1 
ATOM   592  O  O   . MET B 1 2  ? -13.936 -5.914  -9.967  1.00 23.56 ? 86  MET B O   1 
ATOM   593  C  CB  . MET B 1 2  ? -15.812 -5.207  -12.356 1.00 27.32 ? 86  MET B CB  1 
ATOM   594  C  CG  . MET B 1 2  ? -15.339 -3.825  -12.827 1.00 35.86 ? 86  MET B CG  1 
ATOM   595  S  SD  . MET B 1 2  ? -14.923 -3.747  -14.612 1.00 44.96 ? 86  MET B SD  1 
ATOM   596  C  CE  . MET B 1 2  ? -14.598 -1.984  -14.689 1.00 43.86 ? 86  MET B CE  1 
ATOM   597  N  N   . THR B 1 3  ? -12.459 -5.482  -11.576 1.00 18.99 ? 87  THR B N   1 
ATOM   598  C  CA  . THR B 1 3  ? -11.358 -5.215  -10.674 1.00 20.28 ? 87  THR B CA  1 
ATOM   599  C  C   . THR B 1 3  ? -11.120 -3.668  -10.678 1.00 20.95 ? 87  THR B C   1 
ATOM   600  O  O   . THR B 1 3  ? -10.904 -3.025  -11.735 1.00 17.04 ? 87  THR B O   1 
ATOM   601  C  CB  . THR B 1 3  ? -10.096 -5.900  -11.120 1.00 22.36 ? 87  THR B CB  1 
ATOM   602  O  OG1 . THR B 1 3  ? -10.314 -7.337  -11.060 1.00 28.39 ? 87  THR B OG1 1 
ATOM   603  C  CG2 . THR B 1 3  ? -8.955  -5.571  -10.294 1.00 27.39 ? 87  THR B CG2 1 
ATOM   604  N  N   . THR B 1 4  ? -11.228 -3.096  -9.503  1.00 19.92 ? 88  THR B N   1 
ATOM   605  C  CA  . THR B 1 4  ? -11.045 -1.638  -9.309  1.00 21.68 ? 88  THR B CA  1 
ATOM   606  C  C   . THR B 1 4  ? -10.089 -1.371  -8.192  1.00 20.76 ? 88  THR B C   1 
ATOM   607  O  O   . THR B 1 4  ? -9.698  -2.264  -7.458  1.00 21.13 ? 88  THR B O   1 
ATOM   608  C  CB  . THR B 1 4  ? -12.361 -0.936  -9.042  1.00 23.78 ? 88  THR B CB  1 
ATOM   609  O  OG1 . THR B 1 4  ? -12.914 -1.368  -7.779  1.00 26.75 ? 88  THR B OG1 1 
ATOM   610  C  CG2 . THR B 1 4  ? -13.333 -1.148  -10.180 1.00 24.35 ? 88  THR B CG2 1 
ATOM   611  N  N   . PHE B 1 5  ? -9.716  -0.093  -8.069  1.00 18.88 ? 89  PHE B N   1 
ATOM   612  C  CA  . PHE B 1 5  ? -8.826  0.431   -7.034  1.00 19.66 ? 89  PHE B CA  1 
ATOM   613  C  C   . PHE B 1 5  ? -9.593  1.526   -6.340  1.00 18.82 ? 89  PHE B C   1 
ATOM   614  O  O   . PHE B 1 5  ? -10.544 2.101   -6.888  1.00 19.24 ? 89  PHE B O   1 
ATOM   615  C  CB  . PHE B 1 5  ? -7.512  0.935   -7.598  1.00 20.92 ? 89  PHE B CB  1 
ATOM   616  C  CG  . PHE B 1 5  ? -6.552  -0.167  -7.977  1.00 22.54 ? 89  PHE B CG  1 
ATOM   617  C  CD1 . PHE B 1 5  ? -6.772  -0.923  -9.106  1.00 25.17 ? 89  PHE B CD1 1 
ATOM   618  C  CD2 . PHE B 1 5  ? -5.460  -0.486  -7.192  1.00 24.83 ? 89  PHE B CD2 1 
ATOM   619  C  CE1 . PHE B 1 5  ? -5.945  -1.972  -9.409  1.00 26.21 ? 89  PHE B CE1 1 
ATOM   620  C  CE2 . PHE B 1 5  ? -4.596  -1.512  -7.547  1.00 26.49 ? 89  PHE B CE2 1 
ATOM   621  C  CZ  . PHE B 1 5  ? -4.841  -2.248  -8.647  1.00 26.55 ? 89  PHE B CZ  1 
ATOM   622  N  N   . VAL B 1 6  ? -9.218  1.782   -5.080  1.00 17.92 ? 90  VAL B N   1 
ATOM   623  C  CA  . VAL B 1 6  ? -9.835  2.800   -4.293  1.00 18.12 ? 90  VAL B CA  1 
ATOM   624  C  C   . VAL B 1 6  ? -8.762  3.836   -3.944  1.00 17.67 ? 90  VAL B C   1 
ATOM   625  O  O   . VAL B 1 6  ? -7.610  3.523   -3.625  1.00 18.56 ? 90  VAL B O   1 
ATOM   626  C  CB  . VAL B 1 6  ? -10.552 2.225   -3.087  1.00 20.73 ? 90  VAL B CB  1 
ATOM   627  C  CG1 . VAL B 1 6  ? -9.567  1.530   -2.150  1.00 20.74 ? 90  VAL B CG1 1 
ATOM   628  C  CG2 . VAL B 1 6  ? -11.253 3.325   -2.283  1.00 22.01 ? 90  VAL B CG2 1 
ATOM   629  N  N   . ALA B 1 7  ? -9.121  5.108   -4.049  1.00 16.43 ? 91  ALA B N   1 
ATOM   630  C  CA  . ALA B 1 7  ? -8.223  6.196   -3.665  1.00 17.86 ? 91  ALA B CA  1 
ATOM   631  C  C   . ALA B 1 7  ? -8.058  6.287   -2.126  1.00 16.78 ? 91  ALA B C   1 
ATOM   632  O  O   . ALA B 1 7  ? -9.040  6.306   -1.408  1.00 19.03 ? 91  ALA B O   1 
ATOM   633  C  CB  . ALA B 1 7  ? -8.772  7.494   -4.219  1.00 18.58 ? 91  ALA B CB  1 
ATOM   634  N  N   . LEU B 1 8  ? -6.822  6.355   -1.687  1.00 16.44 ? 92  LEU B N   1 
ATOM   635  C  CA  . LEU B 1 8  ? -6.496  6.505   -0.256  1.00 18.90 ? 92  LEU B CA  1 
ATOM   636  C  C   . LEU B 1 8  ? -6.418  7.947   0.161   1.00 19.28 ? 92  LEU B C   1 
ATOM   637  O  O   . LEU B 1 8  ? -6.457  8.228   1.375   1.00 21.95 ? 92  LEU B O   1 
ATOM   638  C  CB  . LEU B 1 8  ? -5.161  5.899   0.039   1.00 20.99 ? 92  LEU B CB  1 
ATOM   639  C  CG  . LEU B 1 8  ? -5.076  4.376   -0.226  1.00 23.31 ? 92  LEU B CG  1 
ATOM   640  C  CD1 . LEU B 1 8  ? -3.667  3.872   -0.084  1.00 24.03 ? 92  LEU B CD1 1 
ATOM   641  C  CD2 . LEU B 1 8  ? -6.038  3.673   0.651   1.00 23.07 ? 92  LEU B CD2 1 
ATOM   642  N  N   . TYR B 1 9  ? -6.342  8.878   -0.803  1.00 18.79 ? 93  TYR B N   1 
ATOM   643  C  CA  . TYR B 1 9  ? -6.212  10.318  -0.500  1.00 16.34 ? 93  TYR B CA  1 
ATOM   644  C  C   . TYR B 1 9  ? -6.863  11.050  -1.634  1.00 16.67 ? 93  TYR B C   1 
ATOM   645  O  O   . TYR B 1 9  ? -7.084  10.433  -2.628  1.00 17.19 ? 93  TYR B O   1 
ATOM   646  C  CB  . TYR B 1 9  ? -4.741  10.707  -0.530  1.00 17.15 ? 93  TYR B CB  1 
ATOM   647  C  CG  . TYR B 1 9  ? -3.794  9.760   0.133   1.00 19.69 ? 93  TYR B CG  1 
ATOM   648  C  CD1 . TYR B 1 9  ? -3.569  9.813   1.473   1.00 21.02 ? 93  TYR B CD1 1 
ATOM   649  C  CD2 . TYR B 1 9  ? -3.111  8.833   -0.624  1.00 21.39 ? 93  TYR B CD2 1 
ATOM   650  C  CE1 . TYR B 1 9  ? -2.678  8.951   2.078   1.00 22.43 ? 93  TYR B CE1 1 
ATOM   651  C  CE2 . TYR B 1 9  ? -2.178  8.010   -0.058  1.00 22.97 ? 93  TYR B CE2 1 
ATOM   652  C  CZ  . TYR B 1 9  ? -2.010  8.032   1.298   1.00 24.51 ? 93  TYR B CZ  1 
ATOM   653  O  OH  . TYR B 1 9  ? -1.085  7.114   1.769   1.00 26.00 ? 93  TYR B OH  1 
ATOM   654  N  N   . ASP B 1 10 ? -7.124  12.355  -1.497  1.00 16.20 ? 94  ASP B N   1 
ATOM   655  C  CA  . ASP B 1 10 ? -7.505  13.218  -2.582  1.00 15.76 ? 94  ASP B CA  1 
ATOM   656  C  C   . ASP B 1 10 ? -6.285  13.522  -3.417  1.00 14.72 ? 94  ASP B C   1 
ATOM   657  O  O   . ASP B 1 10 ? -5.146  13.531  -2.937  1.00 15.01 ? 94  ASP B O   1 
ATOM   658  C  CB  . ASP B 1 10 ? -8.026  14.534  -2.064  1.00 18.58 ? 94  ASP B CB  1 
ATOM   659  C  CG  . ASP B 1 10 ? -9.408  14.514  -1.427  1.00 21.42 ? 94  ASP B CG  1 
ATOM   660  O  OD1 . ASP B 1 10 ? -10.171 13.529  -1.396  1.00 18.64 ? 94  ASP B OD1 1 
ATOM   661  O  OD2 . ASP B 1 10 ? -9.719  15.633  -0.867  1.00 23.67 ? 94  ASP B OD2 1 
ATOM   662  N  N   . TYR B 1 11 ? -6.506  13.712  -4.723  1.00 15.08 ? 95  TYR B N   1 
ATOM   663  C  CA  . TYR B 1 11 ? -5.484  14.158  -5.621  1.00 15.85 ? 95  TYR B CA  1 
ATOM   664  C  C   . TYR B 1 11 ? -6.082  15.269  -6.499  1.00 15.71 ? 95  TYR B C   1 
ATOM   665  O  O   . TYR B 1 11 ? -7.166  15.076  -7.058  1.00 16.65 ? 95  TYR B O   1 
ATOM   666  C  CB  . TYR B 1 11 ? -4.970  12.975  -6.455  1.00 16.49 ? 95  TYR B CB  1 
ATOM   667  C  CG  . TYR B 1 11 ? -3.945  13.435  -7.468  1.00 17.69 ? 95  TYR B CG  1 
ATOM   668  C  CD1 . TYR B 1 11 ? -2.665  13.781  -7.074  1.00 18.69 ? 95  TYR B CD1 1 
ATOM   669  C  CD2 . TYR B 1 11 ? -4.296  13.584  -8.811  1.00 17.50 ? 95  TYR B CD2 1 
ATOM   670  C  CE1 . TYR B 1 11 ? -1.768  14.287  -7.985  1.00 19.64 ? 95  TYR B CE1 1 
ATOM   671  C  CE2 . TYR B 1 11 ? -3.380  14.073  -9.760  1.00 20.62 ? 95  TYR B CE2 1 
ATOM   672  C  CZ  . TYR B 1 11 ? -2.098  14.422  -9.326  1.00 22.38 ? 95  TYR B CZ  1 
ATOM   673  O  OH  . TYR B 1 11 ? -1.215  15.018  -10.235 1.00 19.44 ? 95  TYR B OH  1 
ATOM   674  N  N   . GLU B 1 12 ? -5.377  16.409  -6.593  1.00 17.92 ? 96  GLU B N   1 
ATOM   675  C  CA  . GLU B 1 12 ? -5.774  17.565  -7.398  1.00 16.64 ? 96  GLU B CA  1 
ATOM   676  C  C   . GLU B 1 12 ? -4.922  17.562  -8.686  1.00 18.43 ? 96  GLU B C   1 
ATOM   677  O  O   . GLU B 1 12 ? -3.668  17.577  -8.645  1.00 17.97 ? 96  GLU B O   1 
ATOM   678  C  CB  . GLU B 1 12 ? -5.528  18.861  -6.608  1.00 19.14 ? 96  GLU B CB  1 
ATOM   679  C  CG  . GLU B 1 12 ? -6.226  18.937  -5.285  1.00 20.35 ? 96  GLU B CG  1 
ATOM   680  C  CD  . GLU B 1 12 ? -5.958  20.290  -4.563  1.00 21.78 ? 96  GLU B CD  1 
ATOM   681  O  OE1 . GLU B 1 12 ? -4.808  20.479  -4.021  1.00 18.91 ? 96  GLU B OE1 1 
ATOM   682  O  OE2 . GLU B 1 12 ? -6.943  21.081  -4.579  1.00 21.23 ? 96  GLU B OE2 1 
ATOM   683  N  N   . SER B 1 13 ? -5.604  17.447  -9.815  1.00 17.23 ? 97  SER B N   1 
ATOM   684  C  CA  . SER B 1 13 ? -4.951  17.463  -11.123 1.00 19.53 ? 97  SER B CA  1 
ATOM   685  C  C   . SER B 1 13 ? -4.212  18.790  -11.279 1.00 20.37 ? 97  SER B C   1 
ATOM   686  O  O   . SER B 1 13 ? -4.697  19.806  -10.876 1.00 22.26 ? 97  SER B O   1 
ATOM   687  C  CB  . SER B 1 13 ? -6.039  17.406  -12.202 1.00 23.13 ? 97  SER B CB  1 
ATOM   688  O  OG  . SER B 1 13 ? -5.587  17.788  -13.467 1.00 30.14 ? 97  SER B OG  1 
ATOM   689  N  N   . ARG B 1 14 ? -3.032  18.740  -11.838 1.00 22.91 ? 98  ARG B N   1 
ATOM   690  C  CA  . ARG B 1 14 ? -2.281  19.948  -12.114 1.00 25.11 ? 98  ARG B CA  1 
ATOM   691  C  C   . ARG B 1 14 ? -1.769  20.019  -13.536 1.00 25.59 ? 98  ARG B C   1 
ATOM   692  O  O   . ARG B 1 14 ? -1.149  21.022  -13.904 1.00 24.75 ? 98  ARG B O   1 
ATOM   693  C  CB  . ARG B 1 14 ? -1.130  20.029  -11.137 1.00 27.33 ? 98  ARG B CB  1 
ATOM   694  C  CG  . ARG B 1 14 ? -0.119  18.899  -11.265 1.00 28.35 ? 98  ARG B CG  1 
ATOM   695  C  CD  . ARG B 1 14 ? 0.485   18.490  -9.915  1.00 33.42 ? 98  ARG B CD  1 
ATOM   696  N  NE  . ARG B 1 14 ? -0.552  18.124  -8.942  1.00 35.41 ? 98  ARG B NE  1 
ATOM   697  C  CZ  . ARG B 1 14 ? -0.363  17.912  -7.639  1.00 37.22 ? 98  ARG B CZ  1 
ATOM   698  N  NH1 . ARG B 1 14 ? 0.847   18.092  -7.094  1.00 39.97 ? 98  ARG B NH1 1 
ATOM   699  N  NH2 . ARG B 1 14 ? -1.404  17.606  -6.873  1.00 29.68 ? 98  ARG B NH2 1 
ATOM   700  N  N   . THR B 1 15 ? -2.051  19.012  -14.348 1.00 25.64 ? 99  THR B N   1 
ATOM   701  C  CA  . THR B 1 15 ? -1.572  19.004  -15.764 1.00 29.51 ? 99  THR B CA  1 
ATOM   702  C  C   . THR B 1 15 ? -2.750  18.759  -16.673 1.00 28.71 ? 99  THR B C   1 
ATOM   703  O  O   . THR B 1 15 ? -3.823  18.739  -16.204 1.00 30.60 ? 99  THR B O   1 
ATOM   704  C  CB  . THR B 1 15 ? -0.396  18.049  -15.998 1.00 31.55 ? 99  THR B CB  1 
ATOM   705  O  OG1 . THR B 1 15 ? -0.801  16.669  -15.974 1.00 37.35 ? 99  THR B OG1 1 
ATOM   706  C  CG2 . THR B 1 15 ? 0.659   18.264  -14.931 1.00 35.18 ? 99  THR B CG2 1 
ATOM   707  N  N   . GLU B 1 16 ? -2.573  18.650  -17.994 1.00 33.42 ? 100 GLU B N   1 
ATOM   708  C  CA  . GLU B 1 16 ? -3.758  18.374  -18.833 1.00 37.81 ? 100 GLU B CA  1 
ATOM   709  C  C   . GLU B 1 16 ? -3.971  16.859  -18.993 1.00 32.91 ? 100 GLU B C   1 
ATOM   710  O  O   . GLU B 1 16 ? -5.013  16.466  -19.472 1.00 38.23 ? 100 GLU B O   1 
ATOM   711  C  CB  . GLU B 1 16 ? -3.722  19.062  -20.209 1.00 44.41 ? 100 GLU B CB  1 
ATOM   712  C  CG  . GLU B 1 16 ? -3.430  20.579  -20.203 1.00 46.67 ? 100 GLU B CG  1 
ATOM   713  C  CD  . GLU B 1 16 ? -1.935  20.901  -20.321 1.00 55.52 ? 100 GLU B CD  1 
ATOM   714  O  OE1 . GLU B 1 16 ? -1.111  19.943  -20.417 1.00 53.07 ? 100 GLU B OE1 1 
ATOM   715  O  OE2 . GLU B 1 16 ? -1.587  22.118  -20.308 1.00 61.66 ? 100 GLU B OE2 1 
ATOM   716  N  N   . THR B 1 17 ? -3.019  16.042  -18.567 1.00 27.11 ? 101 THR B N   1 
ATOM   717  C  CA  . THR B 1 17 ? -3.154  14.575  -18.669 1.00 26.52 ? 101 THR B CA  1 
ATOM   718  C  C   . THR B 1 17 ? -3.389  13.800  -17.320 1.00 24.33 ? 101 THR B C   1 
ATOM   719  O  O   . THR B 1 17 ? -3.607  12.597  -17.344 1.00 20.48 ? 101 THR B O   1 
ATOM   720  C  CB  . THR B 1 17 ? -1.909  13.999  -19.323 1.00 29.08 ? 101 THR B CB  1 
ATOM   721  O  OG1 . THR B 1 17 ? -0.760  14.528  -18.658 1.00 37.09 ? 101 THR B OG1 1 
ATOM   722  C  CG2 . THR B 1 17 ? -1.866  14.419  -20.748 1.00 31.75 ? 101 THR B CG2 1 
ATOM   723  N  N   . ASP B 1 18 ? -3.316  14.468  -16.182 1.00 22.72 ? 102 ASP B N   1 
ATOM   724  C  CA  . ASP B 1 18 ? -3.612  13.768  -14.915 1.00 20.59 ? 102 ASP B CA  1 
ATOM   725  C  C   . ASP B 1 18 ? -5.139  13.829  -14.569 1.00 20.63 ? 102 ASP B C   1 
ATOM   726  O  O   . ASP B 1 18 ? -5.974  14.472  -15.257 1.00 20.80 ? 102 ASP B O   1 
ATOM   727  C  CB  . ASP B 1 18 ? -2.677  14.167  -13.756 1.00 23.51 ? 102 ASP B CB  1 
ATOM   728  C  CG  . ASP B 1 18 ? -2.740  15.649  -13.432 1.00 26.58 ? 102 ASP B CG  1 
ATOM   729  O  OD1 . ASP B 1 18 ? -3.406  16.433  -14.176 1.00 25.59 ? 102 ASP B OD1 1 
ATOM   730  O  OD2 . ASP B 1 18 ? -2.114  16.086  -12.412 1.00 23.75 ? 102 ASP B OD2 1 
ATOM   731  N  N   . LEU B 1 19 ? -5.538  13.037  -13.541 1.00 17.58 ? 103 LEU B N   1 
ATOM   732  C  CA  . LEU B 1 19 ? -6.938  12.957  -13.195 1.00 16.58 ? 103 LEU B CA  1 
ATOM   733  C  C   . LEU B 1 19 ? -7.114  13.324  -11.755 1.00 16.55 ? 103 LEU B C   1 
ATOM   734  O  O   . LEU B 1 19 ? -6.499  12.708  -10.905 1.00 16.08 ? 103 LEU B O   1 
ATOM   735  C  CB  . LEU B 1 19 ? -7.414  11.510  -13.427 1.00 16.00 ? 103 LEU B CB  1 
ATOM   736  C  CG  . LEU B 1 19 ? -8.720  11.053  -12.868 1.00 15.04 ? 103 LEU B CG  1 
ATOM   737  C  CD1 . LEU B 1 19 ? -9.805  11.832  -13.557 1.00 16.67 ? 103 LEU B CD1 1 
ATOM   738  C  CD2 . LEU B 1 19 ? -8.888  9.565   -13.071 1.00 15.94 ? 103 LEU B CD2 1 
ATOM   739  N  N   . SER B 1 20 ? -7.987  14.292  -11.468 1.00 15.43 ? 104 SER B N   1 
ATOM   740  C  CA  . SER B 1 20 ? -8.395  14.503  -10.079 1.00 15.71 ? 104 SER B CA  1 
ATOM   741  C  C   . SER B 1 20 ? -9.299  13.425  -9.530  1.00 15.60 ? 104 SER B C   1 
ATOM   742  O  O   . SER B 1 20 ? -10.140 12.842  -10.250 1.00 16.17 ? 104 SER B O   1 
ATOM   743  C  CB  . SER B 1 20 ? -9.215  15.783  -9.919  1.00 16.50 ? 104 SER B CB  1 
ATOM   744  O  OG  . SER B 1 20 ? -8.381  16.917  -10.207 1.00 19.74 ? 104 SER B OG  1 
ATOM   745  N  N   . PHE B 1 21 ? -9.159  13.200  -8.240  1.00 15.05 ? 105 PHE B N   1 
ATOM   746  C  CA  . PHE B 1 21 ? -10.083 12.291  -7.581  1.00 15.15 ? 105 PHE B CA  1 
ATOM   747  C  C   . PHE B 1 21 ? -10.144 12.538  -6.126  1.00 14.54 ? 105 PHE B C   1 
ATOM   748  O  O   . PHE B 1 21 ? -9.255  13.145  -5.560  1.00 15.00 ? 105 PHE B O   1 
ATOM   749  C  CB  . PHE B 1 21 ? -9.717  10.814  -7.803  1.00 14.81 ? 105 PHE B CB  1 
ATOM   750  C  CG  . PHE B 1 21 ? -8.277  10.484  -7.460  1.00 13.48 ? 105 PHE B CG  1 
ATOM   751  C  CD1 . PHE B 1 21 ? -7.891  10.092  -6.198  1.00 14.48 ? 105 PHE B CD1 1 
ATOM   752  C  CD2 . PHE B 1 21 ? -7.319  10.508  -8.446  1.00 13.25 ? 105 PHE B CD2 1 
ATOM   753  C  CE1 . PHE B 1 21 ? -6.545  9.733   -5.907  1.00 14.81 ? 105 PHE B CE1 1 
ATOM   754  C  CE2 . PHE B 1 21 ? -6.010  10.190  -8.132  1.00 13.16 ? 105 PHE B CE2 1 
ATOM   755  C  CZ  . PHE B 1 21 ? -5.625  9.744   -6.881  1.00 13.20 ? 105 PHE B CZ  1 
ATOM   756  N  N   . LYS B 1 22 ? -11.231 12.056  -5.533  1.00 17.07 ? 106 LYS B N   1 
ATOM   757  C  CA  . LYS B 1 22 ? -11.427 12.132  -4.078  1.00 19.40 ? 106 LYS B CA  1 
ATOM   758  C  C   . LYS B 1 22 ? -11.148 10.824  -3.351  1.00 19.50 ? 106 LYS B C   1 
ATOM   759  O  O   . LYS B 1 22 ? -11.374 9.739   -3.932  1.00 18.79 ? 106 LYS B O   1 
ATOM   760  C  CB  . LYS B 1 22 ? -12.882 12.505  -3.856  1.00 20.58 ? 106 LYS B CB  1 
ATOM   761  C  CG  . LYS B 1 22 ? -13.126 13.911  -4.320  1.00 25.83 ? 106 LYS B CG  1 
ATOM   762  C  CD  . LYS B 1 22 ? -14.048 14.724  -3.436  1.00 36.29 ? 106 LYS B CD  1 
ATOM   763  C  CE  . LYS B 1 22 ? -15.506 14.607  -3.865  1.00 41.81 ? 106 LYS B CE  1 
ATOM   764  N  NZ  . LYS B 1 22 ? -16.322 15.756  -3.333  1.00 48.19 ? 106 LYS B NZ  1 
ATOM   765  N  N   . LYS B 1 23 ? -10.681 10.936  -2.116  1.00 16.55 ? 107 LYS B N   1 
ATOM   766  C  CA  . LYS B 1 23 ? -10.556 9.786   -1.232  1.00 19.82 ? 107 LYS B CA  1 
ATOM   767  C  C   . LYS B 1 23 ? -11.857 8.943   -1.283  1.00 20.50 ? 107 LYS B C   1 
ATOM   768  O  O   . LYS B 1 23 ? -12.966 9.468   -1.240  1.00 19.76 ? 107 LYS B O   1 
ATOM   769  C  CB  . LYS B 1 23 ? -10.238 10.221  0.211   1.00 22.02 ? 107 LYS B CB  1 
ATOM   770  C  CG  . LYS B 1 23 ? -9.994  9.047   1.145   1.00 26.78 ? 107 LYS B CG  1 
ATOM   771  C  CD  . LYS B 1 23 ? -9.660  9.619   2.524   1.00 29.48 ? 107 LYS B CD  1 
ATOM   772  C  CE  . LYS B 1 23 ? -9.361  8.487   3.481   1.00 36.40 ? 107 LYS B CE  1 
ATOM   773  N  NZ  . LYS B 1 23 ? -8.601  9.058   4.623   1.00 37.83 ? 107 LYS B NZ  1 
ATOM   774  N  N   . GLY B 1 24 ? -11.704 7.619   -1.412  1.00 18.98 ? 108 GLY B N   1 
ATOM   775  C  CA  . GLY B 1 24 ? -12.824 6.706   -1.473  1.00 20.78 ? 108 GLY B CA  1 
ATOM   776  C  C   . GLY B 1 24 ? -13.415 6.451   -2.835  1.00 20.39 ? 108 GLY B C   1 
ATOM   777  O  O   . GLY B 1 24 ? -14.113 5.466   -3.031  1.00 23.27 ? 108 GLY B O   1 
ATOM   778  N  N   . GLU B 1 25 ? -13.082 7.289   -3.824  1.00 19.71 ? 109 GLU B N   1 
ATOM   779  C  CA  . GLU B 1 25 ? -13.491 7.051   -5.200  1.00 20.99 ? 109 GLU B CA  1 
ATOM   780  C  C   . GLU B 1 25 ? -12.979 5.716   -5.732  1.00 17.25 ? 109 GLU B C   1 
ATOM   781  O  O   . GLU B 1 25 ? -11.809 5.344   -5.481  1.00 18.05 ? 109 GLU B O   1 
ATOM   782  C  CB  . GLU B 1 25 ? -12.938 8.208   -6.034  1.00 22.99 ? 109 GLU B CB  1 
ATOM   783  C  CG  . GLU B 1 25 ? -13.344 8.272   -7.431  1.00 26.08 ? 109 GLU B CG  1 
ATOM   784  C  CD  . GLU B 1 25 ? -13.205 9.663   -8.045  1.00 24.75 ? 109 GLU B CD  1 
ATOM   785  O  OE1 . GLU B 1 25 ? -13.248 10.776  -7.408  1.00 25.16 ? 109 GLU B OE1 1 
ATOM   786  O  OE2 . GLU B 1 25 ? -13.017 9.580   -9.237  1.00 28.90 ? 109 GLU B OE2 1 
ATOM   787  N  N   . ARG B 1 26 ? -13.784 5.057   -6.539  1.00 17.97 ? 110 ARG B N   1 
ATOM   788  C  CA  . ARG B 1 26 ? -13.385 3.813   -7.166  1.00 19.38 ? 110 ARG B CA  1 
ATOM   789  C  C   . ARG B 1 26 ? -12.884 4.073   -8.610  1.00 18.25 ? 110 ARG B C   1 
ATOM   790  O  O   . ARG B 1 26 ? -13.553 4.816   -9.371  1.00 19.51 ? 110 ARG B O   1 
ATOM   791  C  CB  . ARG B 1 26 ? -14.551 2.844   -7.271  1.00 23.83 ? 110 ARG B CB  1 
ATOM   792  C  CG  . ARG B 1 26 ? -15.290 2.555   -5.980  1.00 33.06 ? 110 ARG B CG  1 
ATOM   793  C  CD  . ARG B 1 26 ? -14.561 1.537   -5.155  1.00 38.35 ? 110 ARG B CD  1 
ATOM   794  N  NE  . ARG B 1 26 ? -15.053 1.505   -3.763  1.00 46.88 ? 110 ARG B NE  1 
ATOM   795  C  CZ  . ARG B 1 26 ? -14.480 0.822   -2.775  1.00 53.19 ? 110 ARG B CZ  1 
ATOM   796  N  NH1 . ARG B 1 26 ? -13.386 0.081   -3.004  1.00 56.18 ? 110 ARG B NH1 1 
ATOM   797  N  NH2 . ARG B 1 26 ? -14.993 0.884   -1.544  1.00 51.88 ? 110 ARG B NH2 1 
ATOM   798  N  N   . LEU B 1 27 ? -11.704 3.557   -8.929  1.00 16.13 ? 111 LEU B N   1 
ATOM   799  C  CA  . LEU B 1 27 ? -11.050 3.822   -10.196 1.00 15.64 ? 111 LEU B CA  1 
ATOM   800  C  C   . LEU B 1 27 ? -10.809 2.498   -10.878 1.00 16.62 ? 111 LEU B C   1 
ATOM   801  O  O   . LEU B 1 27 ? -10.416 1.525   -10.235 1.00 18.54 ? 111 LEU B O   1 
ATOM   802  C  CB  . LEU B 1 27 ? -9.810  4.571   -9.996  1.00 16.79 ? 111 LEU B CB  1 
ATOM   803  C  CG  . LEU B 1 27 ? -9.879  5.888   -9.201  1.00 17.26 ? 111 LEU B CG  1 
ATOM   804  C  CD1 . LEU B 1 27 ? -8.525  6.362   -8.834  1.00 20.75 ? 111 LEU B CD1 1 
ATOM   805  C  CD2 . LEU B 1 27 ? -10.519 6.900   -10.102 1.00 22.11 ? 111 LEU B CD2 1 
ATOM   806  N  N   . GLN B 1 28 ? -11.004 2.491   -12.195 1.00 13.80 ? 112 GLN B N   1 
ATOM   807  C  CA  . GLN B 1 28 ? -10.644 1.399   -13.056 1.00 15.18 ? 112 GLN B CA  1 
ATOM   808  C  C   . GLN B 1 28 ? -9.297  1.770   -13.674 1.00 14.91 ? 112 GLN B C   1 
ATOM   809  O  O   . GLN B 1 28 ? -9.180  2.818   -14.253 1.00 16.89 ? 112 GLN B O   1 
ATOM   810  C  CB  . GLN B 1 28 ? -11.702 1.269   -14.109 1.00 15.95 ? 112 GLN B CB  1 
ATOM   811  C  CG  . GLN B 1 28 ? -11.413 0.237   -15.120 1.00 17.53 ? 112 GLN B CG  1 
ATOM   812  C  CD  . GLN B 1 28 ? -12.526 0.038   -16.135 1.00 19.80 ? 112 GLN B CD  1 
ATOM   813  O  OE1 . GLN B 1 28 ? -13.578 0.649   -16.060 1.00 19.50 ? 112 GLN B OE1 1 
ATOM   814  N  NE2 . GLN B 1 28 ? -12.270 -0.854  -17.105 1.00 18.46 ? 112 GLN B NE2 1 
ATOM   815  N  N   . ILE B 1 29 ? -8.295  0.928   -13.549 1.00 16.00 ? 113 ILE B N   1 
ATOM   816  C  CA  . ILE B 1 29 ? -6.966  1.131   -14.154 1.00 17.59 ? 113 ILE B CA  1 
ATOM   817  C  C   . ILE B 1 29 ? -7.018  0.553   -15.537 1.00 22.49 ? 113 ILE B C   1 
ATOM   818  O  O   . ILE B 1 29 ? -7.243  -0.616  -15.694 1.00 19.10 ? 113 ILE B O   1 
ATOM   819  C  CB  . ILE B 1 29 ? -5.839  0.515   -13.288 1.00 18.78 ? 113 ILE B CB  1 
ATOM   820  C  CG1 . ILE B 1 29 ? -5.940  1.015   -11.849 1.00 19.54 ? 113 ILE B CG1 1 
ATOM   821  C  CG2 . ILE B 1 29 ? -4.469  0.915   -13.826 1.00 19.13 ? 113 ILE B CG2 1 
ATOM   822  C  CD1 . ILE B 1 29 ? -5.993  2.527   -11.688 1.00 17.07 ? 113 ILE B CD1 1 
ATOM   823  N  N   . VAL B 1 30 ? -6.836  1.431   -16.518 1.00 27.60 ? 114 VAL B N   1 
ATOM   824  C  CA  . VAL B 1 30 ? -6.949  1.194   -17.962 1.00 30.71 ? 114 VAL B CA  1 
ATOM   825  C  C   . VAL B 1 30 ? -5.551  0.867   -18.471 1.00 32.75 ? 114 VAL B C   1 
ATOM   826  O  O   . VAL B 1 30 ? -5.420  0.219   -19.492 1.00 29.52 ? 114 VAL B O   1 
ATOM   827  C  CB  . VAL B 1 30 ? -7.506  2.485   -18.646 1.00 37.63 ? 114 VAL B CB  1 
ATOM   828  C  CG1 . VAL B 1 30 ? -7.492  2.386   -20.168 1.00 39.06 ? 114 VAL B CG1 1 
ATOM   829  C  CG2 . VAL B 1 30 ? -8.912  2.802   -18.109 1.00 37.46 ? 114 VAL B CG2 1 
ATOM   830  N  N   . ASN B 1 31 ? -4.510  1.368   -17.785 1.00 36.95 ? 115 ASN B N   1 
ATOM   831  C  CA  . ASN B 1 31 ? -3.138  1.037   -18.082 1.00 34.49 ? 115 ASN B CA  1 
ATOM   832  C  C   . ASN B 1 31 ? -2.129  1.231   -16.931 1.00 35.09 ? 115 ASN B C   1 
ATOM   833  O  O   . ASN B 1 31 ? -2.063  2.310   -16.291 1.00 34.47 ? 115 ASN B O   1 
ATOM   834  C  CB  . ASN B 1 31 ? -2.675  1.857   -19.277 1.00 35.62 ? 115 ASN B CB  1 
ATOM   835  C  CG  . ASN B 1 31 ? -1.527  1.215   -19.970 1.00 43.01 ? 115 ASN B CG  1 
ATOM   836  O  OD1 . ASN B 1 31 ? -1.728  0.302   -20.772 1.00 53.23 ? 115 ASN B OD1 1 
ATOM   837  N  ND2 . ASN B 1 31 ? -0.316  1.649   -19.645 1.00 36.19 ? 115 ASN B ND2 1 
ATOM   838  N  N   . ASN B 1 32 ? -1.260  0.232   -16.735 1.00 35.32 ? 116 ASN B N   1 
ATOM   839  C  CA  . ASN B 1 32 ? -0.208  0.339   -15.731 1.00 39.57 ? 116 ASN B CA  1 
ATOM   840  C  C   . ASN B 1 32 ? 1.201   -0.053  -16.237 1.00 41.59 ? 116 ASN B C   1 
ATOM   841  O  O   . ASN B 1 32 ? 2.061   -0.474  -15.445 1.00 40.59 ? 116 ASN B O   1 
ATOM   842  C  CB  . ASN B 1 32 ? -0.618  -0.471  -14.502 1.00 37.03 ? 116 ASN B CB  1 
ATOM   843  C  CG  . ASN B 1 32 ? -0.734  -1.925  -14.795 1.00 42.78 ? 116 ASN B CG  1 
ATOM   844  O  OD1 . ASN B 1 32 ? -0.369  -2.380  -15.878 1.00 47.32 ? 116 ASN B OD1 1 
ATOM   845  N  ND2 . ASN B 1 32 ? -1.257  -2.675  -13.837 1.00 51.72 ? 116 ASN B ND2 1 
ATOM   846  N  N   . THR B 1 33 ? 1.425   0.064   -17.542 1.00 44.30 ? 117 THR B N   1 
ATOM   847  C  CA  . THR B 1 33 ? 2.760   -0.170  -18.124 1.00 48.30 ? 117 THR B CA  1 
ATOM   848  C  C   . THR B 1 33 ? 3.564   1.130   -18.282 1.00 56.79 ? 117 THR B C   1 
ATOM   849  O  O   . THR B 1 33 ? 4.503   1.161   -19.079 1.00 61.08 ? 117 THR B O   1 
ATOM   850  C  CB  . THR B 1 33 ? 2.682   -0.844  -19.525 1.00 48.00 ? 117 THR B CB  1 
ATOM   851  O  OG1 . THR B 1 33 ? 1.838   -0.071  -20.390 1.00 42.95 ? 117 THR B OG1 1 
ATOM   852  C  CG2 . THR B 1 33 ? 2.167   -2.261  -19.431 1.00 50.66 ? 117 THR B CG2 1 
ATOM   853  N  N   . GLU B 1 34 ? 3.239   2.109   -17.470 1.00 58.43 ? 118 GLU B N   1 
ATOM   854  C  CA  . GLU B 1 34 ? 3.844   3.368   -17.619 1.00 66.71 ? 118 GLU B CA  1 
ATOM   855  C  C   . GLU B 1 34 ? 4.780   3.747   -16.536 1.00 66.10 ? 118 GLU B C   1 
ATOM   856  O  O   . GLU B 1 34 ? 5.460   4.745   -16.670 1.00 68.63 ? 118 GLU B O   1 
ATOM   857  C  CB  . GLU B 1 34 ? 2.758   4.415   -17.763 1.00 69.95 ? 118 GLU B CB  1 
ATOM   858  C  CG  . GLU B 1 34 ? 2.742   5.087   -19.104 1.00 74.37 ? 118 GLU B CG  1 
ATOM   859  C  CD  . GLU B 1 34 ? 2.699   4.129   -20.254 1.00 73.15 ? 118 GLU B CD  1 
ATOM   860  O  OE1 . GLU B 1 34 ? 3.752   3.621   -20.683 1.00 66.93 ? 118 GLU B OE1 1 
ATOM   861  O  OE2 . GLU B 1 34 ? 1.602   3.896   -20.743 1.00 76.05 ? 118 GLU B OE2 1 
ATOM   862  N  N   . GLY B 1 35 ? 4.815   2.952   -15.470 1.00 64.56 ? 119 GLY B N   1 
ATOM   863  C  CA  . GLY B 1 35 ? 5.660   3.210   -14.314 1.00 60.62 ? 119 GLY B CA  1 
ATOM   864  C  C   . GLY B 1 35 ? 4.779   3.310   -13.085 1.00 60.07 ? 119 GLY B C   1 
ATOM   865  O  O   . GLY B 1 35 ? 3.927   2.464   -12.894 1.00 61.52 ? 119 GLY B O   1 
ATOM   866  N  N   . ASP B 1 36 ? 4.979   4.344   -12.271 1.00 47.88 ? 120 ASP B N   1 
ATOM   867  C  CA  . ASP B 1 36 ? 4.212   4.561   -11.085 1.00 47.09 ? 120 ASP B CA  1 
ATOM   868  C  C   . ASP B 1 36 ? 3.077   5.583   -11.274 1.00 37.93 ? 120 ASP B C   1 
ATOM   869  O  O   . ASP B 1 36 ? 2.510   5.982   -10.308 1.00 36.75 ? 120 ASP B O   1 
ATOM   870  C  CB  . ASP B 1 36 ? 5.076   4.998   -9.920  1.00 53.44 ? 120 ASP B CB  1 
ATOM   871  C  CG  . ASP B 1 36 ? 6.086   3.937   -9.445  1.00 59.46 ? 120 ASP B CG  1 
ATOM   872  O  OD1 . ASP B 1 36 ? 5.707   2.799   -9.105  1.00 56.76 ? 120 ASP B OD1 1 
ATOM   873  O  OD2 . ASP B 1 36 ? 7.284   4.297   -9.365  1.00 59.46 ? 120 ASP B OD2 1 
ATOM   874  N  N   . TRP B 1 37 ? 2.960   6.136   -12.448 1.00 27.73 ? 121 TRP B N   1 
ATOM   875  C  CA  . TRP B 1 37 ? 1.737   6.840   -12.869 1.00 26.93 ? 121 TRP B CA  1 
ATOM   876  C  C   . TRP B 1 37 ? 0.901   5.878   -13.714 1.00 25.78 ? 121 TRP B C   1 
ATOM   877  O  O   . TRP B 1 37 ? 1.369   5.382   -14.706 1.00 26.30 ? 121 TRP B O   1 
ATOM   878  C  CB  . TRP B 1 37 ? 2.014   8.109   -13.659 1.00 30.47 ? 121 TRP B CB  1 
ATOM   879  C  CG  . TRP B 1 37 ? 2.516   9.266   -12.811 1.00 36.35 ? 121 TRP B CG  1 
ATOM   880  C  CD1 . TRP B 1 37 ? 3.805   9.490   -12.454 1.00 39.42 ? 121 TRP B CD1 1 
ATOM   881  C  CD2 . TRP B 1 37 ? 1.743   10.344  -12.216 1.00 35.75 ? 121 TRP B CD2 1 
ATOM   882  N  NE1 . TRP B 1 37 ? 3.895   10.618  -11.682 1.00 42.90 ? 121 TRP B NE1 1 
ATOM   883  C  CE2 . TRP B 1 37 ? 2.650   11.160  -11.517 1.00 38.93 ? 121 TRP B CE2 1 
ATOM   884  C  CE3 . TRP B 1 37 ? 0.383   10.681  -12.187 1.00 33.73 ? 121 TRP B CE3 1 
ATOM   885  C  CZ2 . TRP B 1 37 ? 2.244   12.303  -10.804 1.00 39.06 ? 121 TRP B CZ2 1 
ATOM   886  C  CZ3 . TRP B 1 37 ? -0.022  11.825  -11.480 1.00 35.49 ? 121 TRP B CZ3 1 
ATOM   887  C  CH2 . TRP B 1 37 ? 0.907   12.621  -10.802 1.00 37.77 ? 121 TRP B CH2 1 
ATOM   888  N  N   . TRP B 1 38 ? -0.348  5.638   -13.308 1.00 20.70 ? 122 TRP B N   1 
ATOM   889  C  CA  . TRP B 1 38 ? -1.269  4.704   -13.966 1.00 19.08 ? 122 TRP B CA  1 
ATOM   890  C  C   . TRP B 1 38 ? -2.409  5.448   -14.649 1.00 19.62 ? 122 TRP B C   1 
ATOM   891  O  O   . TRP B 1 38 ? -2.925  6.418   -14.095 1.00 20.11 ? 122 TRP B O   1 
ATOM   892  C  CB  . TRP B 1 38 ? -1.905  3.815   -12.947 1.00 18.76 ? 122 TRP B CB  1 
ATOM   893  C  CG  . TRP B 1 38 ? -1.038  2.815   -12.275 1.00 20.28 ? 122 TRP B CG  1 
ATOM   894  C  CD1 . TRP B 1 38 ? 0.279   2.525   -12.586 1.00 21.14 ? 122 TRP B CD1 1 
ATOM   895  C  CD2 . TRP B 1 38 ? -1.417  1.889   -11.219 1.00 19.45 ? 122 TRP B CD2 1 
ATOM   896  N  NE1 . TRP B 1 38 ? 0.740   1.527   -11.778 1.00 21.38 ? 122 TRP B NE1 1 
ATOM   897  C  CE2 . TRP B 1 38 ? -0.253  1.088   -10.937 1.00 21.26 ? 122 TRP B CE2 1 
ATOM   898  C  CE3 . TRP B 1 38 ? -2.596  1.647   -10.493 1.00 20.60 ? 122 TRP B CE3 1 
ATOM   899  C  CZ2 . TRP B 1 38 ? -0.233  0.097   -9.959  1.00 21.48 ? 122 TRP B CZ2 1 
ATOM   900  C  CZ3 . TRP B 1 38 ? -2.583  0.684   -9.478  1.00 24.13 ? 122 TRP B CZ3 1 
ATOM   901  C  CH2 . TRP B 1 38 ? -1.398  -0.112  -9.237  1.00 23.65 ? 122 TRP B CH2 1 
ATOM   902  N  N   . LEU B 1 39 ? -2.833  4.985   -15.804 1.00 19.67 ? 123 LEU B N   1 
ATOM   903  C  CA  . LEU B 1 39 ? -3.950  5.600   -16.517 1.00 19.70 ? 123 LEU B CA  1 
ATOM   904  C  C   . LEU B 1 39 ? -5.245  5.000   -15.922 1.00 17.73 ? 123 LEU B C   1 
ATOM   905  O  O   . LEU B 1 39 ? -5.395  3.802   -15.871 1.00 18.98 ? 123 LEU B O   1 
ATOM   906  C  CB  . LEU B 1 39 ? -3.901  5.252   -17.991 1.00 20.94 ? 123 LEU B CB  1 
ATOM   907  C  CG  . LEU B 1 39 ? -4.996  5.941   -18.804 1.00 22.73 ? 123 LEU B CG  1 
ATOM   908  C  CD1 . LEU B 1 39 ? -4.947  7.479   -18.764 1.00 22.77 ? 123 LEU B CD1 1 
ATOM   909  C  CD2 . LEU B 1 39 ? -4.853  5.454   -20.250 1.00 25.40 ? 123 LEU B CD2 1 
ATOM   910  N  N   . ALA B 1 40 ? -6.088  5.873   -15.358 1.00 15.96 ? 124 ALA B N   1 
ATOM   911  C  CA  . ALA B 1 40 ? -7.251  5.499   -14.640 1.00 15.43 ? 124 ALA B CA  1 
ATOM   912  C  C   . ALA B 1 40 ? -8.507  6.136   -15.232 1.00 15.88 ? 124 ALA B C   1 
ATOM   913  O  O   . ALA B 1 40 ? -8.506  7.242   -15.790 1.00 15.63 ? 124 ALA B O   1 
ATOM   914  C  CB  . ALA B 1 40 ? -7.095  5.936   -13.200 1.00 15.99 ? 124 ALA B CB  1 
ATOM   915  N  N   . HIS B 1 41 ? -9.632  5.497   -14.970 1.00 14.29 ? 125 HIS B N   1 
ATOM   916  C  CA  . HIS B 1 41 ? -10.968 5.952   -15.389 1.00 14.23 ? 125 HIS B CA  1 
ATOM   917  C  C   . HIS B 1 41 ? -11.831 5.906   -14.161 1.00 15.42 ? 125 HIS B C   1 
ATOM   918  O  O   . HIS B 1 41 ? -11.926 4.855   -13.571 1.00 15.18 ? 125 HIS B O   1 
ATOM   919  C  CB  . HIS B 1 41 ? -11.532 5.055   -16.472 1.00 15.06 ? 125 HIS B CB  1 
ATOM   920  C  CG  . HIS B 1 41 ? -12.850 5.489   -16.907 1.00 16.88 ? 125 HIS B CG  1 
ATOM   921  N  ND1 . HIS B 1 41 ? -13.029 6.669   -17.599 1.00 16.70 ? 125 HIS B ND1 1 
ATOM   922  C  CD2 . HIS B 1 41 ? -14.058 4.900   -16.801 1.00 16.81 ? 125 HIS B CD2 1 
ATOM   923  C  CE1 . HIS B 1 41 ? -14.329 6.825   -17.823 1.00 17.56 ? 125 HIS B CE1 1 
ATOM   924  N  NE2 . HIS B 1 41 ? -14.963 5.749   -17.375 1.00 17.54 ? 125 HIS B NE2 1 
ATOM   925  N  N   . SER B 1 42 ? -12.473 7.009   -13.796 1.00 15.07 ? 126 SER B N   1 
ATOM   926  C  CA  . SER B 1 42 ? -13.314 7.063   -12.622 1.00 15.39 ? 126 SER B CA  1 
ATOM   927  C  C   . SER B 1 42 ? -14.703 6.452   -12.782 1.00 19.06 ? 126 SER B C   1 
ATOM   928  O  O   . SER B 1 42 ? -15.445 6.768   -13.729 1.00 20.52 ? 126 SER B O   1 
ATOM   929  C  CB  . SER B 1 42 ? -13.438 8.497   -12.144 1.00 19.46 ? 126 SER B CB  1 
ATOM   930  O  OG  . SER B 1 42 ? -14.407 8.566   -11.098 1.00 20.75 ? 126 SER B OG  1 
ATOM   931  N  N   . LEU B 1 43 ? -15.107 5.581   -11.865 1.00 18.35 ? 127 LEU B N   1 
ATOM   932  C  CA  . LEU B 1 43 ? -16.441 4.947   -11.982 1.00 20.37 ? 127 LEU B CA  1 
ATOM   933  C  C   . LEU B 1 43 ? -17.527 5.918   -11.659 1.00 26.16 ? 127 LEU B C   1 
ATOM   934  O  O   . LEU B 1 43 ? -18.635 5.755   -12.128 1.00 33.95 ? 127 LEU B O   1 
ATOM   935  C  CB  . LEU B 1 43 ? -16.562 3.731   -11.077 1.00 22.41 ? 127 LEU B CB  1 
ATOM   936  C  CG  . LEU B 1 43 ? -16.014 2.423   -11.666 1.00 23.49 ? 127 LEU B CG  1 
ATOM   937  C  CD1 . LEU B 1 43 ? -14.531 2.380   -11.918 1.00 24.33 ? 127 LEU B CD1 1 
ATOM   938  C  CD2 . LEU B 1 43 ? -16.384 1.292   -10.720 1.00 26.14 ? 127 LEU B CD2 1 
ATOM   939  N  N   . SER B 1 44 ? -17.233 6.926   -10.875 1.00 25.51 ? 128 SER B N   1 
ATOM   940  C  CA  . SER B 1 44 ? -18.275 7.915   -10.496 1.00 26.39 ? 128 SER B CA  1 
ATOM   941  C  C   . SER B 1 44 ? -18.220 9.229   -11.219 1.00 26.33 ? 128 SER B C   1 
ATOM   942  O  O   . SER B 1 44 ? -19.267 9.874   -11.363 1.00 24.76 ? 128 SER B O   1 
ATOM   943  C  CB  . SER B 1 44 ? -18.195 8.235   -9.027  1.00 29.37 ? 128 SER B CB  1 
ATOM   944  O  OG  . SER B 1 44 ? -16.880 8.465   -8.661  1.00 26.43 ? 128 SER B OG  1 
ATOM   945  N  N   . THR B 1 45 ? -17.044 9.694   -11.667 1.00 19.61 ? 129 THR B N   1 
ATOM   946  C  CA  . THR B 1 45 ? -17.027 11.011  -12.382 1.00 21.94 ? 129 THR B CA  1 
ATOM   947  C  C   . THR B 1 45 ? -16.929 10.864  -13.895 1.00 19.18 ? 129 THR B C   1 
ATOM   948  O  O   . THR B 1 45 ? -17.144 11.835  -14.601 1.00 18.27 ? 129 THR B O   1 
ATOM   949  C  CB  . THR B 1 45 ? -15.849 11.945  -12.000 1.00 21.83 ? 129 THR B CB  1 
ATOM   950  O  OG1 . THR B 1 45 ? -14.614 11.377  -12.431 1.00 18.89 ? 129 THR B OG1 1 
ATOM   951  C  CG2 . THR B 1 45 ? -15.761 12.270  -10.542 1.00 21.09 ? 129 THR B CG2 1 
ATOM   952  N  N   . GLY B 1 46 ? -16.552 9.698   -14.390 1.00 16.76 ? 130 GLY B N   1 
ATOM   953  C  CA  . GLY B 1 46 ? -16.419 9.498   -15.784 1.00 16.88 ? 130 GLY B CA  1 
ATOM   954  C  C   . GLY B 1 46 ? -15.205 10.157  -16.418 1.00 16.40 ? 130 GLY B C   1 
ATOM   955  O  O   . GLY B 1 46 ? -15.034 10.100  -17.647 1.00 17.88 ? 130 GLY B O   1 
ATOM   956  N  N   . GLN B 1 47 ? -14.325 10.744  -15.608 1.00 13.91 ? 131 GLN B N   1 
ATOM   957  C  CA  . GLN B 1 47 ? -13.112 11.323  -16.105 1.00 15.31 ? 131 GLN B CA  1 
ATOM   958  C  C   . GLN B 1 47 ? -12.000 10.279  -16.233 1.00 15.69 ? 131 GLN B C   1 
ATOM   959  O  O   . GLN B 1 47 ? -12.084 9.184   -15.616 1.00 14.53 ? 131 GLN B O   1 
ATOM   960  C  CB  . GLN B 1 47 ? -12.685 12.511  -15.219 1.00 17.53 ? 131 GLN B CB  1 
ATOM   961  C  CG  . GLN B 1 47 ? -13.805 13.562  -15.045 1.00 17.66 ? 131 GLN B CG  1 
ATOM   962  C  CD  . GLN B 1 47 ? -14.474 14.028  -16.346 1.00 15.65 ? 131 GLN B CD  1 
ATOM   963  O  OE1 . GLN B 1 47 ? -15.698 13.732  -16.566 1.00 19.40 ? 131 GLN B OE1 1 
ATOM   964  N  NE2 . GLN B 1 47 ? -13.719 14.614  -17.228 1.00 14.03 ? 131 GLN B NE2 1 
ATOM   965  N  N   . THR B 1 48 ? -10.992 10.603  -17.048 1.00 16.28 ? 132 THR B N   1 
ATOM   966  C  CA  . THR B 1 48 ? -9.889  9.702   -17.376 1.00 17.12 ? 132 THR B CA  1 
ATOM   967  C  C   . THR B 1 48 ? -8.579  10.448  -17.300 1.00 16.31 ? 132 THR B C   1 
ATOM   968  O  O   . THR B 1 48 ? -8.490  11.594  -17.799 1.00 18.72 ? 132 THR B O   1 
ATOM   969  C  CB  . THR B 1 48 ? -10.057 9.097   -18.792 1.00 18.30 ? 132 THR B CB  1 
ATOM   970  O  OG1 . THR B 1 48 ? -11.357 8.461   -18.878 1.00 19.77 ? 132 THR B OG1 1 
ATOM   971  C  CG2 . THR B 1 48 ? -8.934  8.148   -19.098 1.00 20.01 ? 132 THR B CG2 1 
ATOM   972  N  N   . GLY B 1 49 ? -7.570  9.824   -16.740 1.00 14.11 ? 133 GLY B N   1 
ATOM   973  C  CA  . GLY B 1 49 ? -6.224  10.381  -16.740 1.00 16.54 ? 133 GLY B CA  1 
ATOM   974  C  C   . GLY B 1 49 ? -5.265  9.681   -15.842 1.00 17.55 ? 133 GLY B C   1 
ATOM   975  O  O   . GLY B 1 49 ? -5.599  8.693   -15.184 1.00 17.28 ? 133 GLY B O   1 
ATOM   976  N  N   . TYR B 1 50 ? -4.042  10.206  -15.788 1.00 15.96 ? 134 TYR B N   1 
ATOM   977  C  CA  . TYR B 1 50 ? -3.052  9.592   -15.005 1.00 17.90 ? 134 TYR B CA  1 
ATOM   978  C  C   . TYR B 1 50 ? -3.146  9.922   -13.516 1.00 17.77 ? 134 TYR B C   1 
ATOM   979  O  O   . TYR B 1 50 ? -3.450  11.030  -13.140 1.00 16.87 ? 134 TYR B O   1 
ATOM   980  C  CB  . TYR B 1 50 ? -1.636  10.006  -15.506 1.00 20.41 ? 134 TYR B CB  1 
ATOM   981  C  CG  . TYR B 1 50 ? -1.310  9.262   -16.744 1.00 21.44 ? 134 TYR B CG  1 
ATOM   982  C  CD1 . TYR B 1 50 ? -0.833  7.971   -16.635 1.00 24.58 ? 134 TYR B CD1 1 
ATOM   983  C  CD2 . TYR B 1 50 ? -1.539  9.792   -17.975 1.00 27.66 ? 134 TYR B CD2 1 
ATOM   984  C  CE1 . TYR B 1 50 ? -0.535  7.220   -17.746 1.00 26.67 ? 134 TYR B CE1 1 
ATOM   985  C  CE2 . TYR B 1 50 ? -1.238  9.054   -19.125 1.00 27.83 ? 134 TYR B CE2 1 
ATOM   986  C  CZ  . TYR B 1 50 ? -0.748  7.775   -18.985 1.00 27.28 ? 134 TYR B CZ  1 
ATOM   987  O  OH  . TYR B 1 50 ? -0.445  6.995   -20.119 1.00 35.94 ? 134 TYR B OH  1 
ATOM   988  N  N   . ILE B 1 51 ? -2.879  8.905   -12.746 1.00 17.33 ? 135 ILE B N   1 
ATOM   989  C  CA  . ILE B 1 51 ? -2.942  8.998   -11.292 1.00 17.67 ? 135 ILE B CA  1 
ATOM   990  C  C   . ILE B 1 51 ? -1.657  8.480   -10.680 1.00 19.30 ? 135 ILE B C   1 
ATOM   991  O  O   . ILE B 1 51 ? -1.047  7.560   -11.209 1.00 21.72 ? 135 ILE B O   1 
ATOM   992  C  CB  . ILE B 1 51 ? -4.159  8.281   -10.685 1.00 17.23 ? 135 ILE B CB  1 
ATOM   993  C  CG1 . ILE B 1 51 ? -4.161  6.749   -10.945 1.00 19.36 ? 135 ILE B CG1 1 
ATOM   994  C  CG2 . ILE B 1 51 ? -5.429  8.845   -11.240 1.00 15.49 ? 135 ILE B CG2 1 
ATOM   995  C  CD1 . ILE B 1 51 ? -5.011  5.921   -9.996  1.00 21.59 ? 135 ILE B CD1 1 
ATOM   996  N  N   . PRO B 1 52 ? -1.261  9.040   -9.529  1.00 21.42 ? 136 PRO B N   1 
ATOM   997  C  CA  . PRO B 1 52 ? -0.099  8.426   -8.837  1.00 20.06 ? 136 PRO B CA  1 
ATOM   998  C  C   . PRO B 1 52 ? -0.493  7.067   -8.260  1.00 20.71 ? 136 PRO B C   1 
ATOM   999  O  O   . PRO B 1 52 ? -1.425  6.950   -7.512  1.00 19.60 ? 136 PRO B O   1 
ATOM   1000 C  CB  . PRO B 1 52 ? 0.226   9.412   -7.739  1.00 21.23 ? 136 PRO B CB  1 
ATOM   1001 C  CG  . PRO B 1 52 ? -1.030  10.111  -7.527  1.00 21.75 ? 136 PRO B CG  1 
ATOM   1002 C  CD  . PRO B 1 52 ? -1.940  10.031  -8.690  1.00 21.17 ? 136 PRO B CD  1 
ATOM   1003 N  N   . SER B 1 53 ? 0.196   5.984   -8.646  1.00 22.22 ? 137 SER B N   1 
ATOM   1004 C  CA  . SER B 1 53 ? -0.185  4.674   -8.213  1.00 22.39 ? 137 SER B CA  1 
ATOM   1005 C  C   . SER B 1 53 ? -0.058  4.412   -6.723  1.00 22.31 ? 137 SER B C   1 
ATOM   1006 O  O   . SER B 1 53 ? -0.781  3.615   -6.186  1.00 23.39 ? 137 SER B O   1 
ATOM   1007 C  CB  . SER B 1 53 ? 0.687   3.624   -8.963  1.00 26.81 ? 137 SER B CB  1 
ATOM   1008 O  OG  . SER B 1 53 ? 2.076   3.952   -8.828  1.00 26.15 ? 137 SER B OG  1 
ATOM   1009 N  N   . ASN B 1 54 ? 0.808   5.163   -6.025  1.00 22.53 ? 138 ASN B N   1 
ATOM   1010 C  CA  . ASN B 1 54 ? 0.859   5.093   -4.559  1.00 22.95 ? 138 ASN B CA  1 
ATOM   1011 C  C   . ASN B 1 54 ? -0.273  5.805   -3.844  1.00 22.50 ? 138 ASN B C   1 
ATOM   1012 O  O   . ASN B 1 54 ? -0.289  5.808   -2.630  1.00 22.96 ? 138 ASN B O   1 
ATOM   1013 C  CB  . ASN B 1 54 ? 2.243   5.587   -3.995  1.00 25.14 ? 138 ASN B CB  1 
ATOM   1014 C  CG  . ASN B 1 54 ? 2.632   7.032   -4.378  1.00 29.37 ? 138 ASN B CG  1 
ATOM   1015 O  OD1 . ASN B 1 54 ? 1.942   7.767   -5.070  1.00 30.46 ? 138 ASN B OD1 1 
ATOM   1016 N  ND2 . ASN B 1 54 ? 3.813   7.432   -3.942  1.00 32.79 ? 138 ASN B ND2 1 
ATOM   1017 N  N   . TYR B 1 55 ? -1.231  6.430   -4.562  1.00 20.69 ? 139 TYR B N   1 
ATOM   1018 C  CA  . TYR B 1 55 ? -2.414  6.993   -3.912  1.00 19.37 ? 139 TYR B CA  1 
ATOM   1019 C  C   . TYR B 1 55 ? -3.625  6.059   -3.836  1.00 19.37 ? 139 TYR B C   1 
ATOM   1020 O  O   . TYR B 1 55 ? -4.669  6.422   -3.321  1.00 21.22 ? 139 TYR B O   1 
ATOM   1021 C  CB  . TYR B 1 55 ? -2.810  8.293   -4.628  1.00 19.31 ? 139 TYR B CB  1 
ATOM   1022 C  CG  . TYR B 1 55 ? -2.096  9.559   -4.183  1.00 19.84 ? 139 TYR B CG  1 
ATOM   1023 C  CD1 . TYR B 1 55 ? -0.721  9.635   -4.074  1.00 20.77 ? 139 TYR B CD1 1 
ATOM   1024 C  CD2 . TYR B 1 55 ? -2.826  10.752  -3.959  1.00 21.21 ? 139 TYR B CD2 1 
ATOM   1025 C  CE1 . TYR B 1 55 ? -0.101  10.807  -3.705  1.00 21.14 ? 139 TYR B CE1 1 
ATOM   1026 C  CE2 . TYR B 1 55 ? -2.162  11.905  -3.567  1.00 19.43 ? 139 TYR B CE2 1 
ATOM   1027 C  CZ  . TYR B 1 55 ? -0.821  11.891  -3.451  1.00 21.05 ? 139 TYR B CZ  1 
ATOM   1028 O  OH  . TYR B 1 55 ? -0.185  13.062  -3.068  1.00 26.68 ? 139 TYR B OH  1 
ATOM   1029 N  N   . VAL B 1 56 ? -3.518  4.834   -4.399  1.00 19.19 ? 140 VAL B N   1 
ATOM   1030 C  CA  . VAL B 1 56 ? -4.630  3.944   -4.465  1.00 19.96 ? 140 VAL B CA  1 
ATOM   1031 C  C   . VAL B 1 56 ? -4.233  2.567   -3.897  1.00 20.11 ? 140 VAL B C   1 
ATOM   1032 O  O   . VAL B 1 56 ? -3.064  2.257   -3.827  1.00 20.28 ? 140 VAL B O   1 
ATOM   1033 C  CB  . VAL B 1 56 ? -5.106  3.783   -5.937  1.00 19.29 ? 140 VAL B CB  1 
ATOM   1034 C  CG1 . VAL B 1 56 ? -5.616  5.118   -6.507  1.00 20.31 ? 140 VAL B CG1 1 
ATOM   1035 C  CG2 . VAL B 1 56 ? -4.034  3.188   -6.823  1.00 19.88 ? 140 VAL B CG2 1 
ATOM   1036 N  N   . ALA B 1 57 ? -5.242  1.811   -3.553  1.00 21.35 ? 141 ALA B N   1 
ATOM   1037 C  CA  . ALA B 1 57 ? -5.077  0.438   -3.094  1.00 23.16 ? 141 ALA B CA  1 
ATOM   1038 C  C   . ALA B 1 57 ? -6.144  -0.403  -3.820  1.00 22.39 ? 141 ALA B C   1 
ATOM   1039 O  O   . ALA B 1 57 ? -7.204  0.101   -4.282  1.00 18.55 ? 141 ALA B O   1 
ATOM   1040 C  CB  . ALA B 1 57 ? -5.257  0.377   -1.606  1.00 24.04 ? 141 ALA B CB  1 
ATOM   1041 N  N   . PRO B 1 58 ? -5.938  -1.748  -3.851  1.00 22.83 ? 142 PRO B N   1 
ATOM   1042 C  CA  . PRO B 1 58 ? -7.003  -2.531  -4.469  1.00 20.79 ? 142 PRO B CA  1 
ATOM   1043 C  C   . PRO B 1 58 ? -8.300  -2.480  -3.743  1.00 21.03 ? 142 PRO B C   1 
ATOM   1044 O  O   . PRO B 1 58 ? -8.278  -2.367  -2.505  1.00 23.21 ? 142 PRO B O   1 
ATOM   1045 C  CB  . PRO B 1 58 ? -6.419  -3.989  -4.434  1.00 24.01 ? 142 PRO B CB  1 
ATOM   1046 C  CG  . PRO B 1 58 ? -4.937  -3.826  -4.282  1.00 21.85 ? 142 PRO B CG  1 
ATOM   1047 C  CD  . PRO B 1 58 ? -4.733  -2.547  -3.479  1.00 22.54 ? 142 PRO B CD  1 
ATOM   1048 N  N   . SER B 1 59 ? -9.441  -2.509  -4.424  1.00 22.21 ? 143 SER B N   1 
ATOM   1049 C  CA  . SER B 1 59 ? -10.714 -2.373  -3.753  1.00 26.12 ? 143 SER B CA  1 
ATOM   1050 C  C   . SER B 1 59 ? -11.120 -3.592  -2.857  1.00 34.77 ? 143 SER B C   1 
ATOM   1051 O  O   . SER B 1 59 ? -11.897 -3.440  -1.902  1.00 39.44 ? 143 SER B O   1 
ATOM   1052 C  CB  . SER B 1 59 ? -11.849 -2.205  -4.739  1.00 30.05 ? 143 SER B CB  1 
ATOM   1053 O  OG  . SER B 1 59 ? -11.747 -0.922  -5.308  1.00 28.30 ? 143 SER B OG  1 
ATOM   1054 N  N   . ASP B 1 60 ? -10.633 -4.747  -3.218  1.00 38.27 ? 144 ASP B N   1 
ATOM   1055 C  CA  . ASP B 1 60 ? -10.987 -5.927  -2.496  1.00 43.47 ? 144 ASP B CA  1 
ATOM   1056 C  C   . ASP B 1 60 ? -9.779  -6.471  -1.807  1.00 43.98 ? 144 ASP B C   1 
ATOM   1057 O  O   . ASP B 1 60 ? -8.684  -6.228  -2.247  1.00 34.62 ? 144 ASP B O   1 
ATOM   1058 C  CB  . ASP B 1 60 ? -11.364 -7.022  -3.496  1.00 48.31 ? 144 ASP B CB  1 
ATOM   1059 C  CG  . ASP B 1 60 ? -12.271 -6.564  -4.571  1.00 58.83 ? 144 ASP B CG  1 
ATOM   1060 O  OD1 . ASP B 1 60 ? -13.249 -5.854  -4.255  1.00 73.28 ? 144 ASP B OD1 1 
ATOM   1061 O  OD2 . ASP B 1 60 ? -12.038 -6.933  -5.748  1.00 56.23 ? 144 ASP B OD2 1 
ATOM   1062 N  N   . GLY B 1 61 ? -9.996  -7.098  -0.651  1.00 45.67 ? 145 GLY B N   1 
ATOM   1063 C  CA  . GLY B 1 61 ? -8.965  -7.976  -0.099  1.00 44.64 ? 145 GLY B CA  1 
ATOM   1064 C  C   . GLY B 1 61 ? -8.964  -9.303  -0.903  1.00 49.36 ? 145 GLY B C   1 
ATOM   1065 O  O   . GLY B 1 61 ? -9.476  -9.414  -2.048  1.00 51.97 ? 145 GLY B O   1 
ATOM   1066 N  N   . GLY B 1 62 ? -8.361  -10.319 -0.309  1.00 49.10 ? 146 GLY B N   1 
ATOM   1067 C  CA  . GLY B 1 62 ? -8.069  -11.547 -1.047  1.00 44.35 ? 146 GLY B CA  1 
ATOM   1068 C  C   . GLY B 1 62 ? -7.173  -11.451 -2.269  1.00 40.27 ? 146 GLY B C   1 
ATOM   1069 O  O   . GLY B 1 62 ? -7.169  -12.338 -3.099  1.00 37.47 ? 146 GLY B O   1 
ATOM   1070 N  N   . GLY B 1 63 ? -6.394  -10.383 -2.388  1.00 35.44 ? 147 GLY B N   1 
ATOM   1071 C  CA  . GLY B 1 63 ? -5.322  -10.355 -3.366  1.00 30.23 ? 147 GLY B CA  1 
ATOM   1072 C  C   . GLY B 1 63 ? -4.157  -11.173 -2.806  1.00 23.94 ? 147 GLY B C   1 
ATOM   1073 O  O   . GLY B 1 63 ? -4.077  -11.447 -1.599  1.00 24.40 ? 147 GLY B O   1 
ATOM   1074 N  N   . LEU B 1 64 ? -3.292  -11.562 -3.697  1.00 24.79 ? 148 LEU B N   1 
ATOM   1075 C  CA  . LEU B 1 64 ? -2.155  -12.345 -3.301  1.00 23.33 ? 148 LEU B CA  1 
ATOM   1076 C  C   . LEU B 1 64 ? -1.001  -11.405 -2.977  1.00 22.06 ? 148 LEU B C   1 
ATOM   1077 O  O   . LEU B 1 64 ? -0.970  -10.274 -3.456  1.00 21.48 ? 148 LEU B O   1 
ATOM   1078 C  CB  . LEU B 1 64 ? -1.834  -13.358 -4.339  1.00 23.91 ? 148 LEU B CB  1 
ATOM   1079 C  CG  . LEU B 1 64 ? -2.883  -14.497 -4.392  1.00 26.50 ? 148 LEU B CG  1 
ATOM   1080 C  CD1 . LEU B 1 64 ? -2.585  -15.254 -5.658  1.00 25.17 ? 148 LEU B CD1 1 
ATOM   1081 C  CD2 . LEU B 1 64 ? -2.871  -15.373 -3.137  1.00 27.15 ? 148 LEU B CD2 1 
ATOM   1082 N  N   . PRO B 1 65 ? -0.101  -11.838 -2.118  1.00 19.36 ? 149 PRO B N   1 
ATOM   1083 C  CA  . PRO B 1 65 ? 0.944   -10.941 -1.658  1.00 19.56 ? 149 PRO B CA  1 
ATOM   1084 C  C   . PRO B 1 65 ? 1.930   -10.610 -2.744  1.00 18.84 ? 149 PRO B C   1 
ATOM   1085 O  O   . PRO B 1 65 ? 2.208   -11.438 -3.638  1.00 17.79 ? 149 PRO B O   1 
ATOM   1086 C  CB  . PRO B 1 65 ? 1.649   -11.712 -0.522  1.00 21.09 ? 149 PRO B CB  1 
ATOM   1087 C  CG  . PRO B 1 65 ? 1.285   -13.145 -0.847  1.00 21.70 ? 149 PRO B CG  1 
ATOM   1088 C  CD  . PRO B 1 65 ? -0.081  -13.139 -1.414  1.00 19.55 ? 149 PRO B CD  1 
ATOM   1089 N  N   . PRO B 1 66 ? 2.522   -9.431  -2.599  1.00 19.15 ? 150 PRO B N   1 
ATOM   1090 C  CA  . PRO B 1 66 ? 3.593   -9.070  -3.439  1.00 20.14 ? 150 PRO B CA  1 
ATOM   1091 C  C   . PRO B 1 66 ? 4.884   -9.842  -3.157  1.00 18.91 ? 150 PRO B C   1 
ATOM   1092 O  O   . PRO B 1 66 ? 5.023   -10.508 -2.114  1.00 18.69 ? 150 PRO B O   1 
ATOM   1093 C  CB  . PRO B 1 66 ? 3.770   -7.577  -3.118  1.00 19.14 ? 150 PRO B CB  1 
ATOM   1094 C  CG  . PRO B 1 66 ? 3.447   -7.488  -1.675  1.00 18.87 ? 150 PRO B CG  1 
ATOM   1095 C  CD  . PRO B 1 66 ? 2.259   -8.422  -1.580  1.00 19.02 ? 150 PRO B CD  1 
ATOM   1096 N  N   . PRO B 1 67 ? 5.859   -9.834  -4.113  1.00 19.34 ? 151 PRO B N   1 
ATOM   1097 C  CA  . PRO B 1 67 ? 7.148   -10.415 -3.794  1.00 19.55 ? 151 PRO B CA  1 
ATOM   1098 C  C   . PRO B 1 67 ? 7.762   -9.816  -2.553  1.00 19.86 ? 151 PRO B C   1 
ATOM   1099 O  O   . PRO B 1 67 ? 7.578   -8.640  -2.288  1.00 20.25 ? 151 PRO B O   1 
ATOM   1100 C  CB  . PRO B 1 67 ? 8.031   -10.037 -5.012  1.00 22.12 ? 151 PRO B CB  1 
ATOM   1101 C  CG  . PRO B 1 67 ? 7.023   -9.747  -6.071  1.00 21.15 ? 151 PRO B CG  1 
ATOM   1102 C  CD  . PRO B 1 67 ? 5.869   -9.147  -5.418  1.00 23.07 ? 151 PRO B CD  1 
ATOM   1103 N  N   . LEU B 1 68 ? 8.516   -10.649 -1.831  1.00 20.57 ? 152 LEU B N   1 
ATOM   1104 C  CA  . LEU B 1 68 ? 9.165   -10.170 -0.633  1.00 19.32 ? 152 LEU B CA  1 
ATOM   1105 C  C   . LEU B 1 68 ? 10.293  -9.218  -1.046  1.00 19.60 ? 152 LEU B C   1 
ATOM   1106 O  O   . LEU B 1 68 ? 10.961  -9.466  -2.054  1.00 21.08 ? 152 LEU B O   1 
ATOM   1107 C  CB  . LEU B 1 68 ? 9.782   -11.323 0.121   1.00 18.86 ? 152 LEU B CB  1 
ATOM   1108 C  CG  . LEU B 1 68 ? 8.791   -12.327 0.754   1.00 17.74 ? 152 LEU B CG  1 
ATOM   1109 C  CD1 . LEU B 1 68 ? 9.391   -13.575 1.284   1.00 17.61 ? 152 LEU B CD1 1 
ATOM   1110 C  CD2 . LEU B 1 68 ? 8.036   -11.584 1.865   1.00 19.07 ? 152 LEU B CD2 1 
ATOM   1111 N  N   . PRO B 1 69 ? 10.516  -8.162  -0.259  1.00 20.60 ? 153 PRO B N   1 
ATOM   1112 C  CA  . PRO B 1 69 ? 11.696  -7.320  -0.465  1.00 19.81 ? 153 PRO B CA  1 
ATOM   1113 C  C   . PRO B 1 69 ? 12.944  -8.101  -0.224  1.00 19.54 ? 153 PRO B C   1 
ATOM   1114 O  O   . PRO B 1 69 ? 12.989  -8.949  0.691   1.00 21.55 ? 153 PRO B O   1 
ATOM   1115 C  CB  . PRO B 1 69 ? 11.549  -6.247  0.602   1.00 21.82 ? 153 PRO B CB  1 
ATOM   1116 C  CG  . PRO B 1 69 ? 10.131  -6.328  1.092   1.00 22.24 ? 153 PRO B CG  1 
ATOM   1117 C  CD  . PRO B 1 69 ? 9.737   -7.740  0.928   1.00 21.42 ? 153 PRO B CD  1 
ATOM   1118 N  N   . LEU B 1 70 ? 13.983  -7.836  -1.031  1.00 24.14 ? 154 LEU B N   1 
ATOM   1119 C  CA  . LEU B 1 70 ? 15.279  -8.543  -0.908  1.00 25.27 ? 154 LEU B CA  1 
ATOM   1120 C  C   . LEU B 1 70 ? 16.363  -7.553  -0.557  1.00 22.16 ? 154 LEU B C   1 
ATOM   1121 O  O   . LEU B 1 70 ? 16.284  -6.439  -1.007  1.00 23.63 ? 154 LEU B O   1 
ATOM   1122 C  CB  . LEU B 1 70 ? 15.666  -9.212  -2.225  1.00 26.07 ? 154 LEU B CB  1 
ATOM   1123 C  CG  . LEU B 1 70 ? 14.676  -10.282 -2.689  1.00 30.03 ? 154 LEU B CG  1 
ATOM   1124 C  CD1 . LEU B 1 70 ? 15.035  -10.729 -4.093  1.00 31.78 ? 154 LEU B CD1 1 
ATOM   1125 C  CD2 . LEU B 1 70 ? 14.595  -11.451 -1.721  1.00 31.38 ? 154 LEU B CD2 1 
ATOM   1126 N  N   . PRO B 1 71 ? 17.373  -7.948  0.212   1.00 23.35 ? 155 PRO B N   1 
ATOM   1127 C  CA  . PRO B 1 71 ? 17.531  -9.288  0.759   1.00 21.08 ? 155 PRO B CA  1 
ATOM   1128 C  C   . PRO B 1 71 ? 16.601  -9.616  1.958   1.00 21.12 ? 155 PRO B C   1 
ATOM   1129 O  O   . PRO B 1 71 ? 16.090  -8.703  2.613   1.00 23.87 ? 155 PRO B O   1 
ATOM   1130 C  CB  . PRO B 1 71 ? 18.946  -9.269  1.276   1.00 22.27 ? 155 PRO B CB  1 
ATOM   1131 C  CG  . PRO B 1 71 ? 19.174  -7.817  1.664   1.00 23.16 ? 155 PRO B CG  1 
ATOM   1132 C  CD  . PRO B 1 71 ? 18.325  -6.969  0.789   1.00 22.91 ? 155 PRO B CD  1 
ATOM   1133 N  N   . LEU B 1 72 ? 16.480  -10.895 2.247   1.00 23.56 ? 156 LEU B N   1 
ATOM   1134 C  CA  . LEU B 1 72 ? 15.811  -11.361 3.441   1.00 25.16 ? 156 LEU B CA  1 
ATOM   1135 C  C   . LEU B 1 72 ? 16.645  -10.954 4.653   1.00 25.69 ? 156 LEU B C   1 
ATOM   1136 O  O   . LEU B 1 72 ? 17.852  -10.847 4.551   1.00 25.81 ? 156 LEU B O   1 
ATOM   1137 C  CB  . LEU B 1 72 ? 15.640  -12.875 3.399   1.00 27.48 ? 156 LEU B CB  1 
ATOM   1138 C  CG  . LEU B 1 72 ? 14.832  -13.387 2.233   1.00 30.70 ? 156 LEU B CG  1 
ATOM   1139 C  CD1 . LEU B 1 72 ? 14.699  -14.891 2.266   1.00 30.89 ? 156 LEU B CD1 1 
ATOM   1140 C  CD2 . LEU B 1 72 ? 13.466  -12.737 2.147   1.00 27.60 ? 156 LEU B CD2 1 
ATOM   1141 N  N   . PRO B 1 73 ? 16.005  -10.769 5.820   1.00 25.32 ? 157 PRO B N   1 
ATOM   1142 C  CA  . PRO B 1 73 ? 16.768  -10.650 7.040   1.00 26.93 ? 157 PRO B CA  1 
ATOM   1143 C  C   . PRO B 1 73 ? 17.527  -11.930 7.330   1.00 28.15 ? 157 PRO B C   1 
ATOM   1144 O  O   . PRO B 1 73 ? 17.237  -12.999 6.730   1.00 26.57 ? 157 PRO B O   1 
ATOM   1145 C  CB  . PRO B 1 73 ? 15.715  -10.432 8.132   1.00 25.84 ? 157 PRO B CB  1 
ATOM   1146 C  CG  . PRO B 1 73 ? 14.413  -10.691 7.532   1.00 26.38 ? 157 PRO B CG  1 
ATOM   1147 C  CD  . PRO B 1 73 ? 14.550  -10.822 6.048   1.00 24.52 ? 157 PRO B CD  1 
ATOM   1148 N  N   . LEU B 1 74 ? 18.471  -11.838 8.257   1.00 29.64 ? 158 LEU B N   1 
ATOM   1149 C  CA  . LEU B 1 74 ? 19.160  -13.077 8.734   1.00 36.85 ? 158 LEU B CA  1 
ATOM   1150 C  C   . LEU B 1 74 ? 18.177  -14.045 9.447   1.00 40.00 ? 158 LEU B C   1 
ATOM   1151 O  O   . LEU B 1 74 ? 17.102  -13.619 9.983   1.00 34.25 ? 158 LEU B O   1 
ATOM   1152 C  CB  . LEU B 1 74 ? 20.318  -12.736 9.674   1.00 41.09 ? 158 LEU B CB  1 
ATOM   1153 C  CG  . LEU B 1 74 ? 21.306  -11.679 9.180   1.00 44.95 ? 158 LEU B CG  1 
ATOM   1154 C  CD1 . LEU B 1 74 ? 22.347  -11.398 10.265  1.00 45.43 ? 158 LEU B CD1 1 
ATOM   1155 C  CD2 . LEU B 1 74 ? 21.958  -12.095 7.860   1.00 48.87 ? 158 LEU B CD2 1 
ATOM   1156 O  OXT . LEU B 1 74 ? 18.435  -15.283 9.439   1.00 36.48 ? 158 LEU B OXT 1 
HETATM 1157 ZN ZN  . ZN  C 2 .  ? -0.955  9.049   17.556  1.00 17.88 ? 201 ZN  A ZN  1 
HETATM 1158 ZN ZN  . ZN  D 2 .  ? -12.294 -10.711 -11.369 1.00 15.47 ? 201 ZN  B ZN  1 
HETATM 1159 O  O   . HOH E 3 .  ? 6.268   9.172   -3.455  1.00 30.00 ? 301 HOH A O   1 
HETATM 1160 O  O   . HOH E 3 .  ? 13.829  -3.415  -0.555  1.00 50.54 ? 302 HOH A O   1 
HETATM 1161 O  O   . HOH E 3 .  ? 8.948   -16.087 18.508  1.00 38.71 ? 303 HOH A O   1 
HETATM 1162 O  O   . HOH E 3 .  ? 1.292   8.178   14.722  1.00 35.54 ? 304 HOH A O   1 
HETATM 1163 O  O   . HOH E 3 .  ? -2.913  2.810   14.844  1.00 33.64 ? 305 HOH A O   1 
HETATM 1164 O  O   . HOH E 3 .  ? -3.268  6.288   6.772   1.00 28.58 ? 306 HOH A O   1 
HETATM 1165 O  O   . HOH E 3 .  ? -5.415  -15.923 8.375   1.00 32.56 ? 307 HOH A O   1 
HETATM 1166 O  O   . HOH E 3 .  ? 17.906  -9.765  10.476  1.00 36.38 ? 308 HOH A O   1 
HETATM 1167 O  O   . HOH E 3 .  ? -2.021  -14.438 14.951  1.00 28.88 ? 309 HOH A O   1 
HETATM 1168 O  O   . HOH E 3 .  ? -6.326  -14.113 9.960   1.00 29.48 ? 310 HOH A O   1 
HETATM 1169 O  O   . HOH E 3 .  ? -5.576  -8.029  2.378   1.00 32.78 ? 311 HOH A O   1 
HETATM 1170 O  O   . HOH E 3 .  ? -3.120  -13.200 16.707  1.00 39.87 ? 312 HOH A O   1 
HETATM 1171 O  O   . HOH E 3 .  ? 1.824   14.421  2.355   1.00 30.56 ? 313 HOH A O   1 
HETATM 1172 O  O   . HOH E 3 .  ? 2.880   -12.558 15.384  1.00 18.70 ? 314 HOH A O   1 
HETATM 1173 O  O   . HOH E 3 .  ? 8.611   -10.579 22.012  1.00 16.71 ? 315 HOH A O   1 
HETATM 1174 O  O   . HOH E 3 .  ? 3.681   1.001   14.779  1.00 17.63 ? 316 HOH A O   1 
HETATM 1175 O  O   . HOH E 3 .  ? 5.429   -19.056 2.842   1.00 24.38 ? 317 HOH A O   1 
HETATM 1176 O  O   . HOH E 3 .  ? 12.113  -19.439 10.764  1.00 32.17 ? 318 HOH A O   1 
HETATM 1177 O  O   . HOH E 3 .  ? -7.589  -6.567  12.126  1.00 33.46 ? 319 HOH A O   1 
HETATM 1178 O  O   . HOH E 3 .  ? 11.336  0.847   4.701   1.00 36.29 ? 320 HOH A O   1 
HETATM 1179 O  O   . HOH E 3 .  ? -0.136  7.787   4.601   1.00 32.74 ? 321 HOH A O   1 
HETATM 1180 O  O   . HOH E 3 .  ? -5.941  -7.115  6.647   1.00 29.95 ? 322 HOH A O   1 
HETATM 1181 O  O   . HOH E 3 .  ? 15.487  -3.368  2.435   1.00 46.12 ? 323 HOH A O   1 
HETATM 1182 O  O   . HOH E 3 .  ? 13.739  -1.295  9.030   1.00 28.28 ? 324 HOH A O   1 
HETATM 1183 O  O   . HOH E 3 .  ? 6.598   1.614   18.303  1.00 16.52 ? 325 HOH A O   1 
HETATM 1184 O  O   . HOH E 3 .  ? 0.673   -5.198  -0.523  1.00 33.82 ? 326 HOH A O   1 
HETATM 1185 O  O   . HOH E 3 .  ? -3.709  -8.020  16.617  1.00 33.43 ? 327 HOH A O   1 
HETATM 1186 O  O   . HOH E 3 .  ? 12.557  -16.327 13.001  1.00 20.99 ? 328 HOH A O   1 
HETATM 1187 O  O   . HOH E 3 .  ? -4.083  5.304   21.580  1.00 29.01 ? 329 HOH A O   1 
HETATM 1188 O  O   . HOH E 3 .  ? -4.163  1.703   5.578   1.00 31.51 ? 330 HOH A O   1 
HETATM 1189 O  O   . HOH E 3 .  ? -5.922  -12.183 12.691  1.00 51.29 ? 331 HOH A O   1 
HETATM 1190 O  O   . HOH E 3 .  ? 6.142   -15.843 1.299   1.00 36.02 ? 332 HOH A O   1 
HETATM 1191 O  O   . HOH E 3 .  ? 4.711   -16.502 3.782   1.00 23.98 ? 333 HOH A O   1 
HETATM 1192 O  O   . HOH E 3 .  ? 20.140  -0.929  7.301   1.00 34.51 ? 334 HOH A O   1 
HETATM 1193 O  O   . HOH E 3 .  ? 10.334  -17.429 13.735  1.00 31.13 ? 335 HOH A O   1 
HETATM 1194 O  O   . HOH E 3 .  ? -1.902  3.569   11.779  1.00 27.21 ? 336 HOH A O   1 
HETATM 1195 O  O   . HOH E 3 .  ? 17.669  -6.576  15.453  1.00 34.90 ? 337 HOH A O   1 
HETATM 1196 O  O   . HOH E 3 .  ? 3.909   -0.373  4.319   1.00 37.09 ? 338 HOH A O   1 
HETATM 1197 O  O   . HOH E 3 .  ? 4.349   -15.332 2.080   1.00 29.44 ? 339 HOH A O   1 
HETATM 1198 O  O   . HOH E 3 .  ? -2.638  -6.249  22.745  1.00 40.37 ? 340 HOH A O   1 
HETATM 1199 O  O   . HOH E 3 .  ? 9.514   -13.607 19.103  1.00 21.37 ? 341 HOH A O   1 
HETATM 1200 O  O   . HOH E 3 .  ? 14.520  -10.399 15.334  1.00 35.81 ? 342 HOH A O   1 
HETATM 1201 O  O   . HOH E 3 .  ? 7.209   -20.623 9.728   1.00 41.98 ? 343 HOH A O   1 
HETATM 1202 O  O   . HOH E 3 .  ? 15.457  -4.570  5.445   1.00 41.66 ? 344 HOH A O   1 
HETATM 1203 O  O   . HOH E 3 .  ? 7.700   -16.206 14.244  1.00 23.45 ? 345 HOH A O   1 
HETATM 1204 O  O   . HOH E 3 .  ? -2.306  6.882   12.237  1.00 49.86 ? 346 HOH A O   1 
HETATM 1205 O  O   . HOH E 3 .  ? -7.637  -1.331  9.785   1.00 48.03 ? 347 HOH A O   1 
HETATM 1206 O  O   . HOH E 3 .  ? 5.411   -4.423  -3.113  1.00 31.09 ? 348 HOH A O   1 
HETATM 1207 O  O   . HOH E 3 .  ? 1.990   -17.600 9.687   1.00 30.12 ? 349 HOH A O   1 
HETATM 1208 O  O   . HOH E 3 .  ? 12.485  -13.445 15.644  1.00 41.83 ? 350 HOH A O   1 
HETATM 1209 O  O   . HOH E 3 .  ? -3.714  11.108  20.712  1.00 31.19 ? 351 HOH A O   1 
HETATM 1210 O  O   . HOH E 3 .  ? 1.490   -1.894  1.531   1.00 48.65 ? 352 HOH A O   1 
HETATM 1211 O  O   . HOH E 3 .  ? 2.039   0.697   4.634   1.00 42.54 ? 353 HOH A O   1 
HETATM 1212 O  O   . HOH E 3 .  ? -8.498  7.347   11.251  1.00 47.88 ? 354 HOH A O   1 
HETATM 1213 O  O   . HOH E 3 .  ? 12.662  -16.303 15.721  1.00 41.68 ? 355 HOH A O   1 
HETATM 1214 O  O   . HOH E 3 .  ? 9.436   -5.741  21.477  1.00 40.24 ? 356 HOH A O   1 
HETATM 1215 O  O   . HOH E 3 .  ? -1.041  -15.800 20.582  1.00 32.66 ? 357 HOH A O   1 
HETATM 1216 O  O   . HOH E 3 .  ? -5.903  -8.996  15.707  1.00 45.31 ? 358 HOH A O   1 
HETATM 1217 O  O   . HOH E 3 .  ? 8.142   -20.378 4.817   1.00 37.73 ? 359 HOH A O   1 
HETATM 1218 O  O   . HOH E 3 .  ? 23.635  -18.691 14.897  1.00 37.85 ? 360 HOH A O   1 
HETATM 1219 O  O   . HOH E 3 .  ? 5.752   -14.435 -2.169  1.00 36.63 ? 361 HOH A O   1 
HETATM 1220 O  O   . HOH E 3 .  ? 8.912   -15.719 -1.869  1.00 39.63 ? 362 HOH A O   1 
HETATM 1221 O  O   . HOH E 3 .  ? 9.064   -0.119  21.986  1.00 40.29 ? 363 HOH A O   1 
HETATM 1222 O  O   . HOH E 3 .  ? 4.350   3.091   13.720  1.00 39.13 ? 364 HOH A O   1 
HETATM 1223 O  O   . HOH E 3 .  ? 19.383  -14.354 15.922  1.00 54.21 ? 365 HOH A O   1 
HETATM 1224 O  O   . HOH E 3 .  ? -5.053  -6.461  -0.152  1.00 49.00 ? 366 HOH A O   1 
HETATM 1225 O  O   . HOH E 3 .  ? 9.502   -20.884 3.584   1.00 31.44 ? 367 HOH A O   1 
HETATM 1226 O  O   . HOH E 3 .  ? -4.529  -14.244 13.895  1.00 38.79 ? 368 HOH A O   1 
HETATM 1227 O  O   . HOH E 3 .  ? -9.363  -8.839  9.605   1.00 43.15 ? 369 HOH A O   1 
HETATM 1228 O  O   . HOH E 3 .  ? 16.248  -8.868  16.400  1.00 43.75 ? 370 HOH A O   1 
HETATM 1229 O  O   . HOH E 3 .  ? 0.487   2.262   2.919   1.00 29.61 ? 371 HOH A O   1 
HETATM 1230 O  O   . HOH E 3 .  ? -2.679  2.653   3.114   1.00 37.21 ? 372 HOH A O   1 
HETATM 1231 O  O   . HOH E 3 .  ? 2.448   5.515   11.064  1.00 41.70 ? 373 HOH A O   1 
HETATM 1232 O  O   . HOH E 3 .  ? 4.356   4.899   12.339  1.00 40.81 ? 374 HOH A O   1 
HETATM 1233 O  O   . HOH E 3 .  ? -3.715  0.663   2.369   1.00 45.49 ? 375 HOH A O   1 
HETATM 1234 O  O   . HOH E 3 .  ? -7.715  -4.242  8.127   1.00 39.23 ? 376 HOH A O   1 
HETATM 1235 O  O   . HOH F 3 .  ? 1.899   13.855  -2.399  1.00 41.62 ? 301 HOH B O   1 
HETATM 1236 O  O   . HOH F 3 .  ? -3.826  -0.181  -21.709 1.00 31.49 ? 302 HOH B O   1 
HETATM 1237 O  O   . HOH F 3 .  ? -12.517 11.408  -10.714 1.00 22.24 ? 303 HOH B O   1 
HETATM 1238 O  O   . HOH F 3 .  ? 5.594   -12.716 -1.271  1.00 29.65 ? 304 HOH B O   1 
HETATM 1239 O  O   . HOH F 3 .  ? -0.024  5.464   0.235   1.00 38.16 ? 305 HOH B O   1 
HETATM 1240 O  O   . HOH F 3 .  ? -2.578  19.502  -4.573  1.00 26.47 ? 306 HOH B O   1 
HETATM 1241 O  O   . HOH F 3 .  ? -2.433  -8.209  -3.564  1.00 36.62 ? 307 HOH B O   1 
HETATM 1242 O  O   . HOH F 3 .  ? 1.142   3.680   -16.644 1.00 30.00 ? 308 HOH B O   1 
HETATM 1243 O  O   . HOH F 3 .  ? -8.761  -1.615  -12.163 1.00 18.77 ? 309 HOH B O   1 
HETATM 1244 O  O   . HOH F 3 .  ? -8.581  17.938  -1.301  1.00 19.77 ? 310 HOH B O   1 
HETATM 1245 O  O   . HOH F 3 .  ? -14.870 3.617   -1.342  1.00 41.94 ? 311 HOH B O   1 
HETATM 1246 O  O   . HOH F 3 .  ? -15.472 12.046  -6.808  1.00 30.87 ? 312 HOH B O   1 
HETATM 1247 O  O   . HOH F 3 .  ? -11.326 15.618  -17.673 1.00 38.36 ? 313 HOH B O   1 
HETATM 1248 O  O   . HOH F 3 .  ? -11.184 -4.931  -7.281  1.00 40.31 ? 314 HOH B O   1 
HETATM 1249 O  O   . HOH F 3 .  ? -14.120 11.698  -0.348  1.00 28.67 ? 315 HOH B O   1 
HETATM 1250 O  O   . HOH F 3 .  ? -5.473  20.232  -14.562 1.00 42.81 ? 316 HOH B O   1 
HETATM 1251 O  O   . HOH F 3 .  ? -15.468 -0.958  -7.078  1.00 46.03 ? 317 HOH B O   1 
HETATM 1252 O  O   . HOH F 3 .  ? 1.731   -14.032 -4.141  1.00 25.45 ? 318 HOH B O   1 
HETATM 1253 O  O   . HOH F 3 .  ? -1.862  -1.775  -18.415 1.00 31.26 ? 319 HOH B O   1 
HETATM 1254 O  O   . HOH F 3 .  ? 4.838   6.088   -14.414 1.00 40.34 ? 320 HOH B O   1 
HETATM 1255 O  O   . HOH F 3 .  ? -5.891  17.006  -16.383 1.00 42.40 ? 321 HOH B O   1 
HETATM 1256 O  O   . HOH F 3 .  ? 11.670  -7.662  -3.956  1.00 37.57 ? 322 HOH B O   1 
HETATM 1257 O  O   . HOH F 3 .  ? 11.072  -11.778 -3.480  1.00 37.20 ? 323 HOH B O   1 
HETATM 1258 O  O   . HOH F 3 .  ? -9.266  8.369   7.168   1.00 34.12 ? 324 HOH B O   1 
HETATM 1259 O  O   . HOH F 3 .  ? -8.389  -4.651  -7.312  1.00 41.07 ? 325 HOH B O   1 
HETATM 1260 O  O   . HOH F 3 .  ? -6.612  6.545   3.518   1.00 30.19 ? 326 HOH B O   1 
HETATM 1261 O  O   . HOH F 3 .  ? -16.368 5.808   -7.055  1.00 36.88 ? 327 HOH B O   1 
HETATM 1262 O  O   . HOH F 3 .  ? -6.214  -7.422  -2.147  1.00 33.63 ? 328 HOH B O   1 
HETATM 1263 O  O   . HOH F 3 .  ? -8.159  -8.966  -11.610 1.00 50.57 ? 329 HOH B O   1 
HETATM 1264 O  O   . HOH F 3 .  ? -6.082  9.799   3.712   1.00 33.44 ? 330 HOH B O   1 
HETATM 1265 O  O   . HOH F 3 .  ? 17.803  -12.659 0.546   1.00 31.84 ? 331 HOH B O   1 
HETATM 1266 O  O   . HOH F 3 .  ? -0.964  1.515   -2.052  1.00 50.49 ? 332 HOH B O   1 
HETATM 1267 O  O   . HOH F 3 .  ? -6.992  14.019  -17.899 1.00 32.90 ? 333 HOH B O   1 
HETATM 1268 O  O   . HOH F 3 .  ? 3.816   -11.804 -5.972  1.00 39.94 ? 334 HOH B O   1 
HETATM 1269 O  O   . HOH F 3 .  ? -8.662  15.118  1.740   1.00 24.04 ? 335 HOH B O   1 
HETATM 1270 O  O   . HOH F 3 .  ? -17.570 2.716   -3.108  1.00 50.72 ? 336 HOH B O   1 
HETATM 1271 O  O   . HOH F 3 .  ? -9.270  15.720  -13.607 1.00 27.02 ? 337 HOH B O   1 
HETATM 1272 O  O   . HOH F 3 .  ? 8.826   -13.358 -2.818  1.00 32.54 ? 338 HOH B O   1 
HETATM 1273 O  O   . HOH F 3 .  ? 13.431  -6.040  -3.266  1.00 35.33 ? 339 HOH B O   1 
HETATM 1274 O  O   . HOH F 3 .  ? -12.230 16.887  -1.742  1.00 39.51 ? 340 HOH B O   1 
HETATM 1275 O  O   . HOH F 3 .  ? -0.419  0.730   -5.689  1.00 39.86 ? 341 HOH B O   1 
HETATM 1276 O  O   . HOH F 3 .  ? -3.141  16.725  -4.655  1.00 23.28 ? 342 HOH B O   1 
HETATM 1277 O  O   . HOH F 3 .  ? -10.204 5.164   1.065   1.00 34.69 ? 343 HOH B O   1 
HETATM 1278 O  O   . HOH F 3 .  ? -18.097 -7.887  -11.492 1.00 30.27 ? 344 HOH B O   1 
HETATM 1279 O  O   . HOH F 3 .  ? 19.526  -13.653 4.854   1.00 38.22 ? 345 HOH B O   1 
HETATM 1280 O  O   . HOH F 3 .  ? -9.582  16.720  -6.229  1.00 33.27 ? 346 HOH B O   1 
HETATM 1281 O  O   . HOH F 3 .  ? -9.255  -8.035  -6.631  1.00 37.54 ? 347 HOH B O   1 
HETATM 1282 O  O   . HOH F 3 .  ? -19.749 12.223  -16.289 1.00 33.66 ? 348 HOH B O   1 
HETATM 1283 O  O   . HOH F 3 .  ? -4.529  -14.197 -0.134  1.00 45.08 ? 349 HOH B O   1 
HETATM 1284 O  O   . HOH F 3 .  ? -9.692  18.736  -7.979  1.00 38.65 ? 350 HOH B O   1 
HETATM 1285 O  O   . HOH F 3 .  ? 1.448   -10.747 -6.731  1.00 37.21 ? 351 HOH B O   1 
HETATM 1286 O  O   . HOH F 3 .  ? -2.487  -0.700  -5.091  1.00 45.67 ? 352 HOH B O   1 
HETATM 1287 O  O   . HOH F 3 .  ? -8.982  14.655  -16.768 1.00 44.08 ? 353 HOH B O   1 
HETATM 1288 O  O   . HOH F 3 .  ? -20.163 4.789   -9.276  1.00 45.18 ? 354 HOH B O   1 
HETATM 1289 O  O   . HOH F 3 .  ? -1.932  21.118  -7.081  1.00 43.20 ? 355 HOH B O   1 
HETATM 1290 O  O   . HOH F 3 .  ? -19.755 13.411  -11.232 1.00 38.27 ? 356 HOH B O   1 
HETATM 1291 O  O   . HOH F 3 .  ? 8.055   1.207   -11.647 1.00 52.85 ? 357 HOH B O   1 
HETATM 1292 O  O   . HOH F 3 .  ? -4.412  11.113  -20.817 1.00 30.00 ? 358 HOH B O   1 
HETATM 1293 O  O   . HOH F 3 .  ? -13.018 3.534   1.131   1.00 49.42 ? 359 HOH B O   1 
HETATM 1294 O  O   . HOH F 3 .  ? 1.016   -14.559 -6.815  1.00 31.32 ? 360 HOH B O   1 
HETATM 1295 O  O   . HOH F 3 .  ? 11.300  -11.442 -6.211  1.00 46.11 ? 361 HOH B O   1 
HETATM 1296 O  O   . HOH F 3 .  ? -1.545  -2.048  -2.414  1.00 31.63 ? 362 HOH B O   1 
HETATM 1297 O  O   . HOH F 3 .  ? 17.964  -11.979 -2.081  1.00 38.24 ? 363 HOH B O   1 
HETATM 1298 O  O   . HOH F 3 .  ? 8.237   -13.751 -5.854  1.00 46.63 ? 364 HOH B O   1 
HETATM 1299 O  O   . HOH F 3 .  ? -12.385 22.583  -5.514  1.00 38.74 ? 365 HOH B O   1 
# 
